data_6CE0
#
_entry.id   6CE0
#
_cell.length_a   127.351
_cell.length_b   127.351
_cell.length_c   316.350
_cell.angle_alpha   90.00
_cell.angle_beta   90.00
_cell.angle_gamma   120.00
#
_symmetry.space_group_name_H-M   'P 63'
#
loop_
_entity.id
_entity.type
_entity.pdbx_description
1 polymer 'Envelope glycoprotein gp160'
2 polymer 'Envelope glycoprotein gp160'
3 polymer '35O22 Heavy chain'
4 polymer '35O22 Light chain'
5 polymer 'PGT124 Heavy chain'
6 polymer 'PGT124 Light chain'
7 branched 2-acetamido-2-deoxy-beta-D-glucopyranose-(1-4)-2-acetamido-2-deoxy-beta-D-glucopyranose
8 branched beta-D-mannopyranose-(1-4)-2-acetamido-2-deoxy-beta-D-glucopyranose-(1-4)-2-acetamido-2-deoxy-beta-D-glucopyranose
9 branched alpha-D-mannopyranose-(1-3)-[alpha-D-mannopyranose-(1-6)]beta-D-mannopyranose-(1-4)-2-acetamido-2-deoxy-beta-D-glucopyranose-(1-4)-2-acetamido-2-deoxy-beta-D-glucopyranose
10 branched alpha-D-mannopyranose-(1-3)-beta-D-mannopyranose-(1-4)-2-acetamido-2-deoxy-beta-D-glucopyranose-(1-4)-2-acetamido-2-deoxy-beta-D-glucopyranose
11 branched alpha-D-mannopyranose-(1-2)-alpha-D-mannopyranose-(1-3)-[alpha-D-mannopyranose-(1-3)-alpha-D-mannopyranose-(1-6)]beta-D-mannopyranose-(1-4)-2-acetamido-2-deoxy-beta-D-glucopyranose-(1-4)-2-acetamido-2-deoxy-beta-D-glucopyranose
12 non-polymer 2-acetamido-2-deoxy-beta-D-glucopyranose
#
loop_
_entity_poly.entity_id
_entity_poly.type
_entity_poly.pdbx_seq_one_letter_code
_entity_poly.pdbx_strand_id
1 'polypeptide(L)'
;AVGIGAVFLGFLGAAGSTMGAASMTLTVQARNLLSGNPDWLPDMTVWGIKQLQARVLAVERYLRDQQLLGIWGCSGKLIC
CTNVPWNSSWSNRNLSEIWDNMTWLQWDKEISNYTQIIYGLLEESQNQQEKNEQDLLALD
;
B
2 'polypeptide(L)'
;AEKLWVTVYYGVPVWKEATTTLFCASDAKAYDTEVHNVWATHACVPTDPNPQEVLLENVTEEFNMWKNSMVEQMHEDIIS
LWDQSLKPCVKLTPFCVTLNCTNYNGTNGNTTVTNNSTGDGDIKQCSFNITTEIEDKDGSKRRNESALFSKLDLEPINNS
NTSYRLIKCNTSVIKQACPKVSFEPIPIHYCAPAGFAILKCNDKRFNGTGPCKNVSTVQCTHGIKPVVSTQLLLNGSLAE
EEVVIRSENLTNNAKNIIIQLNESVVITCERPNNNTRKRVTLGPGKVLYTTGEIIGNIRKAHCNISKTNWTRTLERIVIK
LREQFKNKTIVFNQSSGGDLEIVMHVFNCGGEFFYCNTTQLFNSTYNSTWNYNSTRNTTDSIITLPCRIKQIINRWQEVG
KAMYAPPIAGQIRCQSNITGLILTRDGGGNGTNGTEVFRPAGGDMKDNWRSELYKYKVVRIEPLGIAPTKCKRRVVGGGG
GSGGGGS
;
G
3 'polypeptide(L)'
;EGQLVQSGAELKKPGASVKISCKTSGYRFNFYHINWIRQTAGRGPEWMGWISPYSGDKNLAPAFQDRVIMTTDTEVPVTS
FTSTGAAYMEIRNLKFDDTGTYFCAKGLLRDGSSTWLPYLWGQGTLLTVSSASTKGPSVFPLAPSSKSTSGGTAALGCLV
KDYFPEPVTVSWNSGALTSGVHTFPAVLQSSGLYSLSSVVTVPSSSLGTQTYICNVNHKPSNTKVDKRVEPKSCDKGLEV
LFQ
;
D
4 'polypeptide(L)'
;QSVLTQSASVSGSLGQSVTISCTGPNSVCCSHKSISWYQWPPGRAPTLIIYEDNERAPGISPRFSGYKSYWSAYLTISDL
RPEDETTYYCCSYTHNSGCVFGTGTKVSVLGQSKANPSVTLFPPSSEELQANKATLVCLISDFYPGAVTVAWKADSSPVK
AGVETTTPSKQSNNKYAASSYLSLTPEQWKSHRSYSCQVTHEGSTVEKTVAPTECS
;
E
5 'polypeptide(L)'
;QVQLQESGPGLVRPSETLSVTCIVSGGSISNYYWTWIRQSPGKGLEWIGYISDRETTTYNPSLNSRAVISRDTSKNQLSL
QLRSVTTADTAIYFCATARRGQRIYGVVSFGEFFYYYYMDVWGKGTAVTVSSASTKGPSVFPLAPSSKSTSGGTAALGCL
VKDYFPEPVTVSWNSGALTSGVHTFPAVLQSSGLYSLSSVVTVPSSSLGTQTYICNVNHKPSNTKVDKKVEPKSCD
;
H
6 'polypeptide(L)'
;SYVSPLSVALGETARISCGRQALGSRAVQWYQHKPGQAPILLIYNNQDRPSGIPERFSGTPDINFGTTATLTISGVEVGD
EADYYCHMWDSRSGFSWSFGGATRLTVLSQPKAAPSVTLFPPSSEELQANKATLVCLISDFYPGAVTVAWKADSSPVKAG
VETTTPSKQSNNKYAASSYLSLTPEQWKSHKSYSCQVTHEGSTVEKTVAPTECS
;
L
#
# COMPACT_ATOMS: atom_id res chain seq x y z
N ILE A 4 -16.47 -47.08 9.48
CA ILE A 4 -16.34 -47.17 8.03
C ILE A 4 -16.81 -45.88 7.38
N GLY A 5 -15.97 -45.31 6.51
CA GLY A 5 -16.31 -44.09 5.81
C GLY A 5 -16.00 -44.15 4.33
N ALA A 6 -17.01 -43.92 3.50
CA ALA A 6 -16.85 -43.98 2.05
C ALA A 6 -16.64 -42.60 1.42
N VAL A 7 -16.67 -41.54 2.21
CA VAL A 7 -16.48 -40.19 1.69
C VAL A 7 -14.98 -39.94 1.54
N PHE A 8 -14.58 -39.47 0.36
CA PHE A 8 -13.20 -39.11 0.09
C PHE A 8 -13.03 -37.60 0.23
N LEU A 9 -12.05 -37.18 1.02
CA LEU A 9 -11.79 -35.77 1.28
C LEU A 9 -10.57 -35.23 0.58
N GLY A 10 -9.71 -36.09 0.03
CA GLY A 10 -8.48 -35.68 -0.60
C GLY A 10 -7.28 -35.99 0.28
N PHE A 11 -6.12 -35.52 -0.19
CA PHE A 11 -4.87 -35.75 0.52
C PHE A 11 -4.88 -34.99 1.84
N LEU A 12 -4.52 -35.67 2.92
CA LEU A 12 -4.50 -35.15 4.29
C LEU A 12 -5.86 -34.65 4.75
N GLY A 13 -6.94 -35.03 4.06
CA GLY A 13 -8.26 -34.54 4.45
C GLY A 13 -8.72 -35.11 5.79
N ALA A 14 -8.17 -36.25 6.18
CA ALA A 14 -8.53 -36.89 7.44
C ALA A 14 -7.46 -36.68 8.52
N ALA A 15 -6.78 -35.53 8.49
CA ALA A 15 -5.78 -35.25 9.52
C ALA A 15 -6.44 -34.83 10.83
N GLY A 16 -7.50 -34.02 10.76
CA GLY A 16 -8.17 -33.57 11.96
C GLY A 16 -9.13 -34.57 12.56
N SER A 17 -9.54 -35.58 11.81
CA SER A 17 -10.49 -36.56 12.30
C SER A 17 -9.80 -37.53 13.26
N THR A 18 -10.58 -38.45 13.82
CA THR A 18 -10.05 -39.43 14.75
C THR A 18 -9.12 -40.41 14.02
N MET A 19 -8.31 -41.12 14.79
CA MET A 19 -7.39 -42.10 14.22
C MET A 19 -8.15 -43.20 13.50
N GLY A 20 -9.27 -43.65 14.06
CA GLY A 20 -10.07 -44.68 13.42
C GLY A 20 -10.68 -44.20 12.11
N ALA A 21 -11.24 -42.99 12.11
CA ALA A 21 -11.80 -42.42 10.88
C ALA A 21 -10.73 -42.18 9.82
N ALA A 22 -9.46 -42.10 10.22
CA ALA A 22 -8.37 -41.92 9.28
C ALA A 22 -7.63 -43.21 8.95
N SER A 23 -7.74 -44.23 9.79
CA SER A 23 -7.06 -45.50 9.53
C SER A 23 -7.63 -46.25 8.33
N MET A 24 -8.81 -45.84 7.83
CA MET A 24 -9.45 -46.51 6.71
C MET A 24 -9.14 -45.84 5.37
N THR A 25 -8.63 -44.62 5.37
CA THR A 25 -8.33 -43.89 4.14
C THR A 25 -6.82 -43.76 3.89
N LEU A 26 -6.06 -44.80 4.26
CA LEU A 26 -4.61 -44.73 4.09
C LEU A 26 -4.18 -44.86 2.64
N THR A 27 -5.07 -45.31 1.75
CA THR A 27 -4.74 -45.36 0.34
C THR A 27 -4.66 -43.98 -0.29
N VAL A 28 -5.23 -42.96 0.36
CA VAL A 28 -5.17 -41.61 -0.19
C VAL A 28 -3.80 -40.99 0.04
N GLN A 29 -3.24 -41.15 1.24
CA GLN A 29 -1.91 -40.63 1.53
C GLN A 29 -0.79 -41.51 1.00
N ALA A 30 -1.11 -42.67 0.43
CA ALA A 30 -0.09 -43.55 -0.11
C ALA A 30 0.15 -43.34 -1.60
N ARG A 31 -0.86 -42.89 -2.34
CA ARG A 31 -0.69 -42.66 -3.77
C ARG A 31 0.09 -41.38 -4.04
N ASN A 32 -0.27 -40.29 -3.37
CA ASN A 32 0.41 -39.02 -3.55
C ASN A 32 1.75 -38.94 -2.85
N LEU A 33 2.03 -39.87 -1.93
CA LEU A 33 3.32 -39.86 -1.24
C LEU A 33 4.47 -40.15 -2.19
N LEU A 34 4.26 -41.05 -3.13
CA LEU A 34 5.28 -41.45 -4.10
C LEU A 34 5.18 -40.71 -5.42
N SER A 35 3.96 -40.53 -5.93
CA SER A 35 3.76 -39.90 -7.24
C SER A 35 3.80 -38.38 -7.07
N GLY A 36 4.83 -37.75 -7.61
CA GLY A 36 4.97 -36.31 -7.63
C GLY A 36 6.03 -35.92 -8.64
N ASN A 37 5.76 -36.21 -9.90
CA ASN A 37 6.76 -36.17 -10.95
C ASN A 37 6.51 -35.01 -11.90
N PRO A 38 7.52 -34.18 -12.16
CA PRO A 38 7.42 -33.25 -13.29
C PRO A 38 7.77 -33.98 -14.58
N ASP A 39 6.73 -34.31 -15.37
CA ASP A 39 6.88 -35.29 -16.44
C ASP A 39 7.88 -34.81 -17.49
N TRP A 40 7.65 -33.64 -18.06
CA TRP A 40 8.47 -33.17 -19.17
C TRP A 40 8.81 -31.71 -18.97
N LEU A 41 9.57 -31.17 -19.92
CA LEU A 41 9.99 -29.78 -19.97
C LEU A 41 10.79 -29.36 -18.72
N PRO A 42 11.97 -29.99 -18.43
CA PRO A 42 12.81 -29.45 -17.36
C PRO A 42 14.26 -29.23 -17.76
N ASP A 43 14.76 -28.02 -17.55
CA ASP A 43 16.19 -27.71 -17.70
C ASP A 43 16.76 -27.37 -16.34
N MET A 44 17.87 -27.99 -15.97
CA MET A 44 18.44 -27.84 -14.64
C MET A 44 19.57 -26.80 -14.69
N THR A 45 19.34 -25.65 -14.06
CA THR A 45 20.32 -24.57 -13.92
C THR A 45 20.10 -23.97 -12.53
N VAL A 46 20.76 -24.56 -11.53
CA VAL A 46 20.52 -24.25 -10.12
C VAL A 46 19.06 -24.58 -9.82
N TRP A 47 18.58 -25.69 -10.38
CA TRP A 47 17.21 -26.13 -10.14
C TRP A 47 17.14 -27.66 -10.05
N GLY A 48 17.45 -28.34 -11.16
CA GLY A 48 17.36 -29.79 -11.17
C GLY A 48 18.34 -30.47 -10.25
N ILE A 49 19.53 -29.88 -10.05
CA ILE A 49 20.43 -30.36 -9.02
C ILE A 49 19.69 -30.42 -7.68
N LYS A 50 18.95 -29.36 -7.37
CA LYS A 50 18.09 -29.35 -6.19
C LYS A 50 16.81 -30.15 -6.41
N GLN A 51 16.29 -30.17 -7.65
CA GLN A 51 15.04 -30.86 -7.91
C GLN A 51 15.23 -32.37 -7.95
N LEU A 52 16.28 -32.83 -8.64
CA LEU A 52 16.50 -34.28 -8.76
C LEU A 52 16.87 -34.90 -7.42
N GLN A 53 17.64 -34.16 -6.60
CA GLN A 53 17.95 -34.66 -5.26
C GLN A 53 16.71 -34.75 -4.39
N ALA A 54 15.78 -33.80 -4.55
CA ALA A 54 14.53 -33.86 -3.80
C ALA A 54 13.67 -35.04 -4.25
N ARG A 55 13.74 -35.41 -5.52
CA ARG A 55 13.00 -36.58 -6.00
C ARG A 55 13.67 -37.88 -5.56
N VAL A 56 14.99 -37.90 -5.47
CA VAL A 56 15.68 -39.09 -4.98
C VAL A 56 15.59 -39.19 -3.47
N LEU A 57 15.67 -38.06 -2.76
CA LEU A 57 15.49 -38.08 -1.31
C LEU A 57 14.10 -38.56 -0.94
N ALA A 58 13.11 -38.36 -1.83
CA ALA A 58 11.77 -38.88 -1.57
C ALA A 58 11.75 -40.40 -1.69
N VAL A 59 12.34 -40.95 -2.75
CA VAL A 59 12.36 -42.40 -2.91
C VAL A 59 13.37 -43.06 -1.99
N GLU A 60 14.37 -42.33 -1.50
CA GLU A 60 15.29 -42.89 -0.51
C GLU A 60 14.60 -43.05 0.83
N ARG A 61 13.80 -42.05 1.24
CA ARG A 61 13.01 -42.18 2.45
C ARG A 61 11.81 -43.11 2.24
N TYR A 62 11.28 -43.15 1.01
CA TYR A 62 10.22 -44.10 0.70
C TYR A 62 10.70 -45.53 0.85
N LEU A 63 11.81 -45.87 0.17
CA LEU A 63 12.40 -47.19 0.32
C LEU A 63 12.93 -47.42 1.72
N ARG A 64 13.24 -46.35 2.45
CA ARG A 64 13.57 -46.50 3.87
C ARG A 64 12.35 -46.96 4.67
N ASP A 65 11.18 -46.41 4.36
CA ASP A 65 9.96 -46.85 5.03
C ASP A 65 9.56 -48.25 4.60
N GLN A 66 9.77 -48.57 3.31
CA GLN A 66 9.49 -49.93 2.85
C GLN A 66 10.53 -50.91 3.37
N GLN A 67 11.74 -50.44 3.65
CA GLN A 67 12.73 -51.30 4.30
C GLN A 67 12.29 -51.65 5.72
N LEU A 68 11.75 -50.68 6.45
CA LEU A 68 11.20 -50.95 7.78
C LEU A 68 10.03 -51.91 7.68
N LEU A 69 9.08 -51.63 6.78
CA LEU A 69 7.98 -52.56 6.56
C LEU A 69 8.45 -53.89 6.00
N GLY A 70 9.62 -53.93 5.36
CA GLY A 70 10.17 -55.19 4.92
C GLY A 70 10.68 -56.04 6.06
N ILE A 71 11.45 -55.42 6.97
CA ILE A 71 11.95 -56.15 8.15
C ILE A 71 10.89 -56.30 9.22
N TRP A 72 9.71 -55.71 9.05
CA TRP A 72 8.59 -55.92 9.95
C TRP A 72 7.55 -56.87 9.37
N GLY A 73 7.79 -57.42 8.19
CA GLY A 73 6.88 -58.39 7.61
C GLY A 73 5.59 -57.81 7.09
N CYS A 74 5.58 -56.55 6.67
CA CYS A 74 4.39 -55.89 6.15
C CYS A 74 4.74 -55.10 4.89
N SER A 75 5.42 -55.75 3.96
CA SER A 75 5.89 -55.06 2.76
C SER A 75 4.74 -54.71 1.83
N GLY A 76 3.75 -55.59 1.71
CA GLY A 76 2.66 -55.40 0.78
C GLY A 76 1.34 -54.98 1.38
N LYS A 77 1.27 -54.74 2.68
CA LYS A 77 0.03 -54.37 3.35
C LYS A 77 0.17 -53.03 4.06
N LEU A 78 -0.88 -52.23 3.99
CA LEU A 78 -0.93 -51.00 4.78
C LEU A 78 -1.30 -51.29 6.23
N ILE A 79 -2.22 -52.24 6.45
CA ILE A 79 -2.68 -52.63 7.77
C ILE A 79 -2.16 -54.03 8.05
N CYS A 80 -1.44 -54.19 9.16
CA CYS A 80 -0.95 -55.50 9.56
C CYS A 80 -0.81 -55.53 11.08
N CYS A 81 -1.04 -56.71 11.64
CA CYS A 81 -0.94 -56.95 13.07
C CYS A 81 0.31 -57.77 13.36
N THR A 82 0.81 -57.64 14.58
CA THR A 82 2.11 -58.17 14.96
C THR A 82 1.99 -59.12 16.16
N ASN A 83 3.14 -59.48 16.72
CA ASN A 83 3.23 -60.29 17.93
C ASN A 83 3.76 -59.51 19.11
N VAL A 84 4.16 -58.25 18.93
CA VAL A 84 4.73 -57.45 19.99
C VAL A 84 3.63 -56.98 20.92
N PRO A 85 3.68 -57.30 22.21
CA PRO A 85 2.66 -56.80 23.14
C PRO A 85 2.84 -55.31 23.40
N TRP A 86 1.77 -54.68 23.86
CA TRP A 86 1.76 -53.25 24.13
C TRP A 86 2.21 -53.00 25.57
N ASN A 87 3.33 -52.29 25.73
CA ASN A 87 3.83 -51.94 27.03
C ASN A 87 3.06 -50.74 27.57
N SER A 88 2.59 -50.85 28.82
CA SER A 88 1.78 -49.79 29.42
C SER A 88 2.60 -48.52 29.66
N SER A 89 3.93 -48.64 29.75
CA SER A 89 4.76 -47.45 29.92
C SER A 89 4.75 -46.56 28.69
N TRP A 90 4.38 -47.10 27.53
CA TRP A 90 4.32 -46.30 26.31
C TRP A 90 3.15 -45.32 26.36
N SER A 91 1.94 -45.84 26.54
CA SER A 91 0.77 -45.02 26.77
C SER A 91 -0.22 -45.81 27.62
N ASN A 92 -0.84 -45.13 28.58
CA ASN A 92 -1.76 -45.77 29.51
C ASN A 92 -3.22 -45.53 29.13
N ARG A 93 -3.49 -45.37 27.85
CA ARG A 93 -4.85 -45.14 27.37
C ARG A 93 -5.46 -46.44 26.87
N ASN A 94 -6.78 -46.53 26.98
CA ASN A 94 -7.51 -47.74 26.58
C ASN A 94 -7.72 -47.74 25.07
N LEU A 95 -8.56 -48.67 24.59
CA LEU A 95 -8.77 -48.81 23.15
C LEU A 95 -9.68 -47.73 22.61
N SER A 96 -10.79 -47.46 23.30
CA SER A 96 -11.73 -46.44 22.84
C SER A 96 -11.16 -45.03 23.02
N GLU A 97 -10.18 -44.85 23.90
CA GLU A 97 -9.58 -43.54 24.11
C GLU A 97 -8.61 -43.16 23.01
N ILE A 98 -8.14 -44.12 22.22
CA ILE A 98 -7.14 -43.87 21.20
C ILE A 98 -7.75 -43.73 19.81
N TRP A 99 -8.72 -44.59 19.48
CA TRP A 99 -9.27 -44.66 18.13
C TRP A 99 -10.57 -43.86 17.96
N ASP A 100 -11.07 -43.23 19.03
CA ASP A 100 -12.31 -42.47 18.94
C ASP A 100 -12.18 -41.10 19.58
N ASN A 101 -11.00 -40.71 20.04
CA ASN A 101 -10.77 -39.43 20.70
C ASN A 101 -9.54 -38.68 20.21
N MET A 102 -8.44 -39.36 19.85
CA MET A 102 -7.21 -38.71 19.43
C MET A 102 -7.06 -38.75 17.91
N THR A 103 -6.17 -37.88 17.42
CA THR A 103 -5.80 -37.85 16.01
C THR A 103 -4.41 -38.46 15.84
N TRP A 104 -4.10 -38.88 14.61
CA TRP A 104 -2.80 -39.46 14.33
C TRP A 104 -1.68 -38.45 14.56
N LEU A 105 -1.96 -37.16 14.39
CA LEU A 105 -0.95 -36.14 14.61
C LEU A 105 -0.55 -36.08 16.09
N GLN A 106 -1.54 -35.92 16.99
CA GLN A 106 -1.25 -35.83 18.41
C GLN A 106 -0.87 -37.19 19.01
N TRP A 107 -1.28 -38.29 18.37
CA TRP A 107 -0.85 -39.60 18.86
C TRP A 107 0.64 -39.79 18.63
N ASP A 108 1.15 -39.36 17.47
CA ASP A 108 2.58 -39.48 17.19
C ASP A 108 3.41 -38.66 18.15
N LYS A 109 2.86 -37.55 18.65
CA LYS A 109 3.60 -36.73 19.61
C LYS A 109 3.70 -37.40 20.97
N GLU A 110 2.70 -38.21 21.33
CA GLU A 110 2.74 -38.87 22.63
C GLU A 110 3.68 -40.07 22.64
N ILE A 111 3.78 -40.79 21.53
CA ILE A 111 4.57 -42.02 21.49
C ILE A 111 5.89 -41.71 20.82
N SER A 112 6.13 -40.42 20.59
CA SER A 112 7.35 -40.02 19.91
C SER A 112 8.59 -40.44 20.69
N ASN A 113 8.48 -40.47 22.02
CA ASN A 113 9.63 -40.81 22.85
C ASN A 113 10.05 -42.27 22.68
N TYR A 114 9.11 -43.14 22.33
CA TYR A 114 9.38 -44.58 22.27
C TYR A 114 9.29 -45.14 20.86
N THR A 115 9.25 -44.28 19.84
CA THR A 115 9.16 -44.77 18.47
C THR A 115 10.37 -45.63 18.11
N GLN A 116 11.57 -45.20 18.52
CA GLN A 116 12.77 -45.99 18.24
C GLN A 116 12.80 -47.29 19.04
N ILE A 117 12.24 -47.28 20.25
CA ILE A 117 12.21 -48.48 21.07
C ILE A 117 11.28 -49.52 20.47
N ILE A 118 10.10 -49.10 20.01
CA ILE A 118 9.16 -50.02 19.39
C ILE A 118 9.72 -50.54 18.07
N TYR A 119 10.41 -49.68 17.32
CA TYR A 119 11.00 -50.12 16.06
C TYR A 119 12.06 -51.19 16.29
N GLY A 120 12.76 -51.14 17.42
CA GLY A 120 13.74 -52.17 17.71
C GLY A 120 13.09 -53.50 18.03
N LEU A 121 12.03 -53.50 18.83
CA LEU A 121 11.31 -54.73 19.15
C LEU A 121 10.50 -55.24 17.96
N LEU A 122 10.13 -54.37 17.02
CA LEU A 122 9.33 -54.81 15.89
C LEU A 122 10.14 -55.63 14.89
N GLU A 123 11.44 -55.39 14.80
CA GLU A 123 12.31 -56.12 13.89
C GLU A 123 13.12 -57.20 14.59
N GLU A 124 12.86 -57.45 15.87
CA GLU A 124 13.63 -58.42 16.62
C GLU A 124 12.73 -59.41 17.37
N SER A 125 11.75 -58.90 18.11
CA SER A 125 10.96 -59.75 18.99
C SER A 125 10.11 -60.73 18.20
N GLN A 126 9.59 -60.30 17.05
CA GLN A 126 8.71 -61.12 16.24
C GLN A 126 9.38 -61.55 14.93
N ASN A 127 9.51 -60.66 13.94
CA ASN A 127 9.97 -61.08 12.61
C ASN A 127 11.32 -61.76 12.67
N GLN A 128 12.24 -61.26 13.50
CA GLN A 128 13.53 -61.92 13.64
C GLN A 128 13.41 -63.25 14.39
N GLN A 129 12.34 -63.44 15.16
CA GLN A 129 12.14 -64.68 15.90
C GLN A 129 11.01 -65.54 15.36
N GLU A 130 10.02 -64.94 14.70
CA GLU A 130 8.97 -65.73 14.07
C GLU A 130 9.48 -66.43 12.83
N LYS A 131 10.46 -65.84 12.13
CA LYS A 131 11.10 -66.53 11.02
C LYS A 131 11.90 -67.74 11.48
N ASN A 132 12.29 -67.79 12.76
CA ASN A 132 12.93 -68.98 13.28
C ASN A 132 11.94 -70.14 13.38
N GLU A 133 10.78 -69.89 13.99
CA GLU A 133 9.75 -70.92 14.08
C GLU A 133 9.06 -71.16 12.73
N GLN A 134 9.05 -70.16 11.84
CA GLN A 134 8.57 -70.38 10.48
C GLN A 134 9.46 -71.36 9.74
N ASP A 135 10.77 -71.32 10.01
CA ASP A 135 11.66 -72.33 9.45
C ASP A 135 11.48 -73.68 10.11
N LEU A 136 10.96 -73.69 11.34
CA LEU A 136 10.74 -74.93 12.08
C LEU A 136 9.38 -75.54 11.81
N LEU A 137 8.38 -74.74 11.45
CA LEU A 137 7.07 -75.29 11.14
C LEU A 137 7.05 -75.97 9.78
N ALA A 138 7.67 -75.34 8.77
CA ALA A 138 7.85 -75.95 7.47
C ALA A 138 9.14 -76.77 7.39
N LEU A 139 9.72 -77.11 8.53
CA LEU A 139 10.98 -77.86 8.54
C LEU A 139 10.75 -79.32 8.16
N ASP A 140 9.90 -80.01 8.92
CA ASP A 140 9.65 -81.44 8.72
C ASP A 140 9.17 -81.75 7.31
N GLU B 2 -8.35 -57.59 25.87
CA GLU B 2 -7.44 -56.93 26.79
C GLU B 2 -6.00 -57.10 26.36
N LYS B 3 -5.79 -57.85 25.27
CA LYS B 3 -4.45 -58.07 24.71
C LYS B 3 -4.25 -57.08 23.56
N LEU B 4 -3.39 -56.10 23.78
CA LEU B 4 -3.11 -55.07 22.79
C LEU B 4 -1.81 -55.38 22.07
N TRP B 5 -1.89 -55.43 20.73
CA TRP B 5 -0.73 -55.68 19.89
C TRP B 5 -0.52 -54.48 18.97
N VAL B 6 0.74 -54.15 18.72
CA VAL B 6 1.03 -53.01 17.84
C VAL B 6 0.66 -53.38 16.41
N THR B 7 0.25 -52.38 15.64
CA THR B 7 -0.19 -52.57 14.27
C THR B 7 0.34 -51.43 13.42
N VAL B 8 0.94 -51.78 12.28
CA VAL B 8 1.57 -50.80 11.41
C VAL B 8 0.52 -50.17 10.51
N TYR B 9 0.65 -48.87 10.25
CA TYR B 9 -0.24 -48.14 9.38
C TYR B 9 0.60 -47.28 8.44
N TYR B 10 0.41 -47.47 7.14
CA TYR B 10 1.18 -46.76 6.12
C TYR B 10 0.27 -45.77 5.41
N GLY B 11 0.55 -44.48 5.58
CA GLY B 11 -0.25 -43.44 4.97
C GLY B 11 -1.02 -42.62 5.98
N VAL B 12 -0.47 -42.46 7.18
CA VAL B 12 -1.14 -41.73 8.25
C VAL B 12 -0.91 -40.24 8.04
N PRO B 13 -1.94 -39.40 8.24
CA PRO B 13 -1.74 -37.95 8.13
C PRO B 13 -0.84 -37.40 9.22
N VAL B 14 0.47 -37.53 9.05
CA VAL B 14 1.46 -37.03 9.98
C VAL B 14 2.55 -36.32 9.20
N TRP B 15 2.84 -35.07 9.57
CA TRP B 15 3.88 -34.29 8.92
C TRP B 15 4.77 -33.64 9.95
N LYS B 16 5.98 -33.28 9.51
CA LYS B 16 6.95 -32.59 10.35
C LYS B 16 7.59 -31.47 9.55
N GLU B 17 7.98 -30.40 10.25
CA GLU B 17 8.64 -29.28 9.60
C GLU B 17 10.00 -29.68 9.06
N ALA B 18 10.34 -29.16 7.90
CA ALA B 18 11.66 -29.37 7.31
C ALA B 18 11.80 -28.43 6.12
N THR B 19 13.01 -28.39 5.56
CA THR B 19 13.35 -27.57 4.42
C THR B 19 13.82 -28.46 3.28
N THR B 20 13.22 -28.29 2.11
CA THR B 20 13.59 -29.04 0.92
C THR B 20 13.75 -28.08 -0.25
N THR B 21 14.00 -28.66 -1.42
CA THR B 21 14.30 -27.90 -2.63
C THR B 21 13.09 -27.94 -3.56
N LEU B 22 12.44 -26.79 -3.71
CA LEU B 22 11.21 -26.68 -4.49
C LEU B 22 11.58 -26.54 -5.97
N PHE B 23 10.59 -26.20 -6.80
CA PHE B 23 10.83 -26.12 -8.25
C PHE B 23 9.86 -25.12 -8.87
N CYS B 24 10.21 -24.68 -10.09
CA CYS B 24 9.43 -23.69 -10.81
C CYS B 24 8.11 -24.27 -11.30
N ALA B 25 7.09 -23.42 -11.34
CA ALA B 25 5.82 -23.76 -11.97
C ALA B 25 5.23 -22.51 -12.61
N SER B 26 4.85 -22.63 -13.89
CA SER B 26 4.34 -21.49 -14.64
C SER B 26 3.57 -21.99 -15.83
N ASP B 27 2.68 -21.14 -16.33
CA ASP B 27 1.94 -21.44 -17.56
C ASP B 27 2.87 -21.40 -18.76
N ALA B 28 2.52 -22.15 -19.79
CA ALA B 28 3.35 -22.29 -20.98
C ALA B 28 2.84 -21.34 -22.06
N LYS B 29 3.23 -20.08 -21.93
CA LYS B 29 2.94 -19.08 -22.96
C LYS B 29 3.94 -19.24 -24.10
N ALA B 30 3.44 -19.44 -25.31
CA ALA B 30 4.31 -19.67 -26.46
C ALA B 30 5.27 -18.51 -26.66
N TYR B 31 4.72 -17.30 -26.83
CA TYR B 31 5.51 -16.09 -27.07
C TYR B 31 6.50 -16.30 -28.21
N ASP B 32 5.94 -16.42 -29.41
CA ASP B 32 6.79 -16.58 -30.59
C ASP B 32 7.50 -15.29 -30.97
N THR B 33 6.85 -14.15 -30.74
CA THR B 33 7.45 -12.87 -31.09
C THR B 33 8.58 -12.50 -30.13
N GLU B 34 8.39 -12.76 -28.84
CA GLU B 34 9.40 -12.51 -27.82
C GLU B 34 10.10 -13.82 -27.49
N VAL B 35 11.38 -13.91 -27.87
CA VAL B 35 12.12 -15.17 -27.79
C VAL B 35 12.43 -15.54 -26.35
N HIS B 36 11.53 -16.29 -25.72
CA HIS B 36 11.78 -16.96 -24.44
C HIS B 36 12.29 -16.03 -23.36
N ASN B 37 11.40 -15.24 -22.76
CA ASN B 37 11.81 -14.40 -21.65
C ASN B 37 12.20 -15.27 -20.46
N VAL B 38 13.19 -14.80 -19.70
CA VAL B 38 13.87 -15.66 -18.72
C VAL B 38 12.92 -16.13 -17.62
N TRP B 39 11.82 -15.41 -17.38
CA TRP B 39 10.88 -15.86 -16.36
C TRP B 39 9.84 -16.83 -16.90
N ALA B 40 9.49 -16.73 -18.18
CA ALA B 40 8.66 -17.76 -18.80
C ALA B 40 9.49 -18.96 -19.23
N THR B 41 10.79 -18.74 -19.48
CA THR B 41 11.75 -19.78 -19.85
C THR B 41 11.39 -20.48 -21.15
N HIS B 42 12.29 -21.32 -21.64
CA HIS B 42 11.95 -22.19 -22.77
C HIS B 42 10.83 -23.15 -22.37
N ALA B 43 11.01 -23.84 -21.25
CA ALA B 43 10.08 -24.87 -20.82
C ALA B 43 10.38 -25.29 -19.38
N CYS B 44 9.77 -24.61 -18.40
CA CYS B 44 9.98 -24.94 -17.00
C CYS B 44 9.08 -26.10 -16.54
N VAL B 45 7.77 -26.00 -16.78
CA VAL B 45 6.82 -27.10 -16.60
C VAL B 45 5.59 -26.84 -17.45
N PRO B 46 4.74 -27.84 -17.66
CA PRO B 46 3.35 -27.57 -18.03
C PRO B 46 2.46 -27.57 -16.79
N THR B 47 2.00 -26.41 -16.36
CA THR B 47 1.22 -26.32 -15.14
C THR B 47 -0.05 -27.15 -15.24
N ASP B 48 -0.47 -27.72 -14.10
CA ASP B 48 -1.64 -28.57 -14.07
C ASP B 48 -2.87 -27.78 -14.53
N PRO B 49 -3.72 -28.38 -15.37
CA PRO B 49 -4.88 -27.64 -15.87
C PRO B 49 -5.81 -27.15 -14.78
N ASN B 50 -5.96 -27.91 -13.70
CA ASN B 50 -6.82 -27.54 -12.58
C ASN B 50 -5.99 -27.40 -11.32
N PRO B 51 -5.89 -26.22 -10.72
CA PRO B 51 -5.23 -26.10 -9.42
C PRO B 51 -6.03 -26.82 -8.35
N GLN B 52 -5.33 -27.57 -7.50
CA GLN B 52 -5.99 -28.44 -6.53
C GLN B 52 -5.58 -28.04 -5.11
N GLU B 53 -6.57 -27.68 -4.30
CA GLU B 53 -6.39 -27.35 -2.90
C GLU B 53 -7.36 -28.19 -2.06
N VAL B 54 -6.93 -28.57 -0.87
CA VAL B 54 -7.72 -29.40 0.03
C VAL B 54 -7.72 -28.74 1.41
N LEU B 55 -8.90 -28.31 1.86
CA LEU B 55 -9.04 -27.80 3.22
C LEU B 55 -8.84 -28.94 4.21
N LEU B 56 -7.94 -28.72 5.17
CA LEU B 56 -7.68 -29.70 6.23
C LEU B 56 -8.43 -29.24 7.46
N GLU B 57 -9.69 -29.63 7.56
CA GLU B 57 -10.52 -29.20 8.69
C GLU B 57 -9.95 -29.72 10.00
N ASN B 58 -10.26 -28.99 11.08
CA ASN B 58 -9.87 -29.32 12.45
C ASN B 58 -8.37 -29.31 12.66
N VAL B 59 -7.58 -28.82 11.71
CA VAL B 59 -6.13 -28.82 11.79
C VAL B 59 -5.67 -27.41 12.14
N THR B 60 -4.96 -27.27 13.25
CA THR B 60 -4.28 -26.04 13.61
C THR B 60 -2.78 -26.26 13.42
N GLU B 61 -2.08 -25.21 12.97
CA GLU B 61 -0.65 -25.31 12.74
C GLU B 61 -0.02 -23.95 12.95
N GLU B 62 1.27 -23.95 13.32
CA GLU B 62 2.01 -22.75 13.64
C GLU B 62 2.85 -22.32 12.44
N PHE B 63 2.68 -21.06 12.03
CA PHE B 63 3.43 -20.49 10.92
C PHE B 63 4.43 -19.46 11.43
N ASN B 64 5.52 -19.29 10.67
CA ASN B 64 6.53 -18.29 10.98
C ASN B 64 7.14 -17.84 9.66
N MET B 65 6.73 -16.66 9.19
CA MET B 65 7.22 -16.14 7.92
C MET B 65 8.65 -15.63 7.99
N TRP B 66 9.17 -15.39 9.19
CA TRP B 66 10.51 -14.84 9.34
C TRP B 66 11.58 -15.92 9.45
N LYS B 67 11.22 -17.14 9.86
CA LYS B 67 12.12 -18.28 9.85
C LYS B 67 11.85 -19.22 8.68
N ASN B 68 11.13 -18.74 7.66
CA ASN B 68 10.80 -19.56 6.51
C ASN B 68 12.03 -19.81 5.65
N SER B 69 12.07 -20.98 5.02
CA SER B 69 13.15 -21.32 4.11
C SER B 69 12.80 -21.04 2.66
N MET B 70 11.52 -20.87 2.33
CA MET B 70 11.13 -20.53 0.96
C MET B 70 11.62 -19.14 0.58
N VAL B 71 11.77 -18.25 1.56
CA VAL B 71 12.28 -16.91 1.27
C VAL B 71 13.76 -16.98 0.93
N GLU B 72 14.54 -17.72 1.73
CA GLU B 72 15.95 -17.89 1.44
C GLU B 72 16.16 -18.63 0.13
N GLN B 73 15.27 -19.56 -0.21
CA GLN B 73 15.37 -20.25 -1.49
C GLN B 73 15.05 -19.30 -2.64
N MET B 74 13.94 -18.56 -2.53
CA MET B 74 13.56 -17.64 -3.60
C MET B 74 14.61 -16.56 -3.82
N HIS B 75 15.21 -16.08 -2.73
CA HIS B 75 16.26 -15.06 -2.85
C HIS B 75 17.48 -15.62 -3.58
N GLU B 76 17.90 -16.83 -3.24
CA GLU B 76 19.03 -17.45 -3.94
C GLU B 76 18.68 -17.85 -5.36
N ASP B 77 17.39 -18.00 -5.67
CA ASP B 77 17.00 -18.37 -7.02
C ASP B 77 16.95 -17.15 -7.94
N ILE B 78 16.48 -16.01 -7.43
CA ILE B 78 16.47 -14.80 -8.24
C ILE B 78 17.89 -14.33 -8.53
N ILE B 79 18.80 -14.49 -7.56
CA ILE B 79 20.19 -14.11 -7.76
C ILE B 79 20.83 -15.01 -8.81
N SER B 80 20.62 -16.32 -8.70
CA SER B 80 21.24 -17.25 -9.65
C SER B 80 20.65 -17.10 -11.04
N LEU B 81 19.34 -16.84 -11.14
CA LEU B 81 18.74 -16.61 -12.44
C LEU B 81 19.28 -15.35 -13.10
N TRP B 82 19.65 -14.35 -12.29
CA TRP B 82 20.21 -13.13 -12.86
C TRP B 82 21.60 -13.37 -13.44
N ASP B 83 22.40 -14.22 -12.78
CA ASP B 83 23.74 -14.51 -13.26
C ASP B 83 23.74 -15.41 -14.49
N GLN B 84 22.83 -16.39 -14.51
CA GLN B 84 22.74 -17.28 -15.67
C GLN B 84 22.22 -16.55 -16.92
N SER B 85 21.58 -15.40 -16.75
CA SER B 85 21.07 -14.63 -17.87
C SER B 85 22.04 -13.57 -18.37
N LEU B 86 23.11 -13.29 -17.61
CA LEU B 86 24.09 -12.27 -17.99
C LEU B 86 25.37 -12.85 -18.57
N LYS B 87 25.59 -14.16 -18.44
CA LYS B 87 26.82 -14.75 -18.97
C LYS B 87 26.94 -14.64 -20.48
N PRO B 88 25.96 -15.10 -21.28
CA PRO B 88 26.16 -15.06 -22.75
C PRO B 88 26.08 -13.67 -23.35
N CYS B 89 25.58 -12.68 -22.62
CA CYS B 89 25.43 -11.34 -23.16
C CYS B 89 26.79 -10.64 -23.23
N VAL B 90 26.81 -9.50 -23.93
CA VAL B 90 28.06 -8.81 -24.22
C VAL B 90 28.56 -8.10 -22.95
N LYS B 91 29.86 -8.22 -22.70
CA LYS B 91 30.50 -7.55 -21.57
C LYS B 91 31.16 -6.26 -22.05
N LEU B 92 30.98 -5.19 -21.27
CA LEU B 92 31.45 -3.86 -21.66
C LEU B 92 32.85 -3.58 -21.12
N THR B 93 33.78 -4.45 -21.45
CA THR B 93 35.17 -4.27 -21.04
C THR B 93 35.90 -3.15 -21.79
N PRO B 94 35.69 -2.95 -23.10
CA PRO B 94 36.46 -1.90 -23.79
C PRO B 94 35.88 -0.50 -23.73
N PHE B 95 34.71 -0.31 -23.11
CA PHE B 95 34.06 1.01 -23.14
C PHE B 95 34.68 2.00 -22.16
N CYS B 96 35.46 1.54 -21.17
CA CYS B 96 35.95 2.40 -20.10
C CYS B 96 36.91 3.48 -20.60
N VAL B 97 37.10 3.58 -21.91
CA VAL B 97 37.94 4.64 -22.48
C VAL B 97 37.40 6.00 -22.05
N THR B 98 38.32 6.95 -21.82
CA THR B 98 37.97 8.25 -21.29
C THR B 98 36.90 8.93 -22.15
N LEU B 99 35.93 9.55 -21.47
CA LEU B 99 34.77 10.15 -22.11
C LEU B 99 34.83 11.67 -21.99
N ASN B 100 34.65 12.36 -23.11
CA ASN B 100 34.56 13.80 -23.15
C ASN B 100 33.08 14.17 -23.18
N CYS B 101 32.59 14.78 -22.10
CA CYS B 101 31.17 14.95 -21.87
C CYS B 101 30.77 16.42 -21.90
N THR B 102 29.54 16.66 -22.36
CA THR B 102 28.92 17.97 -22.34
C THR B 102 27.44 17.81 -22.01
N ASN B 103 26.80 18.90 -21.64
CA ASN B 103 25.39 18.86 -21.26
C ASN B 103 24.50 18.85 -22.49
N TYR B 104 23.32 18.26 -22.32
CA TYR B 104 22.33 18.18 -23.39
C TYR B 104 21.64 19.53 -23.58
N GLY B 121 20.02 20.15 -15.68
CA GLY B 121 20.02 19.07 -16.64
C GLY B 121 21.02 17.98 -16.32
N ASP B 122 20.54 16.87 -15.77
CA ASP B 122 21.41 15.76 -15.44
C ASP B 122 21.83 14.98 -16.69
N ILE B 123 20.97 14.96 -17.71
CA ILE B 123 21.27 14.22 -18.94
C ILE B 123 22.36 14.95 -19.71
N LYS B 124 23.35 14.18 -20.19
CA LYS B 124 24.55 14.75 -20.79
C LYS B 124 24.97 13.92 -22.00
N GLN B 125 25.53 14.59 -23.00
CA GLN B 125 26.15 13.94 -24.14
C GLN B 125 27.64 13.74 -23.87
N CYS B 126 28.19 12.68 -24.44
CA CYS B 126 29.58 12.30 -24.15
C CYS B 126 30.21 11.68 -25.38
N SER B 127 31.25 12.35 -25.90
CA SER B 127 32.02 11.82 -27.03
C SER B 127 33.13 10.90 -26.53
N PHE B 128 33.51 9.96 -27.38
CA PHE B 128 34.53 8.96 -27.01
C PHE B 128 35.06 8.30 -28.27
N ASN B 129 36.22 7.67 -28.13
CA ASN B 129 36.89 6.96 -29.21
C ASN B 129 36.90 5.46 -28.89
N ILE B 130 36.32 4.67 -29.79
CA ILE B 130 36.13 3.25 -29.55
C ILE B 130 37.39 2.49 -29.94
N THR B 131 37.72 1.45 -29.17
CA THR B 131 38.80 0.53 -29.48
C THR B 131 38.17 -0.76 -29.99
N THR B 132 38.17 -0.93 -31.31
CA THR B 132 37.47 -2.04 -31.95
C THR B 132 38.44 -3.14 -32.33
N GLU B 133 37.89 -4.20 -32.94
CA GLU B 133 38.67 -5.23 -33.61
C GLU B 133 38.15 -5.49 -35.02
N ILE B 134 37.10 -4.79 -35.44
CA ILE B 134 36.50 -4.93 -36.76
C ILE B 134 37.51 -4.60 -37.85
N SER B 140 39.95 2.29 -39.76
CA SER B 140 39.49 1.03 -39.22
C SER B 140 40.04 0.78 -37.82
N LYS B 141 40.94 1.67 -37.39
CA LYS B 141 41.61 1.50 -36.10
C LYS B 141 40.73 1.94 -34.94
N ARG B 142 40.07 3.10 -35.07
CA ARG B 142 39.25 3.65 -34.00
C ARG B 142 37.99 4.26 -34.60
N ARG B 143 37.02 4.53 -33.75
CA ARG B 143 35.74 5.09 -34.17
C ARG B 143 35.29 6.14 -33.17
N ASN B 144 34.96 7.33 -33.67
CA ASN B 144 34.40 8.37 -32.82
C ASN B 144 32.92 8.14 -32.63
N GLU B 145 32.44 8.24 -31.40
CA GLU B 145 31.01 8.11 -31.14
C GLU B 145 30.65 8.90 -29.89
N SER B 146 29.39 9.30 -29.83
CA SER B 146 28.85 10.08 -28.72
C SER B 146 27.43 9.64 -28.45
N ALA B 147 27.15 9.27 -27.20
CA ALA B 147 25.85 8.74 -26.82
C ALA B 147 25.33 9.51 -25.60
N LEU B 148 24.02 9.47 -25.45
CA LEU B 148 23.35 10.17 -24.34
C LEU B 148 23.46 9.33 -23.07
N PHE B 149 24.08 9.90 -22.04
CA PHE B 149 24.27 9.23 -20.77
C PHE B 149 23.73 10.08 -19.64
N SER B 150 23.10 9.44 -18.67
CA SER B 150 22.58 10.14 -17.50
C SER B 150 23.73 10.50 -16.56
N LYS B 151 23.42 11.38 -15.60
CA LYS B 151 24.45 11.88 -14.69
C LYS B 151 24.92 10.80 -13.72
N LEU B 152 24.01 9.91 -13.30
CA LEU B 152 24.36 8.89 -12.32
C LEU B 152 25.38 7.89 -12.86
N ASP B 153 25.37 7.66 -14.17
CA ASP B 153 26.23 6.63 -14.76
C ASP B 153 27.69 7.07 -14.90
N LEU B 154 27.99 8.35 -14.72
CA LEU B 154 29.33 8.87 -15.01
C LEU B 154 29.84 9.72 -13.84
N GLU B 155 31.16 9.86 -13.80
CA GLU B 155 31.86 10.66 -12.80
C GLU B 155 33.09 11.28 -13.46
N PRO B 156 33.39 12.54 -13.16
CA PRO B 156 34.58 13.16 -13.76
C PRO B 156 35.85 12.83 -12.99
N ILE B 157 36.96 12.86 -13.70
CA ILE B 157 38.28 12.61 -13.13
C ILE B 157 39.11 13.89 -13.07
N ASN B 158 39.22 14.61 -14.19
CA ASN B 158 39.88 15.91 -14.17
C ASN B 158 39.05 16.97 -13.46
N ASN B 159 37.73 16.75 -13.34
CA ASN B 159 36.81 17.65 -12.66
C ASN B 159 36.75 19.03 -13.29
N SER B 160 37.48 19.23 -14.39
CA SER B 160 37.34 20.43 -15.21
C SER B 160 36.37 20.22 -16.36
N ASN B 161 35.48 19.24 -16.24
CA ASN B 161 34.50 18.85 -17.26
C ASN B 161 35.17 18.37 -18.55
N THR B 162 36.49 18.23 -18.56
CA THR B 162 37.18 17.78 -19.76
C THR B 162 36.94 16.30 -20.02
N SER B 163 36.98 15.49 -18.97
CA SER B 163 36.96 14.04 -19.11
C SER B 163 36.00 13.43 -18.09
N TYR B 164 35.48 12.25 -18.45
CA TYR B 164 34.58 11.51 -17.59
C TYR B 164 34.89 10.02 -17.73
N ARG B 165 34.20 9.21 -16.92
CA ARG B 165 34.33 7.76 -16.97
C ARG B 165 33.09 7.15 -16.33
N LEU B 166 32.88 5.86 -16.60
CA LEU B 166 31.83 5.14 -15.90
C LEU B 166 32.17 5.02 -14.42
N ILE B 167 31.15 5.13 -13.59
CA ILE B 167 31.34 4.97 -12.14
C ILE B 167 31.82 3.55 -11.82
N LYS B 168 31.43 2.57 -12.63
CA LYS B 168 31.75 1.18 -12.35
C LYS B 168 33.12 0.74 -12.85
N CYS B 169 33.77 1.53 -13.72
CA CYS B 169 35.06 1.12 -14.26
C CYS B 169 36.17 1.06 -13.21
N ASN B 170 35.92 1.56 -12.00
CA ASN B 170 36.91 1.50 -10.93
C ASN B 170 36.49 0.56 -9.80
N THR B 171 35.33 -0.08 -9.90
CA THR B 171 34.83 -0.99 -8.89
C THR B 171 34.80 -2.44 -9.35
N SER B 172 34.26 -2.70 -10.53
CA SER B 172 34.11 -4.08 -11.01
C SER B 172 33.89 -4.06 -12.52
N VAL B 173 33.63 -5.24 -13.07
CA VAL B 173 33.35 -5.39 -14.49
C VAL B 173 31.92 -4.98 -14.76
N ILE B 174 31.54 -4.90 -16.03
CA ILE B 174 30.18 -4.54 -16.43
C ILE B 174 29.82 -5.35 -17.66
N LYS B 175 28.57 -5.81 -17.72
CA LYS B 175 28.06 -6.56 -18.86
C LYS B 175 26.72 -5.98 -19.26
N GLN B 176 26.54 -5.74 -20.56
CA GLN B 176 25.27 -5.25 -21.07
C GLN B 176 24.24 -6.37 -21.07
N ALA B 177 23.04 -6.05 -20.61
CA ALA B 177 21.95 -7.01 -20.67
C ALA B 177 21.55 -7.28 -22.10
N CYS B 178 21.22 -8.54 -22.39
CA CYS B 178 20.79 -8.90 -23.72
C CYS B 178 19.52 -8.14 -24.09
N PRO B 179 19.37 -7.72 -25.36
CA PRO B 179 18.19 -6.93 -25.72
C PRO B 179 16.92 -7.76 -25.88
N LYS B 180 17.03 -9.08 -26.06
CA LYS B 180 15.85 -9.89 -26.27
C LYS B 180 15.13 -10.22 -24.98
N VAL B 181 15.87 -10.43 -23.89
CA VAL B 181 15.24 -10.77 -22.61
C VAL B 181 14.47 -9.57 -22.08
N SER B 182 13.32 -9.84 -21.48
CA SER B 182 12.45 -8.80 -20.92
C SER B 182 12.46 -8.90 -19.40
N PHE B 183 12.39 -7.73 -18.74
CA PHE B 183 12.43 -7.64 -17.29
C PHE B 183 11.04 -7.70 -16.66
N GLU B 184 10.04 -8.20 -17.38
CA GLU B 184 8.68 -8.21 -16.87
C GLU B 184 8.48 -9.39 -15.92
N PRO B 185 8.05 -9.16 -14.68
CA PRO B 185 7.77 -10.29 -13.78
C PRO B 185 6.48 -11.00 -14.18
N ILE B 186 6.55 -12.32 -14.27
CA ILE B 186 5.38 -13.14 -14.59
C ILE B 186 5.09 -14.04 -13.40
N PRO B 187 3.87 -14.54 -13.28
CA PRO B 187 3.53 -15.41 -12.14
C PRO B 187 4.37 -16.67 -12.11
N ILE B 188 4.94 -16.96 -10.95
CA ILE B 188 5.75 -18.15 -10.72
C ILE B 188 5.20 -18.89 -9.52
N HIS B 189 4.91 -20.18 -9.69
CA HIS B 189 4.42 -21.02 -8.61
C HIS B 189 5.56 -21.89 -8.09
N TYR B 190 5.69 -21.97 -6.77
CA TYR B 190 6.68 -22.82 -6.13
C TYR B 190 6.00 -24.11 -5.66
N CYS B 191 6.45 -25.24 -6.19
CA CYS B 191 5.87 -26.53 -5.86
C CYS B 191 6.84 -27.36 -5.02
N ALA B 192 6.27 -28.27 -4.24
CA ALA B 192 6.99 -29.25 -3.44
C ALA B 192 7.02 -30.60 -4.15
N PRO B 193 8.09 -31.39 -3.97
CA PRO B 193 8.16 -32.70 -4.64
C PRO B 193 7.25 -33.75 -3.99
N ALA B 194 7.37 -34.99 -4.45
CA ALA B 194 6.56 -36.08 -3.90
C ALA B 194 6.96 -36.35 -2.45
N GLY B 195 5.97 -36.72 -1.64
CA GLY B 195 6.19 -36.92 -0.22
C GLY B 195 6.23 -35.63 0.59
N PHE B 196 6.05 -34.48 -0.04
CA PHE B 196 6.04 -33.19 0.62
C PHE B 196 4.69 -32.52 0.37
N ALA B 197 4.41 -31.47 1.15
CA ALA B 197 3.16 -30.74 1.00
C ALA B 197 3.36 -29.31 1.48
N ILE B 198 2.54 -28.41 0.96
CA ILE B 198 2.60 -27.00 1.30
C ILE B 198 1.32 -26.64 2.04
N LEU B 199 1.48 -26.15 3.28
CA LEU B 199 0.35 -25.77 4.10
C LEU B 199 0.07 -24.28 3.92
N LYS B 200 -1.17 -23.97 3.53
CA LYS B 200 -1.58 -22.59 3.23
C LYS B 200 -2.54 -22.12 4.33
N CYS B 201 -2.16 -21.04 5.00
CA CYS B 201 -3.00 -20.42 6.02
C CYS B 201 -3.99 -19.47 5.35
N ASN B 202 -5.27 -19.64 5.66
CA ASN B 202 -6.35 -18.88 5.04
C ASN B 202 -7.03 -17.92 6.01
N ASP B 203 -6.45 -17.70 7.18
CA ASP B 203 -7.05 -16.81 8.17
C ASP B 203 -6.97 -15.37 7.68
N LYS B 204 -8.07 -14.64 7.78
CA LYS B 204 -8.13 -13.27 7.27
C LYS B 204 -7.27 -12.33 8.10
N ARG B 205 -7.62 -12.18 9.38
CA ARG B 205 -6.83 -11.35 10.30
C ARG B 205 -5.59 -12.08 10.81
N PHE B 206 -4.87 -12.78 9.93
CA PHE B 206 -3.76 -13.62 10.36
C PHE B 206 -2.56 -12.76 10.73
N ASN B 207 -2.15 -12.86 12.00
CA ASN B 207 -0.93 -12.23 12.46
C ASN B 207 0.27 -12.82 11.73
N GLY B 208 1.40 -12.12 11.80
CA GLY B 208 2.58 -12.56 11.08
C GLY B 208 3.02 -13.96 11.47
N THR B 209 3.11 -14.22 12.77
CA THR B 209 3.48 -15.52 13.30
C THR B 209 2.46 -15.97 14.34
N GLY B 210 2.25 -17.28 14.42
CA GLY B 210 1.32 -17.84 15.38
C GLY B 210 0.51 -18.99 14.81
N PRO B 211 -0.46 -19.47 15.59
CA PRO B 211 -1.30 -20.57 15.12
C PRO B 211 -2.40 -20.10 14.19
N CYS B 212 -2.58 -20.83 13.09
CA CYS B 212 -3.59 -20.52 12.09
C CYS B 212 -4.68 -21.58 12.15
N LYS B 213 -5.93 -21.15 12.37
CA LYS B 213 -7.04 -22.08 12.55
C LYS B 213 -7.41 -22.77 11.24
N ASN B 214 -7.61 -21.99 10.19
CA ASN B 214 -7.93 -22.53 8.87
C ASN B 214 -6.65 -22.93 8.16
N VAL B 215 -6.51 -24.23 7.86
CA VAL B 215 -5.34 -24.73 7.15
C VAL B 215 -5.80 -25.55 5.95
N SER B 216 -5.20 -25.29 4.80
CA SER B 216 -5.46 -26.05 3.58
C SER B 216 -4.12 -26.38 2.93
N THR B 217 -4.04 -27.58 2.34
CA THR B 217 -2.81 -28.03 1.70
C THR B 217 -2.88 -27.79 0.20
N VAL B 218 -1.71 -27.53 -0.39
CA VAL B 218 -1.57 -27.30 -1.82
C VAL B 218 -0.28 -27.95 -2.30
N GLN B 219 -0.25 -28.29 -3.58
CA GLN B 219 0.96 -28.78 -4.20
C GLN B 219 1.84 -27.65 -4.71
N CYS B 220 1.24 -26.53 -5.10
CA CYS B 220 1.98 -25.38 -5.62
C CYS B 220 1.36 -24.09 -5.09
N THR B 221 2.20 -23.09 -4.89
CA THR B 221 1.74 -21.80 -4.41
C THR B 221 1.05 -21.04 -5.54
N HIS B 222 0.53 -19.87 -5.22
CA HIS B 222 -0.14 -19.06 -6.22
C HIS B 222 0.87 -18.38 -7.14
N GLY B 223 0.37 -17.72 -8.17
CA GLY B 223 1.23 -17.03 -9.12
C GLY B 223 1.92 -15.83 -8.51
N ILE B 224 3.14 -16.01 -8.03
CA ILE B 224 3.90 -14.95 -7.39
C ILE B 224 4.79 -14.29 -8.45
N LYS B 225 4.59 -12.99 -8.64
CA LYS B 225 5.40 -12.23 -9.59
C LYS B 225 6.64 -11.68 -8.90
N PRO B 226 7.85 -11.98 -9.39
CA PRO B 226 9.08 -11.51 -8.73
C PRO B 226 9.35 -10.03 -8.98
N VAL B 227 8.45 -9.19 -8.47
CA VAL B 227 8.58 -7.74 -8.63
C VAL B 227 9.66 -7.27 -7.66
N VAL B 228 10.85 -6.98 -8.19
CA VAL B 228 11.95 -6.45 -7.39
C VAL B 228 11.70 -4.96 -7.18
N SER B 229 11.46 -4.58 -5.93
CA SER B 229 11.11 -3.20 -5.61
C SER B 229 11.77 -2.79 -4.30
N THR B 230 11.87 -1.48 -4.11
CA THR B 230 12.34 -0.88 -2.86
C THR B 230 11.19 -0.10 -2.23
N GLN B 231 11.20 -0.03 -0.90
CA GLN B 231 10.16 0.65 -0.14
C GLN B 231 8.80 0.05 -0.45
N LEU B 232 8.01 0.74 -1.26
CA LEU B 232 6.66 0.29 -1.57
C LEU B 232 6.69 -0.99 -2.41
N LEU B 233 5.78 -1.90 -2.10
CA LEU B 233 5.67 -3.17 -2.79
C LEU B 233 4.65 -3.04 -3.93
N LEU B 234 5.02 -3.54 -5.10
CA LEU B 234 4.24 -3.34 -6.32
C LEU B 234 3.68 -4.66 -6.81
N ASN B 235 2.48 -4.59 -7.40
CA ASN B 235 1.88 -5.71 -8.12
C ASN B 235 1.73 -6.96 -7.24
N GLY B 236 1.57 -6.75 -5.94
CA GLY B 236 1.48 -7.85 -5.00
C GLY B 236 0.04 -8.26 -4.71
N SER B 237 -0.12 -9.09 -3.69
CA SER B 237 -1.43 -9.56 -3.27
C SER B 237 -1.96 -8.68 -2.14
N LEU B 238 -3.27 -8.46 -2.15
CA LEU B 238 -3.92 -7.62 -1.17
C LEU B 238 -4.47 -8.48 -0.03
N ALA B 239 -4.22 -8.05 1.20
CA ALA B 239 -4.76 -8.75 2.36
C ALA B 239 -6.27 -8.56 2.41
N GLU B 240 -6.99 -9.64 2.71
CA GLU B 240 -8.43 -9.62 2.71
C GLU B 240 -8.98 -8.93 3.95
N GLU B 241 -10.12 -8.25 3.78
CA GLU B 241 -10.81 -7.52 4.84
C GLU B 241 -9.88 -6.43 5.35
N GLU B 242 -9.47 -6.43 6.61
CA GLU B 242 -8.65 -5.36 7.15
C GLU B 242 -7.20 -5.52 6.71
N VAL B 243 -6.50 -4.38 6.61
CA VAL B 243 -5.08 -4.41 6.29
C VAL B 243 -4.32 -5.08 7.42
N VAL B 244 -3.11 -5.55 7.12
CA VAL B 244 -2.31 -6.31 8.06
C VAL B 244 -0.97 -5.61 8.29
N ILE B 245 -0.56 -5.56 9.55
CA ILE B 245 0.74 -5.03 9.94
C ILE B 245 1.56 -6.21 10.45
N ARG B 246 2.58 -6.59 9.70
CA ARG B 246 3.41 -7.75 10.03
C ARG B 246 4.83 -7.30 10.37
N SER B 247 5.42 -7.96 11.37
CA SER B 247 6.76 -7.62 11.82
C SER B 247 7.31 -8.77 12.64
N GLU B 248 8.63 -8.95 12.58
CA GLU B 248 9.29 -9.91 13.46
C GLU B 248 9.36 -9.38 14.88
N ASN B 249 9.62 -8.09 15.05
CA ASN B 249 9.54 -7.43 16.36
C ASN B 249 9.06 -6.01 16.14
N LEU B 250 7.91 -5.68 16.74
CA LEU B 250 7.40 -4.31 16.65
C LEU B 250 8.03 -3.40 17.68
N THR B 251 8.34 -3.91 18.87
CA THR B 251 8.97 -3.08 19.89
C THR B 251 10.45 -2.84 19.58
N ASN B 252 11.14 -3.82 19.00
CA ASN B 252 12.52 -3.62 18.57
C ASN B 252 12.53 -2.98 17.19
N ASN B 253 13.13 -1.78 17.11
CA ASN B 253 13.10 -1.01 15.88
C ASN B 253 13.89 -1.66 14.75
N ALA B 254 14.98 -2.35 15.08
CA ALA B 254 15.94 -2.80 14.08
C ALA B 254 15.33 -3.71 13.03
N LYS B 255 14.15 -4.29 13.28
CA LYS B 255 13.48 -5.14 12.33
C LYS B 255 12.46 -4.34 11.54
N ASN B 256 12.41 -4.58 10.23
CA ASN B 256 11.55 -3.82 9.34
C ASN B 256 10.08 -4.15 9.60
N ILE B 257 9.21 -3.32 9.03
CA ILE B 257 7.76 -3.45 9.18
C ILE B 257 7.15 -3.59 7.80
N ILE B 258 6.57 -4.75 7.53
CA ILE B 258 5.87 -5.02 6.28
C ILE B 258 4.39 -4.77 6.47
N ILE B 259 3.77 -4.08 5.52
CA ILE B 259 2.35 -3.74 5.57
C ILE B 259 1.70 -4.18 4.27
N GLN B 260 0.49 -4.73 4.36
CA GLN B 260 -0.26 -5.18 3.20
C GLN B 260 -1.64 -4.54 3.26
N LEU B 261 -1.98 -3.74 2.23
CA LEU B 261 -3.23 -3.02 2.19
C LEU B 261 -4.37 -3.93 1.73
N ASN B 262 -5.60 -3.49 2.00
CA ASN B 262 -6.73 -4.17 1.38
C ASN B 262 -7.08 -3.55 0.02
N GLU B 263 -7.12 -2.22 -0.06
CA GLU B 263 -7.34 -1.53 -1.31
C GLU B 263 -6.00 -1.09 -1.89
N SER B 264 -5.78 -1.39 -3.17
CA SER B 264 -4.54 -1.08 -3.84
C SER B 264 -4.61 0.30 -4.48
N VAL B 265 -3.60 1.12 -4.24
CA VAL B 265 -3.50 2.43 -4.88
C VAL B 265 -2.86 2.25 -6.26
N VAL B 266 -3.13 3.20 -7.15
CA VAL B 266 -2.62 3.18 -8.51
C VAL B 266 -1.48 4.18 -8.63
N ILE B 267 -0.35 3.75 -9.18
CA ILE B 267 0.80 4.59 -9.42
C ILE B 267 1.13 4.54 -10.91
N THR B 268 1.22 5.72 -11.53
CA THR B 268 1.45 5.84 -12.97
C THR B 268 2.76 6.57 -13.18
N CYS B 269 3.78 5.85 -13.66
CA CYS B 269 5.10 6.41 -13.91
C CYS B 269 5.34 6.54 -15.40
N GLU B 270 6.07 7.59 -15.78
CA GLU B 270 6.31 7.89 -17.18
C GLU B 270 7.72 8.44 -17.39
N ARG B 271 8.36 8.03 -18.49
CA ARG B 271 9.54 8.69 -19.01
C ARG B 271 9.14 9.37 -20.31
N PRO B 272 8.79 10.66 -20.29
CA PRO B 272 8.28 11.30 -21.50
C PRO B 272 9.30 11.49 -22.60
N ASN B 273 10.55 11.10 -22.38
CA ASN B 273 11.61 11.28 -23.39
C ASN B 273 11.46 10.23 -24.49
N ASN B 274 11.23 10.68 -25.73
CA ASN B 274 11.19 9.81 -26.90
C ASN B 274 12.63 9.49 -27.32
N ASN B 275 13.28 8.67 -26.49
CA ASN B 275 14.67 8.29 -26.74
C ASN B 275 14.78 7.47 -28.02
N THR B 276 16.01 7.35 -28.51
CA THR B 276 16.30 6.56 -29.69
C THR B 276 17.52 5.68 -29.42
N ARG B 277 17.54 4.52 -30.05
CA ARG B 277 18.60 3.53 -29.88
C ARG B 277 19.52 3.58 -31.10
N LYS B 278 20.83 3.58 -30.85
CA LYS B 278 21.83 3.60 -31.90
C LYS B 278 22.74 2.39 -31.72
N ARG B 279 22.64 1.43 -32.63
CA ARG B 279 23.42 0.20 -32.54
C ARG B 279 24.85 0.45 -33.00
N VAL B 280 25.81 0.08 -32.15
CA VAL B 280 27.23 0.29 -32.40
C VAL B 280 27.93 -1.05 -32.30
N THR B 281 28.73 -1.37 -33.33
CA THR B 281 29.44 -2.64 -33.38
C THR B 281 30.80 -2.50 -32.72
N LEU B 282 31.04 -3.29 -31.68
CA LEU B 282 32.36 -3.36 -31.07
C LEU B 282 33.34 -4.08 -31.99
N GLY B 283 33.05 -5.33 -32.31
CA GLY B 283 33.89 -6.11 -33.19
C GLY B 283 33.15 -7.28 -33.78
N PRO B 284 33.78 -8.46 -33.75
CA PRO B 284 33.12 -9.66 -34.29
C PRO B 284 31.98 -10.14 -33.40
N GLY B 285 30.75 -9.82 -33.78
CA GLY B 285 29.56 -10.24 -33.05
C GLY B 285 29.12 -9.31 -31.94
N LYS B 286 30.07 -8.69 -31.24
CA LYS B 286 29.73 -7.78 -30.15
C LYS B 286 29.02 -6.54 -30.68
N VAL B 287 27.89 -6.20 -30.07
CA VAL B 287 27.09 -5.04 -30.47
C VAL B 287 26.70 -4.28 -29.22
N LEU B 288 26.94 -2.97 -29.21
CA LEU B 288 26.55 -2.11 -28.11
C LEU B 288 25.39 -1.21 -28.54
N TYR B 289 24.44 -1.03 -27.64
CA TYR B 289 23.24 -0.23 -27.90
C TYR B 289 23.37 1.08 -27.14
N THR B 290 23.60 2.16 -27.88
CA THR B 290 23.83 3.48 -27.31
C THR B 290 22.57 4.32 -27.40
N THR B 291 22.39 5.21 -26.43
CA THR B 291 21.24 6.11 -26.39
C THR B 291 21.46 7.22 -27.41
N GLY B 292 20.67 7.22 -28.48
CA GLY B 292 20.76 8.26 -29.49
C GLY B 292 20.25 9.59 -28.97
N GLU B 293 20.32 10.60 -29.83
CA GLU B 293 19.82 11.92 -29.49
C GLU B 293 18.31 11.87 -29.33
N ILE B 294 17.81 12.54 -28.28
CA ILE B 294 16.40 12.45 -27.93
C ILE B 294 15.59 13.29 -28.91
N ILE B 295 14.59 12.67 -29.52
CA ILE B 295 13.63 13.36 -30.36
C ILE B 295 12.52 13.91 -29.47
N GLY B 296 12.27 15.20 -29.55
CA GLY B 296 11.27 15.84 -28.72
C GLY B 296 11.89 16.56 -27.52
N ASN B 297 11.05 16.76 -26.52
CA ASN B 297 11.44 17.54 -25.35
C ASN B 297 12.03 16.63 -24.27
N ILE B 298 12.78 17.26 -23.36
CA ILE B 298 13.41 16.58 -22.25
C ILE B 298 12.52 16.77 -21.03
N ARG B 299 11.87 15.68 -20.59
CA ARG B 299 11.02 15.69 -19.42
C ARG B 299 11.47 14.57 -18.49
N LYS B 300 11.88 14.94 -17.28
CA LYS B 300 12.33 13.94 -16.32
C LYS B 300 11.18 12.99 -15.96
N ALA B 301 11.57 11.81 -15.50
CA ALA B 301 10.58 10.78 -15.17
C ALA B 301 9.83 11.15 -13.90
N HIS B 302 8.54 10.79 -13.87
CA HIS B 302 7.68 11.17 -12.76
C HIS B 302 6.65 10.05 -12.54
N CYS B 303 6.00 10.09 -11.38
CA CYS B 303 4.97 9.13 -11.02
C CYS B 303 3.83 9.86 -10.34
N ASN B 304 2.65 9.85 -10.97
CA ASN B 304 1.44 10.35 -10.32
C ASN B 304 0.89 9.31 -9.36
N ILE B 305 0.59 9.73 -8.14
CA ILE B 305 -0.15 8.92 -7.18
C ILE B 305 -1.28 9.78 -6.63
N SER B 306 -2.50 9.27 -6.72
CA SER B 306 -3.67 10.03 -6.29
C SER B 306 -3.60 10.33 -4.79
N LYS B 307 -3.69 11.62 -4.46
CA LYS B 307 -3.53 12.04 -3.06
C LYS B 307 -4.72 11.63 -2.21
N THR B 308 -5.93 11.61 -2.79
CA THR B 308 -7.11 11.23 -2.02
C THR B 308 -7.04 9.78 -1.58
N ASN B 309 -6.84 8.86 -2.53
CA ASN B 309 -6.76 7.45 -2.18
C ASN B 309 -5.44 7.09 -1.50
N TRP B 310 -4.43 7.96 -1.58
CA TRP B 310 -3.23 7.76 -0.77
C TRP B 310 -3.48 8.20 0.67
N THR B 311 -4.14 9.35 0.86
CA THR B 311 -4.48 9.78 2.21
C THR B 311 -5.45 8.81 2.87
N ARG B 312 -6.41 8.28 2.11
CA ARG B 312 -7.31 7.26 2.65
C ARG B 312 -6.52 6.02 3.06
N THR B 313 -5.61 5.57 2.20
CA THR B 313 -4.76 4.42 2.53
C THR B 313 -3.88 4.74 3.73
N LEU B 314 -3.32 5.96 3.78
CA LEU B 314 -2.49 6.35 4.91
C LEU B 314 -3.30 6.40 6.20
N GLU B 315 -4.59 6.71 6.12
CA GLU B 315 -5.43 6.75 7.32
C GLU B 315 -5.76 5.35 7.82
N ARG B 316 -5.91 4.39 6.90
CA ARG B 316 -6.18 3.01 7.32
C ARG B 316 -4.95 2.33 7.90
N ILE B 317 -3.76 2.81 7.55
CA ILE B 317 -2.53 2.23 8.09
C ILE B 317 -2.31 2.69 9.52
N VAL B 318 -2.52 3.98 9.79
CA VAL B 318 -2.30 4.50 11.14
C VAL B 318 -3.34 3.96 12.11
N ILE B 319 -4.53 3.63 11.62
CA ILE B 319 -5.56 3.05 12.48
C ILE B 319 -5.06 1.77 13.12
N LYS B 320 -4.30 0.98 12.38
CA LYS B 320 -3.81 -0.30 12.88
C LYS B 320 -2.42 -0.22 13.47
N LEU B 321 -1.61 0.76 13.06
CA LEU B 321 -0.33 0.98 13.74
C LEU B 321 -0.56 1.34 15.20
N ARG B 322 -1.55 2.18 15.47
CA ARG B 322 -1.86 2.54 16.85
C ARG B 322 -2.40 1.37 17.66
N GLU B 323 -2.90 0.31 17.00
CA GLU B 323 -3.31 -0.88 17.72
C GLU B 323 -2.17 -1.50 18.53
N GLN B 324 -0.93 -1.07 18.30
CA GLN B 324 0.21 -1.49 19.09
C GLN B 324 0.99 -0.31 19.66
N PHE B 325 0.46 0.93 19.54
CA PHE B 325 1.08 2.13 20.08
C PHE B 325 -0.01 3.05 20.63
N LYS B 326 -0.64 2.62 21.73
CA LYS B 326 -1.61 3.43 22.50
C LYS B 326 -2.78 3.80 21.59
N ASN B 327 -3.32 5.01 21.67
CA ASN B 327 -4.37 5.47 20.75
C ASN B 327 -3.88 6.44 19.70
N LYS B 328 -2.93 7.32 20.02
CA LYS B 328 -2.54 8.38 19.10
C LYS B 328 -1.08 8.77 19.38
N THR B 329 -0.17 8.31 18.52
CA THR B 329 1.23 8.72 18.54
C THR B 329 1.92 8.26 17.26
N ILE B 330 2.05 9.16 16.27
CA ILE B 330 2.58 8.77 14.98
C ILE B 330 2.96 9.98 14.13
N VAL B 331 4.11 9.90 13.46
CA VAL B 331 4.57 10.90 12.50
C VAL B 331 5.19 10.18 11.32
N PHE B 332 5.00 10.71 10.12
CA PHE B 332 5.53 10.12 8.90
C PHE B 332 6.58 11.06 8.30
N ASN B 333 7.82 10.58 8.24
CA ASN B 333 8.94 11.28 7.61
C ASN B 333 9.49 10.44 6.47
N GLN B 334 10.56 10.94 5.86
CA GLN B 334 11.22 10.31 4.73
C GLN B 334 12.43 9.52 5.18
N SER B 335 12.99 8.73 4.26
CA SER B 335 14.19 7.96 4.55
C SER B 335 15.39 8.88 4.76
N SER B 336 16.30 8.46 5.65
CA SER B 336 17.45 9.28 5.97
C SER B 336 18.72 8.45 6.18
N GLY B 337 18.73 7.19 5.75
CA GLY B 337 19.89 6.33 5.94
C GLY B 337 20.12 5.46 4.72
N GLY B 338 21.39 5.18 4.47
CA GLY B 338 21.79 4.34 3.35
C GLY B 338 22.23 5.16 2.15
N ASP B 339 22.55 4.44 1.08
CA ASP B 339 22.99 5.06 -0.16
C ASP B 339 21.78 5.48 -0.99
N LEU B 340 22.05 5.97 -2.21
CA LEU B 340 20.98 6.43 -3.08
C LEU B 340 20.08 5.27 -3.53
N GLU B 341 20.64 4.06 -3.62
CA GLU B 341 19.86 2.91 -4.07
C GLU B 341 18.96 2.33 -2.99
N ILE B 342 19.06 2.82 -1.75
CA ILE B 342 18.19 2.37 -0.68
C ILE B 342 17.17 3.43 -0.28
N VAL B 343 17.53 4.72 -0.32
CA VAL B 343 16.61 5.78 0.07
C VAL B 343 15.50 5.95 -0.95
N MET B 344 15.75 5.62 -2.21
CA MET B 344 14.81 5.87 -3.29
C MET B 344 13.98 4.63 -3.60
N HIS B 345 12.78 4.86 -4.13
CA HIS B 345 11.91 3.79 -4.60
C HIS B 345 12.45 3.22 -5.91
N VAL B 346 13.34 2.24 -5.81
CA VAL B 346 13.95 1.64 -6.98
C VAL B 346 13.03 0.53 -7.50
N PHE B 347 12.82 0.50 -8.82
CA PHE B 347 11.98 -0.52 -9.43
C PHE B 347 12.29 -0.56 -10.92
N ASN B 348 11.60 -1.45 -11.62
CA ASN B 348 11.76 -1.64 -13.05
C ASN B 348 10.44 -1.33 -13.75
N CYS B 349 10.54 -0.86 -15.00
CA CYS B 349 9.38 -0.62 -15.85
C CYS B 349 9.83 -0.37 -17.29
N GLY B 350 9.38 -1.21 -18.22
CA GLY B 350 9.66 -1.01 -19.64
C GLY B 350 11.10 -1.26 -20.03
N GLY B 351 11.93 -1.56 -19.02
CA GLY B 351 13.34 -1.85 -19.22
C GLY B 351 14.26 -0.87 -18.50
N GLU B 352 13.79 0.33 -18.23
CA GLU B 352 14.57 1.34 -17.53
C GLU B 352 14.27 1.27 -16.04
N PHE B 353 15.30 1.53 -15.24
CA PHE B 353 15.23 1.46 -13.79
C PHE B 353 15.12 2.87 -13.23
N PHE B 354 14.07 3.12 -12.45
CA PHE B 354 13.74 4.44 -11.96
C PHE B 354 14.10 4.59 -10.49
N TYR B 355 14.45 5.82 -10.10
CA TYR B 355 14.80 6.17 -8.73
C TYR B 355 13.98 7.39 -8.34
N CYS B 356 12.92 7.19 -7.58
CA CYS B 356 11.93 8.23 -7.33
C CYS B 356 12.08 8.81 -5.93
N ASN B 357 11.90 10.13 -5.85
CA ASN B 357 11.96 10.87 -4.58
C ASN B 357 10.61 10.73 -3.87
N THR B 358 10.63 10.21 -2.65
CA THR B 358 9.39 9.94 -1.93
C THR B 358 9.19 10.91 -0.76
N THR B 359 9.33 12.20 -1.02
CA THR B 359 9.11 13.20 0.04
C THR B 359 7.63 13.37 0.33
N GLN B 360 6.84 13.62 -0.72
CA GLN B 360 5.45 14.05 -0.55
C GLN B 360 4.55 12.94 -0.04
N LEU B 361 4.97 11.68 -0.13
CA LEU B 361 4.14 10.58 0.36
C LEU B 361 4.33 10.37 1.86
N PHE B 362 5.53 10.64 2.37
CA PHE B 362 5.87 10.39 3.78
C PHE B 362 6.22 11.72 4.43
N ASN B 363 5.24 12.60 4.53
CA ASN B 363 5.38 13.94 5.08
C ASN B 363 4.02 14.28 5.70
N SER B 364 3.72 13.65 6.84
CA SER B 364 2.43 13.78 7.48
C SER B 364 2.60 13.63 8.99
N THR B 365 1.54 14.01 9.72
CA THR B 365 1.52 13.90 11.17
C THR B 365 0.08 13.69 11.60
N TYR B 366 -0.18 12.61 12.32
CA TYR B 366 -1.53 12.23 12.74
C TYR B 366 -1.61 12.21 14.25
N ASN B 367 -2.67 12.83 14.79
CA ASN B 367 -2.96 12.78 16.22
C ASN B 367 -4.47 12.69 16.39
N SER B 368 -4.90 12.55 17.65
CA SER B 368 -6.32 12.60 18.02
C SER B 368 -7.17 11.66 17.17
N THR B 369 -6.61 10.48 16.89
CA THR B 369 -7.28 9.46 16.08
C THR B 369 -7.81 10.01 14.76
N THR B 379 -8.45 20.16 -5.03
CA THR B 379 -8.39 19.49 -3.74
C THR B 379 -7.55 18.23 -3.81
N ASP B 380 -7.80 17.41 -4.84
CA ASP B 380 -7.09 16.15 -4.98
C ASP B 380 -5.59 16.38 -5.15
N SER B 381 -5.20 17.14 -6.18
CA SER B 381 -3.81 17.44 -6.47
C SER B 381 -2.97 16.19 -6.52
N ILE B 382 -3.03 15.47 -7.64
CA ILE B 382 -2.41 14.15 -7.76
C ILE B 382 -0.93 14.26 -7.45
N ILE B 383 -0.49 13.59 -6.38
CA ILE B 383 0.89 13.67 -5.94
C ILE B 383 1.81 13.11 -7.02
N THR B 384 2.81 13.89 -7.39
CA THR B 384 3.76 13.53 -8.44
C THR B 384 5.16 13.53 -7.88
N LEU B 385 5.86 12.40 -8.01
CA LEU B 385 7.20 12.21 -7.48
C LEU B 385 8.24 12.38 -8.58
N PRO B 386 9.35 13.07 -8.31
CA PRO B 386 10.43 13.18 -9.30
C PRO B 386 11.24 11.88 -9.33
N CYS B 387 11.53 11.41 -10.54
CA CYS B 387 12.23 10.14 -10.73
C CYS B 387 13.39 10.33 -11.68
N ARG B 388 14.60 9.96 -11.22
CA ARG B 388 15.77 9.92 -12.07
C ARG B 388 15.90 8.53 -12.70
N ILE B 389 16.84 8.40 -13.63
CA ILE B 389 17.02 7.16 -14.39
C ILE B 389 18.49 6.77 -14.35
N LYS B 390 18.74 5.48 -14.13
CA LYS B 390 20.09 4.93 -14.13
C LYS B 390 20.09 3.68 -15.01
N GLN B 391 21.07 3.58 -15.90
CA GLN B 391 21.16 2.45 -16.81
C GLN B 391 22.15 1.38 -16.35
N ILE B 392 23.05 1.72 -15.44
CA ILE B 392 23.94 0.75 -14.80
C ILE B 392 23.46 0.56 -13.36
N ILE B 393 23.42 -0.70 -12.92
CA ILE B 393 22.84 -1.04 -11.62
C ILE B 393 23.64 -2.16 -10.97
N ASN B 394 23.48 -2.24 -9.64
CA ASN B 394 24.01 -3.34 -8.82
C ASN B 394 22.93 -3.68 -7.80
N ARG B 395 22.09 -4.65 -8.14
CA ARG B 395 20.96 -5.02 -7.31
C ARG B 395 21.35 -6.10 -6.30
N TRP B 396 20.53 -6.21 -5.25
CA TRP B 396 20.74 -7.18 -4.16
C TRP B 396 22.11 -7.00 -3.50
N GLN B 397 22.59 -5.76 -3.44
CA GLN B 397 23.86 -5.44 -2.79
C GLN B 397 25.01 -6.22 -3.44
N GLU B 398 24.93 -6.41 -4.75
CA GLU B 398 25.93 -7.18 -5.49
C GLU B 398 27.12 -6.28 -5.81
N VAL B 399 28.26 -6.60 -5.23
CA VAL B 399 29.53 -5.94 -5.53
C VAL B 399 30.27 -6.87 -6.49
N GLY B 400 30.28 -6.52 -7.77
CA GLY B 400 30.93 -7.35 -8.76
C GLY B 400 30.34 -7.18 -10.15
N LYS B 401 30.04 -8.30 -10.82
CA LYS B 401 29.51 -8.26 -12.17
C LYS B 401 28.30 -7.35 -12.25
N ALA B 402 28.39 -6.35 -13.12
CA ALA B 402 27.44 -5.26 -13.19
C ALA B 402 26.73 -5.26 -14.54
N MET B 403 25.48 -4.79 -14.54
CA MET B 403 24.62 -4.89 -15.71
C MET B 403 24.32 -3.50 -16.27
N TYR B 404 24.48 -3.34 -17.57
CA TYR B 404 24.13 -2.12 -18.28
C TYR B 404 22.77 -2.32 -18.94
N ALA B 405 21.77 -1.58 -18.47
CA ALA B 405 20.44 -1.64 -19.06
C ALA B 405 20.44 -0.87 -20.37
N PRO B 406 20.22 -1.55 -21.50
CA PRO B 406 20.21 -0.86 -22.79
C PRO B 406 19.09 0.15 -22.84
N PRO B 407 19.23 1.19 -23.66
CA PRO B 407 18.18 2.24 -23.70
C PRO B 407 16.93 1.74 -24.39
N ILE B 408 15.78 2.19 -23.88
CA ILE B 408 14.49 1.81 -24.41
C ILE B 408 14.02 2.90 -25.37
N ALA B 409 13.74 2.52 -26.61
CA ALA B 409 13.28 3.47 -27.61
C ALA B 409 11.81 3.79 -27.40
N GLY B 410 11.45 5.06 -27.63
CA GLY B 410 10.09 5.51 -27.44
C GLY B 410 9.80 5.93 -26.01
N GLN B 411 8.66 6.58 -25.84
CA GLN B 411 8.26 7.04 -24.52
C GLN B 411 7.81 5.86 -23.66
N ILE B 412 7.94 6.02 -22.34
CA ILE B 412 7.66 4.97 -21.38
C ILE B 412 6.47 5.39 -20.53
N ARG B 413 5.53 4.45 -20.33
CA ARG B 413 4.38 4.69 -19.46
C ARG B 413 3.93 3.35 -18.89
N CYS B 414 3.95 3.24 -17.56
CA CYS B 414 3.50 2.04 -16.87
C CYS B 414 2.53 2.41 -15.76
N GLN B 415 1.56 1.53 -15.52
CA GLN B 415 0.60 1.67 -14.43
C GLN B 415 0.66 0.44 -13.57
N SER B 416 1.06 0.61 -12.31
CA SER B 416 1.22 -0.52 -11.39
C SER B 416 0.30 -0.35 -10.18
N ASN B 417 0.01 -1.47 -9.53
CA ASN B 417 -0.79 -1.49 -8.31
C ASN B 417 0.15 -1.64 -7.12
N ILE B 418 0.41 -0.53 -6.44
CA ILE B 418 1.18 -0.59 -5.20
C ILE B 418 0.31 -1.27 -4.14
N THR B 419 0.78 -2.39 -3.62
CA THR B 419 0.01 -3.19 -2.68
C THR B 419 0.58 -3.20 -1.27
N GLY B 420 1.86 -2.88 -1.09
CA GLY B 420 2.47 -2.96 0.23
C GLY B 420 3.52 -1.90 0.43
N LEU B 421 4.01 -1.82 1.67
CA LEU B 421 5.04 -0.87 2.06
C LEU B 421 6.04 -1.57 2.96
N ILE B 422 7.19 -0.92 3.15
CA ILE B 422 8.23 -1.39 4.05
C ILE B 422 8.74 -0.17 4.83
N LEU B 423 8.45 -0.13 6.13
CA LEU B 423 8.78 1.00 6.97
C LEU B 423 9.90 0.63 7.94
N THR B 424 10.28 1.59 8.78
CA THR B 424 11.31 1.39 9.79
C THR B 424 11.19 2.51 10.81
N ARG B 425 11.23 2.14 12.09
CA ARG B 425 11.16 3.13 13.16
C ARG B 425 12.47 3.91 13.26
N ASP B 426 12.42 5.04 13.97
CA ASP B 426 13.63 5.79 14.26
C ASP B 426 14.35 5.20 15.47
N GLY B 427 13.60 4.78 16.48
CA GLY B 427 14.19 4.04 17.59
C GLY B 427 14.26 4.77 18.92
N GLY B 428 15.47 5.04 19.38
CA GLY B 428 15.71 5.63 20.68
C GLY B 428 14.92 6.90 20.93
N GLY B 429 13.93 6.82 21.83
CA GLY B 429 13.07 7.95 22.10
C GLY B 429 12.90 8.25 23.58
N ASN B 430 13.15 9.51 23.95
CA ASN B 430 12.97 9.92 25.34
C ASN B 430 11.49 9.99 25.70
N GLY B 431 10.67 10.49 24.77
CA GLY B 431 9.24 10.63 25.00
C GLY B 431 8.43 9.36 24.88
N THR B 432 9.00 8.31 24.30
CA THR B 432 8.33 7.02 24.13
C THR B 432 6.99 7.19 23.43
N ASN B 433 5.90 7.09 24.20
CA ASN B 433 4.56 7.27 23.64
C ASN B 433 4.31 8.69 23.20
N GLY B 434 5.15 9.64 23.60
CA GLY B 434 4.91 11.03 23.27
C GLY B 434 4.81 11.28 21.77
N THR B 435 5.68 10.61 21.00
CA THR B 435 5.61 10.68 19.55
C THR B 435 6.32 9.47 18.96
N GLU B 436 5.77 8.94 17.88
CA GLU B 436 6.36 7.82 17.16
C GLU B 436 6.52 8.20 15.70
N VAL B 437 7.61 7.77 15.09
CA VAL B 437 8.01 8.24 13.77
C VAL B 437 8.38 7.04 12.92
N PHE B 438 7.82 6.96 11.71
CA PHE B 438 8.03 5.83 10.81
C PHE B 438 8.63 6.34 9.50
N ARG B 439 9.85 5.89 9.21
CA ARG B 439 10.57 6.23 7.99
C ARG B 439 10.65 5.03 7.05
N PRO B 440 10.62 5.26 5.74
CA PRO B 440 10.77 4.14 4.80
C PRO B 440 12.22 3.68 4.70
N ALA B 441 12.38 2.40 4.37
CA ALA B 441 13.70 1.82 4.22
C ALA B 441 13.57 0.49 3.49
N GLY B 442 14.70 0.01 2.97
CA GLY B 442 14.77 -1.27 2.31
C GLY B 442 16.08 -1.97 2.55
N GLY B 443 16.28 -2.45 3.80
CA GLY B 443 17.56 -3.02 4.16
C GLY B 443 17.88 -4.32 3.45
N ASP B 444 16.86 -5.08 3.07
CA ASP B 444 17.06 -6.36 2.41
C ASP B 444 15.98 -6.55 1.35
N MET B 445 16.33 -7.31 0.31
CA MET B 445 15.38 -7.65 -0.74
C MET B 445 14.47 -8.81 -0.35
N LYS B 446 14.89 -9.64 0.61
CA LYS B 446 14.08 -10.77 1.04
C LYS B 446 12.75 -10.34 1.64
N ASP B 447 12.64 -9.08 2.08
CA ASP B 447 11.36 -8.59 2.58
C ASP B 447 10.29 -8.58 1.50
N ASN B 448 10.69 -8.45 0.23
CA ASN B 448 9.72 -8.46 -0.86
C ASN B 448 9.20 -9.87 -1.11
N TRP B 449 10.00 -10.90 -0.83
CA TRP B 449 9.51 -12.26 -0.93
C TRP B 449 8.70 -12.66 0.31
N ARG B 450 9.00 -12.06 1.46
CA ARG B 450 8.26 -12.35 2.67
C ARG B 450 6.85 -11.78 2.62
N SER B 451 6.65 -10.70 1.84
CA SER B 451 5.32 -10.12 1.71
C SER B 451 4.37 -10.97 0.88
N GLU B 452 4.88 -12.01 0.21
CA GLU B 452 4.06 -12.91 -0.58
C GLU B 452 4.28 -14.38 -0.22
N LEU B 453 5.22 -14.69 0.67
CA LEU B 453 5.44 -16.05 1.16
C LEU B 453 5.07 -16.20 2.63
N TYR B 454 4.32 -15.24 3.18
CA TYR B 454 3.92 -15.31 4.57
C TYR B 454 2.93 -16.44 4.84
N LYS B 455 2.20 -16.89 3.82
CA LYS B 455 1.10 -17.83 4.01
C LYS B 455 1.47 -19.27 3.65
N TYR B 456 2.67 -19.53 3.15
CA TYR B 456 3.06 -20.86 2.72
C TYR B 456 4.16 -21.42 3.61
N LYS B 457 4.17 -22.75 3.73
CA LYS B 457 5.08 -23.45 4.62
C LYS B 457 5.31 -24.85 4.09
N VAL B 458 6.53 -25.35 4.21
CA VAL B 458 6.92 -26.65 3.68
C VAL B 458 7.00 -27.65 4.82
N VAL B 459 6.44 -28.85 4.61
CA VAL B 459 6.47 -29.92 5.59
C VAL B 459 6.72 -31.25 4.87
N ARG B 460 7.22 -32.22 5.63
CA ARG B 460 7.49 -33.56 5.12
C ARG B 460 6.49 -34.54 5.72
N ILE B 461 5.82 -35.29 4.86
CA ILE B 461 4.83 -36.27 5.30
C ILE B 461 5.55 -37.51 5.82
N GLU B 462 5.24 -37.91 7.06
CA GLU B 462 5.75 -39.15 7.63
C GLU B 462 4.62 -40.17 7.67
N PRO B 463 4.56 -41.10 6.72
CA PRO B 463 3.38 -41.98 6.60
C PRO B 463 3.40 -43.19 7.51
N LEU B 464 4.43 -43.37 8.34
CA LEU B 464 4.55 -44.56 9.18
C LEU B 464 4.01 -44.26 10.57
N GLY B 465 2.90 -44.90 10.91
CA GLY B 465 2.31 -44.77 12.23
C GLY B 465 1.97 -46.11 12.84
N ILE B 466 2.42 -46.35 14.07
CA ILE B 466 2.17 -47.59 14.80
C ILE B 466 1.22 -47.28 15.95
N ALA B 467 0.11 -48.02 16.01
CA ALA B 467 -0.86 -47.86 17.07
C ALA B 467 -1.37 -49.22 17.51
N PRO B 468 -1.61 -49.42 18.80
CA PRO B 468 -2.06 -50.72 19.28
C PRO B 468 -3.55 -50.94 19.04
N THR B 469 -3.87 -52.14 18.60
CA THR B 469 -5.25 -52.62 18.50
C THR B 469 -5.34 -53.99 19.14
N LYS B 470 -6.56 -54.50 19.22
CA LYS B 470 -6.80 -55.86 19.69
C LYS B 470 -6.74 -56.87 18.55
N CYS B 471 -5.70 -56.80 17.74
CA CYS B 471 -5.51 -57.69 16.61
C CYS B 471 -4.11 -58.26 16.62
N LYS B 472 -4.00 -59.57 16.41
CA LYS B 472 -2.72 -60.25 16.36
C LYS B 472 -2.60 -61.01 15.05
N ARG B 473 -1.37 -61.09 14.53
CA ARG B 473 -1.11 -61.84 13.32
C ARG B 473 -1.31 -63.33 13.57
N ARG B 474 -1.52 -64.08 12.48
CA ARG B 474 -1.68 -65.52 12.57
C ARG B 474 -0.46 -66.14 13.22
N VAL B 475 -0.69 -66.92 14.29
CA VAL B 475 0.41 -67.49 15.06
C VAL B 475 1.20 -68.44 14.18
N VAL B 476 2.53 -68.42 14.34
CA VAL B 476 3.39 -69.22 13.49
C VAL B 476 3.38 -70.69 13.91
N GLY B 477 3.23 -70.96 15.19
CA GLY B 477 3.23 -72.34 15.68
C GLY B 477 1.93 -73.07 15.39
N GLU C 1 -6.97 -33.33 30.16
CA GLU C 1 -5.82 -32.58 30.67
C GLU C 1 -6.03 -31.08 30.49
N GLY C 2 -7.31 -30.68 30.37
CA GLY C 2 -7.67 -29.29 30.22
C GLY C 2 -8.52 -28.83 31.39
N GLN C 3 -8.66 -27.50 31.50
CA GLN C 3 -9.38 -26.87 32.60
C GLN C 3 -10.55 -26.07 32.05
N LEU C 4 -11.70 -26.18 32.71
CA LEU C 4 -12.89 -25.41 32.40
C LEU C 4 -13.21 -24.50 33.58
N VAL C 5 -13.15 -23.18 33.36
CA VAL C 5 -13.40 -22.19 34.38
C VAL C 5 -14.71 -21.49 34.04
N GLN C 6 -15.65 -21.51 34.98
CA GLN C 6 -16.95 -20.89 34.79
C GLN C 6 -16.96 -19.49 35.41
N SER C 7 -18.00 -18.73 35.06
CA SER C 7 -18.14 -17.38 35.60
C SER C 7 -18.48 -17.43 37.09
N GLY C 8 -18.30 -16.30 37.76
CA GLY C 8 -18.54 -16.22 39.18
C GLY C 8 -20.01 -16.34 39.54
N ALA C 9 -20.25 -16.54 40.83
CA ALA C 9 -21.61 -16.66 41.32
C ALA C 9 -22.33 -15.32 41.24
N GLU C 10 -23.65 -15.39 41.05
CA GLU C 10 -24.45 -14.20 40.83
C GLU C 10 -25.74 -14.28 41.64
N LEU C 11 -26.42 -13.13 41.74
CA LEU C 11 -27.70 -13.02 42.45
C LEU C 11 -28.65 -12.22 41.58
N LYS C 12 -29.71 -12.87 41.11
CA LYS C 12 -30.69 -12.23 40.24
C LYS C 12 -32.08 -12.41 40.81
N LYS C 13 -32.88 -11.35 40.74
CA LYS C 13 -34.24 -11.40 41.22
C LYS C 13 -35.07 -12.34 40.35
N PRO C 14 -36.10 -12.98 40.93
CA PRO C 14 -36.96 -13.85 40.11
C PRO C 14 -37.67 -13.06 39.03
N GLY C 15 -37.77 -13.68 37.85
CA GLY C 15 -38.29 -13.03 36.67
C GLY C 15 -37.26 -12.41 35.78
N ALA C 16 -36.03 -12.21 36.26
CA ALA C 16 -34.96 -11.64 35.48
C ALA C 16 -34.23 -12.73 34.70
N SER C 17 -33.18 -12.34 33.99
CA SER C 17 -32.37 -13.26 33.20
C SER C 17 -30.91 -13.16 33.62
N VAL C 18 -30.15 -14.21 33.29
CA VAL C 18 -28.75 -14.29 33.66
C VAL C 18 -28.02 -15.14 32.62
N LYS C 19 -26.81 -14.72 32.27
CA LYS C 19 -25.99 -15.38 31.26
C LYS C 19 -24.70 -15.88 31.91
N ILE C 20 -24.50 -17.20 31.89
CA ILE C 20 -23.34 -17.83 32.51
C ILE C 20 -22.36 -18.21 31.42
N SER C 21 -21.07 -17.95 31.67
CA SER C 21 -20.00 -18.26 30.72
C SER C 21 -19.19 -19.45 31.21
N CYS C 22 -18.47 -20.07 30.28
CA CYS C 22 -17.65 -21.24 30.58
C CYS C 22 -16.45 -21.20 29.62
N LYS C 23 -15.32 -20.70 30.12
CA LYS C 23 -14.11 -20.57 29.30
C LYS C 23 -13.27 -21.83 29.44
N THR C 24 -12.81 -22.36 28.30
CA THR C 24 -12.11 -23.62 28.24
C THR C 24 -10.67 -23.41 27.78
N SER C 25 -9.80 -24.34 28.17
CA SER C 25 -8.40 -24.31 27.76
C SER C 25 -7.81 -25.70 27.95
N GLY C 26 -6.72 -25.95 27.23
CA GLY C 26 -6.00 -27.21 27.34
C GLY C 26 -6.41 -28.28 26.35
N TYR C 27 -7.34 -27.99 25.45
CA TYR C 27 -7.80 -28.98 24.48
C TYR C 27 -8.42 -28.25 23.30
N ARG C 28 -8.76 -29.02 22.26
CA ARG C 28 -9.43 -28.47 21.08
C ARG C 28 -10.89 -28.24 21.43
N PHE C 29 -11.25 -26.97 21.65
CA PHE C 29 -12.61 -26.61 22.03
C PHE C 29 -13.63 -27.00 20.97
N ASN C 30 -13.22 -27.11 19.71
CA ASN C 30 -14.13 -27.46 18.63
C ASN C 30 -14.52 -28.93 18.61
N PHE C 31 -13.84 -29.79 19.38
CA PHE C 31 -13.92 -31.23 19.24
C PHE C 31 -14.85 -31.90 20.25
N TYR C 32 -15.44 -31.17 21.18
CA TYR C 32 -16.20 -31.80 22.25
C TYR C 32 -17.42 -30.98 22.61
N HIS C 33 -18.54 -31.67 22.78
CA HIS C 33 -19.79 -31.00 23.13
C HIS C 33 -19.68 -30.36 24.52
N ILE C 34 -20.30 -29.21 24.67
CA ILE C 34 -20.36 -28.50 25.94
C ILE C 34 -21.74 -28.73 26.54
N ASN C 35 -21.78 -29.48 27.64
CA ASN C 35 -23.03 -29.79 28.32
C ASN C 35 -23.25 -28.82 29.49
N TRP C 36 -24.52 -28.59 29.80
CA TRP C 36 -24.92 -27.75 30.92
C TRP C 36 -25.82 -28.58 31.83
N ILE C 37 -25.42 -28.73 33.09
CA ILE C 37 -26.15 -29.53 34.07
C ILE C 37 -26.27 -28.71 35.34
N ARG C 38 -27.46 -28.75 35.96
CA ARG C 38 -27.71 -28.04 37.20
C ARG C 38 -28.10 -29.02 38.29
N GLN C 39 -27.98 -28.56 39.54
CA GLN C 39 -28.34 -29.36 40.71
C GLN C 39 -29.06 -28.46 41.70
N THR C 40 -30.29 -28.82 42.05
CA THR C 40 -31.05 -28.11 43.06
C THR C 40 -31.51 -29.09 44.13
N ALA C 41 -31.87 -28.55 45.29
CA ALA C 41 -32.26 -29.40 46.40
C ALA C 41 -33.61 -30.07 46.18
N GLY C 42 -34.48 -29.45 45.38
CA GLY C 42 -35.80 -29.97 45.16
C GLY C 42 -35.88 -31.09 44.14
N ARG C 43 -35.09 -30.97 43.06
CA ARG C 43 -35.14 -31.94 41.97
C ARG C 43 -33.84 -32.73 41.80
N GLY C 44 -32.85 -32.52 42.67
CA GLY C 44 -31.58 -33.19 42.54
C GLY C 44 -30.85 -32.78 41.28
N PRO C 45 -29.91 -33.61 40.82
CA PRO C 45 -29.19 -33.30 39.58
C PRO C 45 -30.11 -33.42 38.38
N GLU C 46 -29.99 -32.46 37.47
CA GLU C 46 -30.85 -32.40 36.29
C GLU C 46 -30.05 -31.89 35.10
N TRP C 47 -29.97 -32.70 34.05
CA TRP C 47 -29.26 -32.33 32.84
C TRP C 47 -30.10 -31.36 32.02
N MET C 48 -29.50 -30.24 31.62
CA MET C 48 -30.21 -29.18 30.91
C MET C 48 -30.06 -29.28 29.40
N GLY C 49 -28.84 -29.40 28.89
CA GLY C 49 -28.64 -29.50 27.46
C GLY C 49 -27.16 -29.49 27.10
N TRP C 50 -26.91 -29.64 25.80
CA TRP C 50 -25.56 -29.53 25.26
C TRP C 50 -25.61 -28.84 23.90
N ILE C 51 -24.47 -28.30 23.50
CA ILE C 51 -24.32 -27.62 22.22
C ILE C 51 -22.97 -28.00 21.62
N SER C 52 -22.94 -28.10 20.29
CA SER C 52 -21.74 -28.51 19.58
C SER C 52 -20.98 -27.29 19.08
N PRO C 53 -19.75 -27.05 19.54
CA PRO C 53 -18.97 -25.93 18.99
C PRO C 53 -18.63 -26.09 17.52
N TYR C 54 -18.63 -27.32 16.99
CA TYR C 54 -18.25 -27.53 15.61
C TYR C 54 -19.41 -27.26 14.65
N SER C 55 -20.58 -27.80 14.94
CA SER C 55 -21.72 -27.69 14.04
C SER C 55 -22.80 -26.72 14.54
N GLY C 56 -22.79 -26.38 15.83
CA GLY C 56 -23.81 -25.52 16.39
C GLY C 56 -25.11 -26.21 16.71
N ASP C 57 -25.21 -27.52 16.50
CA ASP C 57 -26.44 -28.24 16.82
C ASP C 57 -26.59 -28.36 18.32
N LYS C 58 -27.76 -27.96 18.82
CA LYS C 58 -28.05 -27.97 20.24
C LYS C 58 -29.20 -28.94 20.52
N ASN C 59 -29.14 -29.59 21.68
CA ASN C 59 -30.21 -30.47 22.15
C ASN C 59 -30.54 -30.09 23.58
N LEU C 60 -31.76 -29.61 23.80
CA LEU C 60 -32.22 -29.17 25.11
C LEU C 60 -33.30 -30.11 25.62
N ALA C 61 -33.25 -30.38 26.93
CA ALA C 61 -34.34 -31.12 27.55
C ALA C 61 -35.63 -30.32 27.47
N PRO C 62 -36.78 -31.00 27.32
CA PRO C 62 -38.05 -30.26 27.18
C PRO C 62 -38.36 -29.36 28.37
N ALA C 63 -37.80 -29.62 29.55
CA ALA C 63 -38.03 -28.75 30.69
C ALA C 63 -37.31 -27.41 30.56
N PHE C 64 -36.22 -27.37 29.77
CA PHE C 64 -35.46 -26.14 29.55
C PHE C 64 -35.48 -25.69 28.10
N GLN C 65 -36.40 -26.24 27.30
CA GLN C 65 -36.41 -25.95 25.87
C GLN C 65 -36.94 -24.55 25.57
N ASP C 66 -37.67 -23.94 26.48
CA ASP C 66 -38.28 -22.64 26.25
C ASP C 66 -37.65 -21.52 27.06
N ARG C 67 -36.62 -21.82 27.86
CA ARG C 67 -36.03 -20.81 28.73
C ARG C 67 -34.51 -20.78 28.71
N VAL C 68 -33.85 -21.63 27.93
CA VAL C 68 -32.39 -21.69 27.88
C VAL C 68 -31.94 -21.43 26.44
N ILE C 69 -30.96 -20.55 26.29
CA ILE C 69 -30.35 -20.25 24.99
C ILE C 69 -28.85 -20.48 25.13
N MET C 70 -28.33 -21.43 24.35
CA MET C 70 -26.91 -21.79 24.40
C MET C 70 -26.21 -21.25 23.16
N THR C 71 -25.06 -20.62 23.38
CA THR C 71 -24.23 -20.10 22.30
C THR C 71 -22.78 -20.41 22.60
N THR C 72 -21.96 -20.41 21.55
CA THR C 72 -20.53 -20.62 21.66
C THR C 72 -19.79 -19.59 20.82
N ASP C 73 -18.56 -19.30 21.23
CA ASP C 73 -17.68 -18.45 20.43
C ASP C 73 -16.81 -19.31 19.53
N THR C 74 -15.92 -18.67 18.79
CA THR C 74 -14.95 -19.39 17.96
C THR C 74 -13.70 -19.68 18.77
N GLU C 75 -13.12 -20.85 18.54
CA GLU C 75 -11.94 -21.26 19.28
C GLU C 75 -10.75 -20.38 18.92
N VAL C 76 -10.03 -19.91 19.93
CA VAL C 76 -8.78 -19.18 19.73
C VAL C 76 -7.64 -20.19 19.82
N PRO C 77 -7.07 -20.60 18.69
CA PRO C 77 -6.06 -21.66 18.73
C PRO C 77 -4.81 -21.23 19.50
N VAL C 78 -4.23 -22.20 20.20
CA VAL C 78 -2.97 -22.01 20.91
C VAL C 78 -1.86 -22.83 20.28
N THR C 79 -2.03 -24.15 20.20
CA THR C 79 -1.10 -25.01 19.47
C THR C 79 -1.85 -25.82 18.43
N SER C 80 -1.17 -26.81 17.84
CA SER C 80 -1.81 -27.61 16.80
C SER C 80 -2.94 -28.47 17.36
N PHE C 81 -2.85 -28.86 18.64
CA PHE C 81 -3.82 -29.76 19.24
C PHE C 81 -4.53 -29.19 20.45
N THR C 82 -4.31 -27.92 20.79
CA THR C 82 -5.01 -27.27 21.89
C THR C 82 -5.52 -25.91 21.43
N SER C 83 -6.52 -25.41 22.14
CA SER C 83 -7.11 -24.12 21.85
C SER C 83 -7.85 -23.64 23.09
N THR C 84 -8.35 -22.41 23.01
CA THR C 84 -9.16 -21.81 24.07
C THR C 84 -10.50 -21.37 23.50
N GLY C 85 -11.57 -21.66 24.24
CA GLY C 85 -12.91 -21.35 23.79
C GLY C 85 -13.77 -20.87 24.94
N ALA C 86 -15.05 -20.63 24.62
CA ALA C 86 -16.01 -20.15 25.59
C ALA C 86 -17.41 -20.56 25.16
N ALA C 87 -18.22 -20.98 26.13
CA ALA C 87 -19.60 -21.35 25.89
C ALA C 87 -20.50 -20.59 26.86
N TYR C 88 -21.65 -20.15 26.37
CA TYR C 88 -22.55 -19.30 27.14
C TYR C 88 -23.93 -19.94 27.23
N MET C 89 -24.55 -19.82 28.40
CA MET C 89 -25.91 -20.29 28.63
C MET C 89 -26.71 -19.15 29.25
N GLU C 90 -27.74 -18.70 28.55
CA GLU C 90 -28.61 -17.62 29.01
C GLU C 90 -29.96 -18.20 29.41
N ILE C 91 -30.28 -18.12 30.70
CA ILE C 91 -31.52 -18.65 31.25
C ILE C 91 -32.39 -17.48 31.68
N ARG C 92 -33.67 -17.51 31.32
CA ARG C 92 -34.60 -16.43 31.58
C ARG C 92 -35.80 -16.97 32.35
N ASN C 93 -36.61 -16.03 32.87
CA ASN C 93 -37.79 -16.34 33.68
C ASN C 93 -37.41 -17.16 34.91
N LEU C 94 -36.48 -16.61 35.70
CA LEU C 94 -35.97 -17.30 36.87
C LEU C 94 -37.02 -17.38 37.96
N LYS C 95 -37.08 -18.54 38.63
CA LYS C 95 -37.95 -18.76 39.76
C LYS C 95 -37.12 -19.16 40.97
N PHE C 96 -37.79 -19.26 42.13
CA PHE C 96 -37.08 -19.58 43.36
C PHE C 96 -36.52 -20.99 43.34
N ASP C 97 -37.23 -21.93 42.72
CA ASP C 97 -36.76 -23.31 42.66
C ASP C 97 -35.62 -23.50 41.68
N ASP C 98 -35.22 -22.45 40.94
CA ASP C 98 -34.07 -22.51 40.06
C ASP C 98 -32.76 -22.20 40.77
N THR C 99 -32.83 -21.81 42.05
CA THR C 99 -31.61 -21.54 42.81
C THR C 99 -30.82 -22.83 43.01
N GLY C 100 -29.54 -22.79 42.65
CA GLY C 100 -28.70 -23.97 42.79
C GLY C 100 -27.35 -23.75 42.14
N THR C 101 -26.65 -24.86 41.91
CA THR C 101 -25.31 -24.85 41.32
C THR C 101 -25.39 -25.38 39.90
N TYR C 102 -24.79 -24.64 38.97
CA TYR C 102 -24.76 -25.01 37.56
C TYR C 102 -23.35 -25.43 37.16
N PHE C 103 -23.27 -26.35 36.20
CA PHE C 103 -22.01 -26.89 35.73
C PHE C 103 -21.99 -26.95 34.22
N CYS C 104 -20.87 -26.53 33.64
CA CYS C 104 -20.57 -26.85 32.24
C CYS C 104 -19.60 -28.03 32.21
N ALA C 105 -19.78 -28.89 31.21
CA ALA C 105 -19.05 -30.14 31.19
C ALA C 105 -18.67 -30.52 29.76
N LYS C 106 -17.41 -30.91 29.59
CA LYS C 106 -16.89 -31.33 28.30
C LYS C 106 -17.38 -32.72 27.94
N GLY C 107 -17.61 -32.95 26.65
CA GLY C 107 -17.97 -34.26 26.15
C GLY C 107 -16.92 -35.31 26.42
N LEU C 108 -17.20 -36.56 26.04
CA LEU C 108 -16.31 -37.67 26.34
C LEU C 108 -15.43 -38.05 25.15
N LEU C 109 -16.04 -38.42 24.03
CA LEU C 109 -15.31 -38.88 22.86
C LEU C 109 -15.68 -38.03 21.65
N ARG C 110 -14.77 -37.99 20.68
CA ARG C 110 -15.08 -37.33 19.42
C ARG C 110 -16.06 -38.15 18.59
N ASP C 111 -15.87 -39.47 18.56
CA ASP C 111 -16.80 -40.34 17.87
C ASP C 111 -17.12 -41.54 18.75
N GLY C 112 -18.24 -42.18 18.46
CA GLY C 112 -18.72 -43.32 19.21
C GLY C 112 -20.15 -43.13 19.68
N SER C 113 -20.63 -44.15 20.39
CA SER C 113 -22.02 -44.18 20.83
C SER C 113 -22.30 -43.26 22.02
N SER C 114 -21.30 -42.53 22.50
CA SER C 114 -21.46 -41.65 23.66
C SER C 114 -20.43 -40.51 23.54
N THR C 115 -20.67 -39.59 22.61
CA THR C 115 -19.74 -38.50 22.36
C THR C 115 -19.96 -37.31 23.28
N TRP C 116 -21.22 -36.98 23.57
CA TRP C 116 -21.57 -35.81 24.36
C TRP C 116 -21.49 -36.02 25.85
N LEU C 117 -21.19 -37.23 26.31
CA LEU C 117 -21.27 -37.58 27.72
C LEU C 117 -20.39 -36.65 28.56
N PRO C 118 -20.96 -35.93 29.53
CA PRO C 118 -20.15 -34.99 30.33
C PRO C 118 -19.01 -35.65 31.08
N TYR C 119 -17.77 -35.35 30.67
CA TYR C 119 -16.58 -35.97 31.22
C TYR C 119 -15.79 -35.00 32.10
N LEU C 120 -15.35 -33.88 31.55
CA LEU C 120 -14.59 -32.87 32.30
C LEU C 120 -15.54 -31.78 32.76
N TRP C 121 -15.63 -31.60 34.08
CA TRP C 121 -16.59 -30.69 34.69
C TRP C 121 -15.90 -29.44 35.21
N GLY C 122 -16.63 -28.33 35.20
CA GLY C 122 -16.14 -27.09 35.76
C GLY C 122 -16.30 -27.06 37.27
N GLN C 123 -15.80 -25.97 37.87
CA GLN C 123 -15.88 -25.84 39.32
C GLN C 123 -17.28 -25.51 39.79
N GLY C 124 -18.12 -24.98 38.93
CA GLY C 124 -19.50 -24.70 39.30
C GLY C 124 -19.75 -23.21 39.50
N THR C 125 -20.96 -22.79 39.16
CA THR C 125 -21.41 -21.42 39.34
C THR C 125 -22.68 -21.42 40.20
N LEU C 126 -22.65 -20.67 41.29
CA LEU C 126 -23.76 -20.61 42.23
C LEU C 126 -24.73 -19.51 41.79
N LEU C 127 -25.99 -19.87 41.59
CA LEU C 127 -27.03 -18.93 41.19
C LEU C 127 -28.07 -18.84 42.28
N THR C 128 -28.27 -17.64 42.81
CA THR C 128 -29.29 -17.37 43.82
C THR C 128 -30.41 -16.54 43.22
N VAL C 129 -31.64 -17.00 43.40
CA VAL C 129 -32.83 -16.32 42.91
C VAL C 129 -33.66 -15.92 44.13
N SER C 130 -33.75 -14.61 44.37
CA SER C 130 -34.49 -14.12 45.52
C SER C 130 -34.79 -12.64 45.32
N SER C 131 -35.89 -12.19 45.95
CA SER C 131 -36.26 -10.78 45.92
C SER C 131 -35.49 -9.95 46.93
N ALA C 132 -34.74 -10.57 47.82
CA ALA C 132 -33.96 -9.84 48.80
C ALA C 132 -32.75 -9.19 48.14
N SER C 133 -32.23 -8.14 48.79
CA SER C 133 -31.12 -7.38 48.26
C SER C 133 -29.79 -7.98 48.73
N THR C 134 -28.69 -7.35 48.31
CA THR C 134 -27.35 -7.78 48.69
C THR C 134 -26.93 -7.09 49.98
N LYS C 135 -26.47 -7.88 50.94
CA LYS C 135 -26.02 -7.36 52.23
C LYS C 135 -24.56 -7.72 52.44
N GLY C 136 -23.75 -6.74 52.83
CA GLY C 136 -22.35 -6.94 53.08
C GLY C 136 -22.09 -7.65 54.39
N PRO C 137 -21.06 -8.51 54.41
CA PRO C 137 -20.76 -9.27 55.62
C PRO C 137 -19.99 -8.45 56.64
N SER C 138 -19.98 -8.98 57.87
CA SER C 138 -19.22 -8.41 58.97
C SER C 138 -18.23 -9.45 59.48
N VAL C 139 -16.99 -9.03 59.71
CA VAL C 139 -15.91 -9.92 60.09
C VAL C 139 -15.45 -9.58 61.50
N PHE C 140 -15.32 -10.59 62.34
CA PHE C 140 -14.84 -10.46 63.70
C PHE C 140 -13.68 -11.41 63.94
N PRO C 141 -12.74 -11.06 64.80
CA PRO C 141 -11.61 -11.97 65.07
C PRO C 141 -11.99 -13.06 66.05
N LEU C 142 -11.48 -14.26 65.79
CA LEU C 142 -11.61 -15.40 66.70
C LEU C 142 -10.29 -15.57 67.43
N ALA C 143 -10.27 -15.17 68.70
CA ALA C 143 -9.04 -15.16 69.48
C ALA C 143 -8.45 -16.57 69.56
N PRO C 144 -7.12 -16.68 69.69
CA PRO C 144 -6.50 -18.00 69.74
C PRO C 144 -6.99 -18.83 70.91
N SER C 145 -7.17 -20.13 70.65
CA SER C 145 -7.58 -21.09 71.66
C SER C 145 -6.65 -22.28 71.63
N SER C 146 -6.45 -22.89 72.81
CA SER C 146 -5.54 -24.01 72.92
C SER C 146 -6.12 -25.25 72.26
N LYS C 147 -5.26 -25.98 71.55
CA LYS C 147 -5.62 -27.25 70.94
C LYS C 147 -4.92 -28.44 71.59
N SER C 148 -3.68 -28.27 72.00
CA SER C 148 -2.95 -29.33 72.71
C SER C 148 -1.86 -28.66 73.53
N THR C 149 -2.01 -28.67 74.86
CA THR C 149 -1.00 -28.06 75.72
C THR C 149 0.33 -28.81 75.65
N SER C 150 0.28 -30.14 75.66
CA SER C 150 1.51 -30.92 75.53
C SER C 150 2.09 -30.82 74.13
N GLY C 151 1.24 -30.69 73.11
CA GLY C 151 1.73 -30.57 71.75
C GLY C 151 2.12 -29.15 71.36
N GLY C 152 1.68 -28.15 72.11
CA GLY C 152 2.03 -26.78 71.82
C GLY C 152 1.39 -26.26 70.55
N THR C 153 0.10 -26.51 70.37
CA THR C 153 -0.64 -26.09 69.19
C THR C 153 -1.83 -25.24 69.61
N ALA C 154 -2.18 -24.29 68.75
CA ALA C 154 -3.29 -23.37 68.99
C ALA C 154 -4.09 -23.21 67.72
N ALA C 155 -5.26 -22.59 67.85
CA ALA C 155 -6.16 -22.38 66.73
C ALA C 155 -6.74 -20.97 66.79
N LEU C 156 -6.64 -20.24 65.67
CA LEU C 156 -7.17 -18.89 65.56
C LEU C 156 -7.86 -18.75 64.22
N GLY C 157 -8.75 -17.77 64.11
CA GLY C 157 -9.48 -17.59 62.88
C GLY C 157 -10.28 -16.30 62.85
N CYS C 158 -11.22 -16.25 61.91
CA CYS C 158 -12.06 -15.08 61.68
C CYS C 158 -13.49 -15.52 61.44
N LEU C 159 -14.44 -14.78 62.02
CA LEU C 159 -15.86 -15.11 61.94
C LEU C 159 -16.57 -14.13 61.01
N VAL C 160 -17.31 -14.67 60.06
CA VAL C 160 -18.09 -13.88 59.10
C VAL C 160 -19.56 -14.02 59.44
N LYS C 161 -20.31 -12.93 59.29
CA LYS C 161 -21.71 -12.89 59.71
C LYS C 161 -22.54 -12.22 58.63
N ASP C 162 -23.82 -12.01 58.94
CA ASP C 162 -24.85 -11.31 58.16
C ASP C 162 -24.50 -11.00 56.70
N TYR C 163 -24.44 -12.02 55.86
CA TYR C 163 -24.40 -11.82 54.41
C TYR C 163 -25.46 -12.67 53.76
N PHE C 164 -26.17 -12.08 52.79
CA PHE C 164 -27.16 -12.80 52.01
C PHE C 164 -26.51 -13.58 50.88
N PRO C 165 -25.65 -12.98 50.05
CA PRO C 165 -25.04 -13.73 48.95
C PRO C 165 -24.11 -14.81 49.48
N GLU C 166 -24.47 -16.07 49.21
CA GLU C 166 -23.69 -17.19 49.73
C GLU C 166 -22.23 -17.22 49.27
N PRO C 167 -21.88 -16.89 48.01
CA PRO C 167 -20.46 -16.96 47.61
C PRO C 167 -19.55 -16.08 48.45
N VAL C 168 -18.71 -16.70 49.28
CA VAL C 168 -17.73 -16.00 50.12
C VAL C 168 -16.45 -16.82 50.11
N THR C 169 -15.32 -16.16 49.88
CA THR C 169 -14.02 -16.80 49.88
C THR C 169 -13.13 -16.18 50.94
N VAL C 170 -12.29 -17.01 51.57
CA VAL C 170 -11.39 -16.59 52.63
C VAL C 170 -10.00 -17.13 52.32
N SER C 171 -8.99 -16.25 52.43
CA SER C 171 -7.60 -16.64 52.24
C SER C 171 -6.78 -16.10 53.41
N TRP C 172 -5.52 -16.56 53.48
CA TRP C 172 -4.62 -16.18 54.56
C TRP C 172 -3.31 -15.72 53.99
N ASN C 173 -2.87 -14.52 54.40
CA ASN C 173 -1.60 -13.93 53.96
C ASN C 173 -1.52 -13.86 52.43
N SER C 174 -2.61 -13.43 51.80
CA SER C 174 -2.69 -13.29 50.35
C SER C 174 -2.38 -14.60 49.64
N GLY C 175 -2.84 -15.71 50.23
CA GLY C 175 -2.63 -17.03 49.65
C GLY C 175 -1.32 -17.68 50.00
N ALA C 176 -0.46 -17.03 50.79
CA ALA C 176 0.81 -17.62 51.16
C ALA C 176 0.65 -18.68 52.24
N LEU C 177 -0.41 -18.60 53.04
CA LEU C 177 -0.68 -19.55 54.11
C LEU C 177 -1.84 -20.43 53.69
N THR C 178 -1.53 -21.67 53.30
CA THR C 178 -2.54 -22.64 52.91
C THR C 178 -2.59 -23.88 53.80
N SER C 179 -1.51 -24.19 54.51
CA SER C 179 -1.48 -25.37 55.37
C SER C 179 -2.19 -25.10 56.69
N GLY C 180 -2.94 -26.10 57.15
CA GLY C 180 -3.67 -25.99 58.40
C GLY C 180 -4.93 -25.15 58.34
N VAL C 181 -5.39 -24.78 57.16
CA VAL C 181 -6.60 -23.98 57.02
C VAL C 181 -7.82 -24.88 57.04
N HIS C 182 -8.86 -24.45 57.74
CA HIS C 182 -10.10 -25.22 57.85
C HIS C 182 -11.27 -24.25 57.79
N THR C 183 -11.98 -24.26 56.66
CA THR C 183 -13.14 -23.40 56.45
C THR C 183 -14.41 -24.21 56.64
N PHE C 184 -15.34 -23.69 57.45
CA PHE C 184 -16.58 -24.36 57.79
C PHE C 184 -17.73 -23.86 56.92
N PRO C 185 -18.70 -24.72 56.62
CA PRO C 185 -19.87 -24.29 55.85
C PRO C 185 -20.69 -23.25 56.60
N ALA C 186 -21.53 -22.55 55.84
CA ALA C 186 -22.32 -21.45 56.40
C ALA C 186 -23.60 -21.97 57.05
N VAL C 187 -24.17 -21.13 57.91
CA VAL C 187 -25.41 -21.44 58.61
C VAL C 187 -26.53 -20.61 57.98
N LEU C 188 -27.72 -21.19 57.93
CA LEU C 188 -28.90 -20.54 57.37
C LEU C 188 -29.78 -20.08 58.52
N GLN C 189 -29.68 -18.78 58.84
CA GLN C 189 -30.50 -18.22 59.90
C GLN C 189 -31.96 -18.12 59.46
N SER C 190 -32.85 -17.98 60.44
CA SER C 190 -34.28 -17.85 60.15
C SER C 190 -34.59 -16.56 59.41
N SER C 191 -33.76 -15.53 59.55
CA SER C 191 -33.95 -14.27 58.84
C SER C 191 -33.59 -14.36 57.37
N GLY C 192 -32.94 -15.43 56.93
CA GLY C 192 -32.44 -15.52 55.57
C GLY C 192 -31.03 -15.01 55.39
N LEU C 193 -30.24 -14.98 56.46
CA LEU C 193 -28.87 -14.49 56.42
C LEU C 193 -27.91 -15.65 56.66
N TYR C 194 -26.80 -15.66 55.93
CA TYR C 194 -25.83 -16.74 55.97
C TYR C 194 -24.54 -16.26 56.63
N SER C 195 -23.98 -17.12 57.49
CA SER C 195 -22.78 -16.79 58.24
C SER C 195 -21.95 -18.06 58.44
N LEU C 196 -20.63 -17.89 58.45
CA LEU C 196 -19.72 -19.03 58.59
C LEU C 196 -18.57 -18.63 59.50
N SER C 197 -17.61 -19.55 59.63
CA SER C 197 -16.39 -19.32 60.41
C SER C 197 -15.24 -20.05 59.74
N SER C 198 -14.04 -19.52 59.93
CA SER C 198 -12.82 -20.13 59.40
C SER C 198 -11.76 -20.12 60.49
N VAL C 199 -10.99 -21.20 60.58
CA VAL C 199 -9.99 -21.36 61.63
C VAL C 199 -8.76 -22.05 61.05
N VAL C 200 -7.59 -21.67 61.57
CA VAL C 200 -6.32 -22.25 61.16
C VAL C 200 -5.57 -22.67 62.42
N THR C 201 -4.90 -23.83 62.35
CA THR C 201 -4.14 -24.37 63.46
C THR C 201 -2.66 -24.11 63.23
N VAL C 202 -2.02 -23.44 64.20
CA VAL C 202 -0.61 -23.08 64.09
C VAL C 202 0.08 -23.42 65.40
N PRO C 203 1.40 -23.64 65.37
CA PRO C 203 2.14 -23.80 66.62
C PRO C 203 2.05 -22.55 67.48
N SER C 204 1.91 -22.75 68.79
CA SER C 204 1.77 -21.63 69.71
C SER C 204 3.05 -20.80 69.81
N SER C 205 4.20 -21.37 69.47
CA SER C 205 5.45 -20.64 69.55
C SER C 205 5.60 -19.62 68.42
N SER C 206 4.84 -19.75 67.35
CA SER C 206 4.93 -18.84 66.20
C SER C 206 4.12 -17.59 66.53
N LEU C 207 4.77 -16.64 67.18
CA LEU C 207 4.12 -15.39 67.55
C LEU C 207 4.96 -14.18 67.14
N GLY C 208 6.27 -14.37 67.06
CA GLY C 208 7.16 -13.27 66.74
C GLY C 208 7.84 -13.36 65.40
N THR C 209 7.50 -14.37 64.59
CA THR C 209 8.11 -14.54 63.29
C THR C 209 7.13 -14.63 62.13
N GLN C 210 5.83 -14.80 62.39
CA GLN C 210 4.85 -14.97 61.34
C GLN C 210 3.68 -14.03 61.56
N THR C 211 3.21 -13.41 60.48
CA THR C 211 2.04 -12.54 60.51
C THR C 211 0.84 -13.29 59.96
N TYR C 212 -0.29 -13.20 60.66
CA TYR C 212 -1.52 -13.92 60.28
C TYR C 212 -2.59 -12.91 59.92
N ILE C 213 -2.96 -12.86 58.64
CA ILE C 213 -3.98 -11.95 58.12
C ILE C 213 -5.01 -12.77 57.37
N CYS C 214 -6.29 -12.62 57.75
CA CYS C 214 -7.38 -13.29 57.06
C CYS C 214 -8.03 -12.32 56.08
N ASN C 215 -8.11 -12.73 54.82
CA ASN C 215 -8.65 -11.92 53.75
C ASN C 215 -10.02 -12.47 53.34
N VAL C 216 -11.06 -11.69 53.59
CA VAL C 216 -12.44 -12.09 53.27
C VAL C 216 -12.88 -11.35 52.02
N ASN C 217 -13.36 -12.10 51.04
CA ASN C 217 -13.86 -11.53 49.79
C ASN C 217 -15.36 -11.75 49.67
N HIS C 218 -15.98 -10.95 48.80
CA HIS C 218 -17.42 -11.04 48.57
C HIS C 218 -17.76 -10.42 47.23
N LYS C 219 -17.61 -11.17 46.15
CA LYS C 219 -17.85 -10.66 44.80
C LYS C 219 -19.20 -9.99 44.62
N PRO C 220 -20.34 -10.54 45.12
CA PRO C 220 -21.62 -9.85 44.95
C PRO C 220 -21.65 -8.44 45.53
N SER C 221 -21.43 -8.32 46.85
CA SER C 221 -21.37 -7.01 47.47
C SER C 221 -20.12 -6.24 47.11
N ASN C 222 -19.15 -6.89 46.47
CA ASN C 222 -17.90 -6.25 46.04
C ASN C 222 -17.18 -5.60 47.22
N THR C 223 -17.04 -6.37 48.29
CA THR C 223 -16.43 -5.89 49.53
C THR C 223 -15.30 -6.81 49.94
N LYS C 224 -14.13 -6.23 50.23
CA LYS C 224 -12.97 -6.96 50.73
C LYS C 224 -12.67 -6.49 52.14
N VAL C 225 -12.33 -7.44 53.01
CA VAL C 225 -12.00 -7.15 54.40
C VAL C 225 -10.70 -7.87 54.75
N ASP C 226 -9.70 -7.12 55.18
CA ASP C 226 -8.41 -7.66 55.61
C ASP C 226 -8.28 -7.42 57.11
N LYS C 227 -8.47 -8.49 57.89
CA LYS C 227 -8.45 -8.41 59.34
C LYS C 227 -7.18 -9.06 59.89
N ARG C 228 -6.54 -8.39 60.83
CA ARG C 228 -5.35 -8.91 61.49
C ARG C 228 -5.77 -9.61 62.78
N VAL C 229 -5.51 -10.90 62.87
CA VAL C 229 -5.90 -11.68 64.05
C VAL C 229 -4.93 -11.41 65.17
N GLU C 230 -5.44 -10.89 66.29
CA GLU C 230 -4.60 -10.62 67.45
C GLU C 230 -4.14 -11.93 68.06
N PRO C 231 -2.83 -12.19 68.14
CA PRO C 231 -2.35 -13.50 68.60
C PRO C 231 -2.38 -13.70 70.11
N LYS C 232 -2.74 -12.67 70.89
CA LYS C 232 -2.76 -12.79 72.35
C LYS C 232 -4.03 -13.51 72.77
N SER C 233 -3.87 -14.69 73.36
CA SER C 233 -5.00 -15.54 73.73
C SER C 233 -5.43 -15.28 75.16
N CYS C 234 -6.67 -15.68 75.46
CA CYS C 234 -7.23 -15.61 76.81
C CYS C 234 -7.49 -16.98 77.41
N ASP C 235 -7.18 -18.05 76.69
CA ASP C 235 -7.37 -19.41 77.21
C ASP C 235 -6.28 -19.73 78.22
N LYS C 236 -6.70 -20.18 79.40
CA LYS C 236 -5.73 -20.50 80.45
C LYS C 236 -4.84 -21.67 80.04
N GLY C 237 -5.41 -22.68 79.39
CA GLY C 237 -4.62 -23.81 78.94
C GLY C 237 -3.54 -23.41 77.95
N LEU C 238 -3.79 -22.36 77.16
CA LEU C 238 -2.77 -21.85 76.26
C LEU C 238 -1.86 -20.84 76.93
N GLU C 239 -2.33 -20.21 78.01
CA GLU C 239 -1.48 -19.28 78.74
C GLU C 239 -0.31 -19.98 79.41
N VAL C 240 -0.48 -21.26 79.76
CA VAL C 240 0.58 -22.02 80.41
C VAL C 240 1.72 -22.26 79.43
N SER D 2 -37.94 -38.41 40.26
CA SER D 2 -37.31 -39.03 39.10
C SER D 2 -37.80 -40.47 38.93
N VAL D 3 -38.00 -40.87 37.67
CA VAL D 3 -38.49 -42.22 37.38
C VAL D 3 -37.40 -43.28 37.40
N LEU D 4 -36.13 -42.88 37.40
CA LEU D 4 -35.02 -43.81 37.49
C LEU D 4 -34.68 -43.99 38.96
N THR D 5 -35.03 -45.15 39.52
CA THR D 5 -34.91 -45.39 40.96
C THR D 5 -33.66 -46.21 41.25
N GLN D 6 -32.89 -45.75 42.24
CA GLN D 6 -31.76 -46.49 42.77
C GLN D 6 -32.07 -46.93 44.20
N SER D 7 -31.25 -47.84 44.72
CA SER D 7 -31.37 -48.22 46.12
C SER D 7 -31.07 -47.02 47.00
N ALA D 8 -31.99 -46.73 47.93
CA ALA D 8 -31.85 -45.54 48.76
C ALA D 8 -30.57 -45.58 49.59
N SER D 9 -30.21 -46.75 50.10
CA SER D 9 -29.00 -46.89 50.89
C SER D 9 -28.44 -48.30 50.70
N VAL D 10 -27.13 -48.42 50.92
CA VAL D 10 -26.45 -49.70 50.85
C VAL D 10 -25.19 -49.58 51.68
N SER D 11 -24.74 -50.70 52.24
CA SER D 11 -23.60 -50.70 53.16
C SER D 11 -22.70 -51.90 52.86
N GLY D 12 -21.40 -51.70 53.08
CA GLY D 12 -20.43 -52.76 52.91
C GLY D 12 -19.31 -52.59 53.91
N SER D 13 -18.59 -53.67 54.14
CA SER D 13 -17.50 -53.67 55.10
C SER D 13 -16.18 -53.27 54.43
N LEU D 14 -15.20 -52.90 55.26
CA LEU D 14 -13.90 -52.52 54.75
C LEU D 14 -13.23 -53.71 54.06
N GLY D 15 -12.65 -53.46 52.89
CA GLY D 15 -12.01 -54.51 52.14
C GLY D 15 -12.95 -55.47 51.45
N GLN D 16 -14.26 -55.21 51.47
CA GLN D 16 -15.26 -56.07 50.88
C GLN D 16 -15.81 -55.42 49.61
N SER D 17 -16.95 -55.91 49.13
CA SER D 17 -17.59 -55.38 47.93
C SER D 17 -19.02 -54.94 48.26
N VAL D 18 -19.56 -54.11 47.37
CA VAL D 18 -20.92 -53.59 47.54
C VAL D 18 -21.51 -53.37 46.15
N THR D 19 -22.83 -53.53 46.05
CA THR D 19 -23.54 -53.41 44.78
C THR D 19 -24.68 -52.41 44.92
N ILE D 20 -24.77 -51.49 43.96
CA ILE D 20 -25.84 -50.51 43.88
C ILE D 20 -26.74 -50.88 42.70
N SER D 21 -28.05 -50.77 42.90
CA SER D 21 -29.02 -51.08 41.87
C SER D 21 -29.51 -49.81 41.18
N CYS D 22 -30.01 -49.97 39.96
CA CYS D 22 -30.52 -48.87 39.16
C CYS D 22 -31.53 -49.44 38.19
N THR D 23 -32.81 -49.09 38.39
CA THR D 23 -33.88 -49.64 37.56
C THR D 23 -35.01 -48.64 37.47
N GLY D 24 -35.92 -48.91 36.53
CA GLY D 24 -37.08 -48.07 36.32
C GLY D 24 -38.00 -48.66 35.27
N PRO D 25 -38.98 -47.86 34.83
CA PRO D 25 -39.90 -48.35 33.79
C PRO D 25 -39.18 -48.63 32.49
N ASN D 26 -39.87 -49.33 31.60
CA ASN D 26 -39.29 -49.67 30.30
C ASN D 26 -39.09 -48.45 29.42
N SER D 27 -39.77 -47.34 29.73
CA SER D 27 -39.56 -46.11 28.97
C SER D 27 -38.16 -45.54 29.20
N VAL D 28 -37.56 -45.85 30.35
CA VAL D 28 -36.19 -45.45 30.67
C VAL D 28 -35.26 -46.64 30.83
N CYS D 29 -35.75 -47.85 30.54
CA CYS D 29 -35.01 -49.06 30.86
C CYS D 29 -33.74 -49.17 30.02
N CYS D 30 -32.99 -50.25 30.28
CA CYS D 30 -31.62 -50.37 29.83
C CYS D 30 -31.43 -51.36 28.68
N SER D 31 -32.48 -52.09 28.27
CA SER D 31 -32.33 -53.01 27.15
C SER D 31 -31.95 -52.26 25.88
N HIS D 32 -32.47 -51.04 25.70
CA HIS D 32 -32.18 -50.23 24.54
C HIS D 32 -31.48 -48.91 24.90
N LYS D 33 -31.00 -48.79 26.13
CA LYS D 33 -30.31 -47.57 26.57
C LYS D 33 -29.06 -47.94 27.35
N SER D 34 -28.01 -47.16 27.15
CA SER D 34 -26.78 -47.33 27.91
C SER D 34 -26.94 -46.74 29.31
N ILE D 35 -26.19 -47.30 30.25
CA ILE D 35 -26.24 -46.88 31.65
C ILE D 35 -24.85 -46.41 32.06
N SER D 36 -24.78 -45.26 32.71
CA SER D 36 -23.53 -44.71 33.21
C SER D 36 -23.65 -44.46 34.71
N TRP D 37 -22.50 -44.43 35.38
CA TRP D 37 -22.44 -44.24 36.82
C TRP D 37 -21.47 -43.12 37.16
N TYR D 38 -21.84 -42.29 38.14
CA TYR D 38 -21.05 -41.16 38.56
C TYR D 38 -20.88 -41.16 40.07
N GLN D 39 -19.68 -40.80 40.53
CA GLN D 39 -19.41 -40.53 41.93
C GLN D 39 -19.51 -39.03 42.15
N TRP D 40 -20.45 -38.60 43.00
CA TRP D 40 -20.78 -37.20 43.16
C TRP D 40 -20.73 -36.82 44.63
N PRO D 41 -19.56 -36.44 45.14
CA PRO D 41 -19.48 -35.91 46.50
C PRO D 41 -20.24 -34.60 46.61
N PRO D 42 -21.00 -34.40 47.68
CA PRO D 42 -21.75 -33.15 47.83
C PRO D 42 -20.84 -31.94 47.89
N GLY D 43 -21.27 -30.87 47.21
CA GLY D 43 -20.50 -29.65 47.18
C GLY D 43 -19.27 -29.67 46.30
N ARG D 44 -19.08 -30.72 45.51
CA ARG D 44 -17.91 -30.86 44.65
C ARG D 44 -18.36 -31.33 43.26
N ALA D 45 -17.45 -31.18 42.31
CA ALA D 45 -17.73 -31.65 40.96
C ALA D 45 -17.68 -33.17 40.91
N PRO D 46 -18.61 -33.81 40.19
CA PRO D 46 -18.61 -35.28 40.13
C PRO D 46 -17.46 -35.82 39.30
N THR D 47 -17.34 -37.15 39.26
CA THR D 47 -16.31 -37.82 38.48
C THR D 47 -16.92 -39.05 37.83
N LEU D 48 -16.72 -39.19 36.52
CA LEU D 48 -17.27 -40.33 35.79
C LEU D 48 -16.45 -41.58 36.09
N ILE D 49 -17.14 -42.66 36.48
CA ILE D 49 -16.50 -43.91 36.77
C ILE D 49 -16.91 -45.02 35.80
N ILE D 50 -18.11 -44.96 35.23
CA ILE D 50 -18.66 -46.05 34.44
C ILE D 50 -19.50 -45.47 33.31
N TYR D 51 -19.30 -45.96 32.09
CA TYR D 51 -20.07 -45.53 30.93
C TYR D 51 -20.30 -46.73 30.01
N GLU D 52 -21.34 -46.62 29.19
CA GLU D 52 -21.71 -47.69 28.25
C GLU D 52 -21.75 -49.04 28.96
N ASP D 53 -22.41 -49.05 30.13
CA ASP D 53 -22.47 -50.22 30.99
C ASP D 53 -21.10 -50.59 31.53
N ASN D 54 -20.55 -51.73 31.11
CA ASN D 54 -19.39 -52.29 31.80
C ASN D 54 -18.12 -51.46 31.61
N GLU D 55 -17.94 -50.83 30.45
CA GLU D 55 -16.68 -50.14 30.15
C GLU D 55 -16.45 -48.98 31.10
N ARG D 56 -15.30 -48.98 31.77
CA ARG D 56 -15.01 -47.94 32.75
C ARG D 56 -14.24 -46.78 32.13
N ALA D 57 -14.34 -45.62 32.78
CA ALA D 57 -13.72 -44.40 32.29
C ALA D 57 -12.19 -44.48 32.37
N PRO D 58 -11.49 -43.60 31.65
CA PRO D 58 -10.03 -43.61 31.73
C PRO D 58 -9.53 -43.37 33.15
N GLY D 59 -8.47 -44.10 33.52
CA GLY D 59 -7.85 -43.96 34.81
C GLY D 59 -8.60 -44.59 35.97
N ILE D 60 -9.81 -45.11 35.74
CA ILE D 60 -10.58 -45.71 36.82
C ILE D 60 -9.93 -47.02 37.24
N SER D 61 -9.84 -47.23 38.55
CA SER D 61 -9.24 -48.45 39.07
C SER D 61 -10.09 -49.67 38.71
N PRO D 62 -9.46 -50.85 38.60
CA PRO D 62 -10.23 -52.07 38.28
C PRO D 62 -11.16 -52.50 39.39
N ARG D 63 -11.20 -51.81 40.53
CA ARG D 63 -12.11 -52.18 41.61
C ARG D 63 -13.56 -51.96 41.22
N PHE D 64 -13.81 -51.05 40.28
CA PHE D 64 -15.17 -50.72 39.86
C PHE D 64 -15.57 -51.58 38.66
N SER D 65 -16.80 -52.10 38.72
CA SER D 65 -17.33 -52.93 37.66
C SER D 65 -18.81 -52.62 37.46
N GLY D 66 -19.28 -52.82 36.24
CA GLY D 66 -20.67 -52.61 35.92
C GLY D 66 -21.28 -53.83 35.28
N TYR D 67 -22.60 -53.96 35.46
CA TYR D 67 -23.35 -55.07 34.88
C TYR D 67 -24.79 -54.63 34.68
N LYS D 68 -25.36 -55.00 33.54
CA LYS D 68 -26.67 -54.51 33.12
C LYS D 68 -27.53 -55.69 32.68
N SER D 69 -28.60 -55.95 33.42
CA SER D 69 -29.56 -56.97 33.06
C SER D 69 -30.66 -56.35 32.19
N TYR D 70 -31.71 -57.12 31.91
CA TYR D 70 -32.81 -56.60 31.10
C TYR D 70 -33.83 -55.82 31.91
N TRP D 71 -33.78 -55.90 33.25
CA TRP D 71 -34.69 -55.14 34.11
C TRP D 71 -33.98 -54.13 34.99
N SER D 72 -32.67 -54.28 35.21
CA SER D 72 -31.95 -53.35 36.09
C SER D 72 -30.48 -53.39 35.74
N ALA D 73 -29.76 -52.37 36.21
CA ALA D 73 -28.31 -52.29 36.09
C ALA D 73 -27.70 -52.28 37.49
N TYR D 74 -26.43 -52.67 37.57
CA TYR D 74 -25.75 -52.77 38.85
C TYR D 74 -24.34 -52.20 38.74
N LEU D 75 -23.89 -51.60 39.84
CA LEU D 75 -22.53 -51.09 39.97
C LEU D 75 -21.88 -51.76 41.18
N THR D 76 -20.75 -52.41 40.96
CA THR D 76 -20.05 -53.16 42.00
C THR D 76 -18.75 -52.45 42.35
N ILE D 77 -18.57 -52.12 43.62
CA ILE D 77 -17.37 -51.46 44.11
C ILE D 77 -16.67 -52.46 45.03
N SER D 78 -15.51 -52.94 44.61
CA SER D 78 -14.74 -53.92 45.36
C SER D 78 -13.58 -53.24 46.09
N ASP D 79 -13.14 -53.88 47.17
CA ASP D 79 -12.06 -53.38 48.02
C ASP D 79 -12.34 -51.94 48.45
N LEU D 80 -13.39 -51.82 49.27
CA LEU D 80 -13.89 -50.51 49.67
C LEU D 80 -12.84 -49.72 50.43
N ARG D 81 -12.78 -48.41 50.16
CA ARG D 81 -11.84 -47.50 50.79
C ARG D 81 -12.63 -46.43 51.54
N PRO D 82 -11.98 -45.66 52.43
CA PRO D 82 -12.70 -44.55 53.07
C PRO D 82 -13.22 -43.50 52.09
N GLU D 83 -12.53 -43.29 50.97
CA GLU D 83 -12.98 -42.29 50.00
C GLU D 83 -14.18 -42.76 49.18
N ASP D 84 -14.43 -44.07 49.13
CA ASP D 84 -15.58 -44.57 48.38
C ASP D 84 -16.90 -44.31 49.10
N GLU D 85 -16.86 -43.86 50.35
CA GLU D 85 -18.06 -43.59 51.13
C GLU D 85 -18.61 -42.23 50.73
N THR D 86 -19.53 -42.23 49.77
CA THR D 86 -20.11 -40.99 49.26
C THR D 86 -21.40 -41.32 48.53
N THR D 87 -21.89 -40.37 47.74
CA THR D 87 -23.14 -40.51 47.00
C THR D 87 -22.84 -40.91 45.56
N TYR D 88 -23.67 -41.80 45.02
CA TYR D 88 -23.50 -42.32 43.67
C TYR D 88 -24.81 -42.17 42.90
N TYR D 89 -24.69 -41.83 41.61
CA TYR D 89 -25.83 -41.66 40.73
C TYR D 89 -25.63 -42.50 39.47
N CYS D 90 -26.74 -43.00 38.93
CA CYS D 90 -26.77 -43.67 37.63
C CYS D 90 -27.54 -42.82 36.64
N CYS D 91 -27.26 -43.04 35.36
CA CYS D 91 -27.96 -42.31 34.30
C CYS D 91 -28.21 -43.22 33.10
N SER D 92 -29.38 -43.05 32.50
CA SER D 92 -29.76 -43.76 31.28
C SER D 92 -29.75 -42.80 30.12
N TYR D 93 -29.11 -43.19 29.02
CA TYR D 93 -28.96 -42.31 27.87
C TYR D 93 -28.86 -43.11 26.59
N THR D 94 -29.08 -42.42 25.47
CA THR D 94 -28.76 -42.96 24.16
C THR D 94 -27.76 -42.03 23.48
N HIS D 95 -27.62 -42.11 22.16
CA HIS D 95 -26.63 -41.29 21.49
C HIS D 95 -27.14 -39.89 21.18
N ASN D 96 -28.45 -39.72 20.92
CA ASN D 96 -29.01 -38.42 20.59
C ASN D 96 -29.82 -37.79 21.71
N SER D 97 -30.06 -38.51 22.81
CA SER D 97 -30.87 -38.03 23.91
C SER D 97 -30.02 -37.84 25.15
N GLY D 98 -30.24 -36.74 25.86
CA GLY D 98 -29.44 -36.38 27.01
C GLY D 98 -29.55 -37.34 28.20
N CYS D 99 -28.89 -36.98 29.30
CA CYS D 99 -28.82 -37.87 30.45
C CYS D 99 -30.04 -37.71 31.35
N VAL D 100 -30.48 -38.83 31.93
CA VAL D 100 -31.61 -38.89 32.85
C VAL D 100 -31.08 -39.46 34.16
N PHE D 101 -30.84 -38.59 35.15
CA PHE D 101 -30.20 -39.01 36.38
C PHE D 101 -31.15 -39.84 37.25
N GLY D 102 -30.57 -40.69 38.10
CA GLY D 102 -31.32 -41.49 39.03
C GLY D 102 -31.60 -40.77 40.33
N THR D 103 -32.22 -41.50 41.25
CA THR D 103 -32.60 -40.91 42.54
C THR D 103 -31.40 -40.75 43.46
N GLY D 104 -30.38 -41.58 43.31
CA GLY D 104 -29.18 -41.43 44.09
C GLY D 104 -29.06 -42.52 45.15
N THR D 105 -27.82 -42.87 45.48
CA THR D 105 -27.52 -43.90 46.47
C THR D 105 -26.35 -43.44 47.33
N LYS D 106 -26.54 -43.50 48.65
CA LYS D 106 -25.51 -43.16 49.61
C LYS D 106 -24.90 -44.45 50.15
N VAL D 107 -23.58 -44.58 50.02
CA VAL D 107 -22.86 -45.78 50.41
C VAL D 107 -22.18 -45.54 51.75
N SER D 108 -22.32 -46.50 52.67
CA SER D 108 -21.67 -46.46 53.97
C SER D 108 -20.68 -47.60 54.06
N VAL D 109 -19.44 -47.28 54.43
CA VAL D 109 -18.38 -48.27 54.56
C VAL D 109 -18.28 -48.65 56.04
N LEU D 110 -18.67 -49.88 56.36
CA LEU D 110 -18.61 -50.37 57.73
C LEU D 110 -17.22 -50.93 58.02
N GLY D 111 -16.96 -51.17 59.31
CA GLY D 111 -15.69 -51.74 59.73
C GLY D 111 -14.53 -50.76 59.77
N GLN D 112 -14.80 -49.47 59.77
CA GLN D 112 -13.75 -48.47 59.87
C GLN D 112 -13.42 -48.18 61.33
N SER D 113 -12.21 -47.67 61.56
CA SER D 113 -11.77 -47.34 62.91
C SER D 113 -12.47 -46.09 63.40
N LYS D 114 -12.57 -45.96 64.72
CA LYS D 114 -13.20 -44.80 65.32
C LYS D 114 -12.22 -43.63 65.42
N ALA D 115 -12.76 -42.42 65.39
CA ALA D 115 -11.97 -41.19 65.38
C ALA D 115 -12.56 -40.22 66.39
N ASN D 116 -11.79 -39.90 67.42
CA ASN D 116 -12.30 -39.13 68.54
C ASN D 116 -12.71 -37.72 68.07
N PRO D 117 -13.82 -37.18 68.59
CA PRO D 117 -14.26 -35.86 68.15
C PRO D 117 -13.44 -34.74 68.79
N SER D 118 -13.32 -33.65 68.04
CA SER D 118 -12.58 -32.46 68.47
C SER D 118 -13.57 -31.31 68.63
N VAL D 119 -13.75 -30.86 69.87
CA VAL D 119 -14.71 -29.81 70.20
C VAL D 119 -13.95 -28.55 70.58
N THR D 120 -14.46 -27.41 70.13
CA THR D 120 -13.88 -26.11 70.48
C THR D 120 -15.01 -25.09 70.55
N LEU D 121 -15.12 -24.42 71.68
CA LEU D 121 -16.17 -23.44 71.93
C LEU D 121 -15.56 -22.05 72.02
N PHE D 122 -16.14 -21.09 71.30
CA PHE D 122 -15.67 -19.72 71.27
C PHE D 122 -16.73 -18.77 71.82
N PRO D 123 -16.36 -17.86 72.71
CA PRO D 123 -17.32 -16.89 73.23
C PRO D 123 -17.50 -15.74 72.26
N PRO D 124 -18.48 -14.86 72.49
CA PRO D 124 -18.62 -13.68 71.63
C PRO D 124 -17.50 -12.69 71.88
N SER D 125 -17.05 -12.03 70.81
CA SER D 125 -15.97 -11.07 70.92
C SER D 125 -16.47 -9.79 71.60
N SER D 126 -15.52 -9.02 72.13
CA SER D 126 -15.86 -7.75 72.75
C SER D 126 -16.43 -6.76 71.74
N GLU D 127 -15.98 -6.84 70.48
CA GLU D 127 -16.56 -6.01 69.44
C GLU D 127 -18.00 -6.44 69.14
N GLU D 128 -18.32 -7.72 69.34
CA GLU D 128 -19.68 -8.19 69.13
C GLU D 128 -20.59 -7.81 70.29
N LEU D 129 -20.11 -7.96 71.53
CA LEU D 129 -20.85 -7.44 72.68
C LEU D 129 -20.99 -5.93 72.60
N GLN D 130 -20.01 -5.25 72.00
CA GLN D 130 -20.12 -3.82 71.76
C GLN D 130 -21.25 -3.51 70.78
N ALA D 131 -21.43 -4.37 69.78
CA ALA D 131 -22.53 -4.24 68.83
C ALA D 131 -23.84 -4.77 69.39
N ASN D 132 -23.87 -5.12 70.68
CA ASN D 132 -25.06 -5.51 71.44
C ASN D 132 -25.63 -6.87 71.07
N LYS D 133 -24.85 -7.75 70.44
CA LYS D 133 -25.25 -9.12 70.21
C LYS D 133 -24.24 -10.07 70.84
N ALA D 134 -24.60 -11.33 70.92
CA ALA D 134 -23.74 -12.35 71.50
C ALA D 134 -24.00 -13.67 70.79
N THR D 135 -22.94 -14.30 70.29
CA THR D 135 -23.06 -15.58 69.59
C THR D 135 -21.95 -16.51 70.08
N LEU D 136 -22.35 -17.63 70.67
CA LEU D 136 -21.41 -18.69 71.04
C LEU D 136 -21.24 -19.63 69.86
N VAL D 137 -19.98 -19.94 69.53
CA VAL D 137 -19.64 -20.75 68.37
C VAL D 137 -19.01 -22.04 68.86
N CYS D 138 -19.69 -23.16 68.62
CA CYS D 138 -19.21 -24.49 69.01
C CYS D 138 -18.80 -25.22 67.73
N LEU D 139 -17.50 -25.27 67.47
CA LEU D 139 -16.95 -25.94 66.31
C LEU D 139 -16.52 -27.35 66.67
N ILE D 140 -16.86 -28.31 65.81
CA ILE D 140 -16.60 -29.72 66.07
C ILE D 140 -16.11 -30.38 64.78
N SER D 141 -15.01 -31.13 64.88
CA SER D 141 -14.38 -31.73 63.71
C SER D 141 -13.87 -33.12 64.06
N ASP D 142 -13.43 -33.84 63.02
CA ASP D 142 -12.87 -35.18 63.15
C ASP D 142 -13.87 -36.15 63.77
N PHE D 143 -14.79 -36.66 62.96
CA PHE D 143 -15.86 -37.54 63.42
C PHE D 143 -15.75 -38.89 62.74
N TYR D 144 -15.90 -39.96 63.53
CA TYR D 144 -15.98 -41.30 62.95
C TYR D 144 -17.36 -41.57 62.36
N PRO D 145 -18.49 -41.19 63.01
CA PRO D 145 -19.79 -41.46 62.38
C PRO D 145 -20.34 -40.23 61.69
N GLY D 146 -21.28 -40.43 60.77
CA GLY D 146 -21.86 -39.30 60.08
C GLY D 146 -23.01 -38.67 60.83
N ALA D 147 -22.82 -38.40 62.12
CA ALA D 147 -23.91 -37.86 62.93
C ALA D 147 -23.36 -37.28 64.23
N VAL D 148 -24.03 -36.23 64.72
CA VAL D 148 -23.78 -35.64 66.02
C VAL D 148 -25.12 -35.22 66.62
N THR D 149 -25.10 -34.89 67.91
CA THR D 149 -26.22 -34.24 68.58
C THR D 149 -25.65 -33.19 69.53
N VAL D 150 -26.10 -31.95 69.37
CA VAL D 150 -25.55 -30.81 70.10
C VAL D 150 -26.62 -30.26 71.04
N ALA D 151 -26.21 -29.94 72.26
CA ALA D 151 -27.07 -29.32 73.25
C ALA D 151 -26.34 -28.14 73.88
N TRP D 152 -27.09 -27.07 74.15
CA TRP D 152 -26.56 -25.87 74.79
C TRP D 152 -27.16 -25.73 76.18
N LYS D 153 -26.37 -25.16 77.09
CA LYS D 153 -26.80 -25.00 78.47
C LYS D 153 -26.38 -23.64 79.02
N ALA D 154 -27.31 -23.00 79.73
CA ALA D 154 -27.07 -21.71 80.37
C ALA D 154 -27.08 -21.95 81.88
N ASP D 155 -25.90 -21.84 82.50
CA ASP D 155 -25.72 -22.13 83.92
C ASP D 155 -26.20 -23.55 84.23
N SER D 156 -25.67 -24.52 83.48
CA SER D 156 -25.94 -25.94 83.60
C SER D 156 -27.40 -26.30 83.34
N SER D 157 -28.18 -25.42 82.70
CA SER D 157 -29.57 -25.67 82.39
C SER D 157 -29.82 -25.45 80.90
N PRO D 158 -30.63 -26.30 80.27
CA PRO D 158 -30.77 -26.27 78.81
C PRO D 158 -31.17 -24.89 78.27
N VAL D 159 -30.82 -24.66 77.01
CA VAL D 159 -31.21 -23.48 76.26
C VAL D 159 -31.99 -23.93 75.04
N LYS D 160 -32.99 -23.13 74.65
CA LYS D 160 -33.84 -23.46 73.51
C LYS D 160 -34.12 -22.29 72.57
N ALA D 161 -33.70 -21.08 72.90
CA ALA D 161 -33.94 -19.91 72.05
C ALA D 161 -32.63 -19.46 71.42
N GLY D 162 -32.62 -19.37 70.09
CA GLY D 162 -31.44 -18.93 69.37
C GLY D 162 -30.44 -20.01 69.03
N VAL D 163 -30.84 -21.27 69.08
CA VAL D 163 -29.96 -22.39 68.77
C VAL D 163 -30.08 -22.72 67.29
N GLU D 164 -28.95 -22.73 66.59
CA GLU D 164 -28.91 -23.08 65.17
C GLU D 164 -27.72 -24.01 64.95
N THR D 165 -28.00 -25.25 64.56
CA THR D 165 -26.97 -26.26 64.35
C THR D 165 -26.97 -26.68 62.88
N THR D 166 -25.77 -26.82 62.32
CA THR D 166 -25.60 -27.21 60.93
C THR D 166 -25.60 -28.73 60.81
N THR D 167 -25.77 -29.20 59.56
CA THR D 167 -25.67 -30.61 59.26
C THR D 167 -24.21 -31.04 59.22
N PRO D 168 -23.92 -32.31 59.48
CA PRO D 168 -22.53 -32.78 59.42
C PRO D 168 -21.99 -32.74 58.00
N SER D 169 -20.73 -32.36 57.86
CA SER D 169 -20.06 -32.26 56.58
C SER D 169 -18.78 -33.08 56.60
N LYS D 170 -18.41 -33.61 55.44
CA LYS D 170 -17.26 -34.50 55.32
C LYS D 170 -15.99 -33.68 55.08
N GLN D 171 -14.93 -34.03 55.82
CA GLN D 171 -13.65 -33.36 55.68
C GLN D 171 -12.87 -33.98 54.51
N SER D 172 -11.82 -33.28 54.09
CA SER D 172 -10.97 -33.78 53.00
C SER D 172 -10.26 -35.08 53.40
N ASN D 173 -10.00 -35.27 54.70
CA ASN D 173 -9.37 -36.47 55.20
C ASN D 173 -10.38 -37.58 55.50
N ASN D 174 -11.55 -37.54 54.85
CA ASN D 174 -12.61 -38.54 54.98
C ASN D 174 -13.21 -38.58 56.38
N LYS D 175 -12.83 -37.66 57.26
CA LYS D 175 -13.51 -37.49 58.53
C LYS D 175 -14.70 -36.56 58.33
N TYR D 176 -15.43 -36.28 59.40
CA TYR D 176 -16.60 -35.42 59.32
C TYR D 176 -16.44 -34.21 60.23
N ALA D 177 -17.32 -33.24 60.04
CA ALA D 177 -17.26 -31.99 60.79
C ALA D 177 -18.64 -31.36 60.83
N ALA D 178 -18.85 -30.50 61.83
CA ALA D 178 -20.12 -29.80 62.01
C ALA D 178 -19.88 -28.59 62.89
N SER D 179 -20.92 -27.78 63.07
CA SER D 179 -20.82 -26.58 63.88
C SER D 179 -22.21 -26.22 64.41
N SER D 180 -22.21 -25.45 65.50
CA SER D 180 -23.45 -24.99 66.11
C SER D 180 -23.26 -23.56 66.60
N TYR D 181 -24.34 -22.80 66.59
CA TYR D 181 -24.31 -21.39 66.99
C TYR D 181 -25.45 -21.12 67.95
N LEU D 182 -25.15 -20.34 69.00
CA LEU D 182 -26.14 -19.93 69.99
C LEU D 182 -26.20 -18.41 70.02
N SER D 183 -27.31 -17.85 69.56
CA SER D 183 -27.52 -16.41 69.56
C SER D 183 -28.14 -15.98 70.88
N LEU D 184 -27.59 -14.92 71.47
CA LEU D 184 -28.02 -14.45 72.77
C LEU D 184 -27.99 -12.93 72.83
N THR D 185 -28.80 -12.38 73.72
CA THR D 185 -28.75 -10.96 74.04
C THR D 185 -27.67 -10.73 75.11
N PRO D 186 -27.14 -9.50 75.19
CA PRO D 186 -26.07 -9.25 76.18
C PRO D 186 -26.52 -9.42 77.62
N GLU D 187 -27.81 -9.28 77.91
CA GLU D 187 -28.28 -9.47 79.28
C GLU D 187 -28.18 -10.93 79.70
N GLN D 188 -28.64 -11.85 78.83
CA GLN D 188 -28.53 -13.27 79.15
C GLN D 188 -27.07 -13.70 79.27
N TRP D 189 -26.18 -13.10 78.48
CA TRP D 189 -24.78 -13.47 78.53
C TRP D 189 -24.13 -13.03 79.84
N LYS D 190 -24.49 -11.84 80.33
CA LYS D 190 -23.88 -11.31 81.55
C LYS D 190 -24.55 -11.79 82.82
N SER D 191 -25.80 -12.26 82.75
CA SER D 191 -26.56 -12.65 83.93
C SER D 191 -26.35 -14.11 84.32
N HIS D 192 -25.43 -14.82 83.67
CA HIS D 192 -25.16 -16.21 83.98
C HIS D 192 -23.70 -16.40 84.35
N ARG D 193 -23.44 -17.47 85.11
CA ARG D 193 -22.08 -17.76 85.53
C ARG D 193 -21.28 -18.46 84.44
N SER D 194 -21.94 -19.25 83.59
CA SER D 194 -21.24 -19.98 82.54
C SER D 194 -22.26 -20.49 81.52
N TYR D 195 -21.76 -20.73 80.31
CA TYR D 195 -22.50 -21.39 79.25
C TYR D 195 -21.74 -22.64 78.82
N SER D 196 -22.46 -23.59 78.24
CA SER D 196 -21.86 -24.88 77.91
C SER D 196 -22.41 -25.40 76.58
N CYS D 197 -21.52 -26.01 75.81
CA CYS D 197 -21.87 -26.72 74.58
C CYS D 197 -21.57 -28.20 74.79
N GLN D 198 -22.60 -29.04 74.68
CA GLN D 198 -22.49 -30.47 74.91
C GLN D 198 -22.69 -31.21 73.59
N VAL D 199 -21.66 -31.91 73.14
CA VAL D 199 -21.72 -32.71 71.93
C VAL D 199 -21.87 -34.17 72.33
N THR D 200 -22.98 -34.77 71.96
CA THR D 200 -23.32 -36.14 72.37
C THR D 200 -23.19 -37.09 71.19
N HIS D 201 -22.42 -38.16 71.39
CA HIS D 201 -22.33 -39.25 70.43
C HIS D 201 -22.78 -40.53 71.11
N GLU D 202 -23.04 -41.55 70.28
CA GLU D 202 -23.53 -42.82 70.81
C GLU D 202 -22.48 -43.55 71.63
N GLY D 203 -21.21 -43.18 71.51
CA GLY D 203 -20.15 -43.84 72.24
C GLY D 203 -19.58 -43.01 73.38
N SER D 204 -19.62 -41.69 73.24
CA SER D 204 -19.09 -40.81 74.27
C SER D 204 -19.70 -39.42 74.11
N THR D 205 -19.94 -38.76 75.24
CA THR D 205 -20.48 -37.40 75.26
C THR D 205 -19.41 -36.46 75.81
N VAL D 206 -19.09 -35.44 75.04
CA VAL D 206 -18.08 -34.45 75.40
C VAL D 206 -18.79 -33.14 75.73
N GLU D 207 -18.26 -32.42 76.72
CA GLU D 207 -18.82 -31.16 77.16
C GLU D 207 -17.73 -30.10 77.24
N LYS D 208 -17.97 -28.95 76.62
CA LYS D 208 -17.08 -27.80 76.71
C LYS D 208 -17.85 -26.63 77.30
N THR D 209 -17.19 -25.87 78.17
CA THR D 209 -17.85 -24.82 78.95
C THR D 209 -17.05 -23.53 78.86
N VAL D 210 -17.74 -22.43 78.58
CA VAL D 210 -17.16 -21.10 78.67
C VAL D 210 -17.89 -20.34 79.77
N ALA D 211 -17.24 -19.27 80.26
CA ALA D 211 -17.79 -18.49 81.34
C ALA D 211 -17.67 -17.01 81.00
N PRO D 212 -18.74 -16.22 81.19
CA PRO D 212 -18.64 -14.77 80.90
C PRO D 212 -17.75 -14.03 81.88
N THR D 213 -17.41 -14.63 83.02
CA THR D 213 -16.59 -13.93 83.99
C THR D 213 -15.15 -13.76 83.51
N GLU D 214 -14.63 -14.74 82.77
CA GLU D 214 -13.26 -14.68 82.29
C GLU D 214 -13.21 -14.69 80.77
N VAL E 2 -5.18 49.40 -30.43
CA VAL E 2 -4.31 50.49 -30.03
C VAL E 2 -3.66 51.10 -31.27
N GLN E 3 -3.30 52.38 -31.18
CA GLN E 3 -2.64 53.09 -32.28
C GLN E 3 -1.24 53.49 -31.84
N LEU E 4 -0.26 53.24 -32.72
CA LEU E 4 1.13 53.58 -32.46
C LEU E 4 1.65 54.47 -33.58
N GLN E 5 2.41 55.50 -33.21
CA GLN E 5 3.05 56.37 -34.18
C GLN E 5 4.41 56.79 -33.66
N GLU E 6 5.43 56.68 -34.50
CA GLU E 6 6.81 56.95 -34.12
C GLU E 6 7.21 58.37 -34.49
N SER E 7 8.30 58.83 -33.88
CA SER E 7 8.91 60.11 -34.20
C SER E 7 10.40 59.99 -33.94
N GLY E 8 11.20 60.54 -34.85
CA GLY E 8 12.64 60.40 -34.76
C GLY E 8 13.40 61.61 -35.24
N PRO E 9 14.73 61.47 -35.34
CA PRO E 9 15.57 62.59 -35.77
C PRO E 9 15.68 62.71 -37.27
N GLY E 10 15.56 61.57 -37.97
CA GLY E 10 15.72 61.56 -39.41
C GLY E 10 17.18 61.49 -39.83
N LEU E 11 18.07 62.00 -38.99
CA LEU E 11 19.49 62.00 -39.27
C LEU E 11 20.27 61.99 -37.97
N VAL E 12 21.27 61.12 -37.89
CA VAL E 12 22.20 61.07 -36.76
C VAL E 12 23.62 60.99 -37.32
N ARG E 13 24.57 61.63 -36.63
CA ARG E 13 25.93 61.51 -37.13
C ARG E 13 26.60 60.27 -36.54
N PRO E 14 27.62 59.74 -37.21
CA PRO E 14 28.36 58.60 -36.64
C PRO E 14 28.94 58.96 -35.28
N SER E 15 28.96 57.96 -34.39
CA SER E 15 29.45 58.03 -33.01
C SER E 15 28.55 58.86 -32.10
N GLU E 16 27.32 59.17 -32.51
CA GLU E 16 26.38 59.89 -31.69
C GLU E 16 25.28 58.93 -31.21
N THR E 17 24.22 59.48 -30.61
CA THR E 17 23.20 58.70 -29.94
C THR E 17 21.86 58.85 -30.67
N LEU E 18 21.33 57.73 -31.16
CA LEU E 18 20.03 57.71 -31.78
C LEU E 18 18.93 57.81 -30.71
N SER E 19 17.80 58.39 -31.09
CA SER E 19 16.68 58.54 -30.18
C SER E 19 15.38 58.59 -30.96
N VAL E 20 14.44 57.71 -30.62
CA VAL E 20 13.11 57.68 -31.23
C VAL E 20 12.06 57.58 -30.15
N THR E 21 10.86 58.06 -30.46
CA THR E 21 9.74 58.08 -29.52
C THR E 21 8.52 57.46 -30.18
N CYS E 22 7.68 56.83 -29.36
CA CYS E 22 6.51 56.10 -29.82
C CYS E 22 5.31 56.47 -28.95
N ILE E 23 4.36 57.20 -29.53
CA ILE E 23 3.15 57.60 -28.82
C ILE E 23 2.08 56.54 -29.01
N VAL E 24 1.42 56.16 -27.93
CA VAL E 24 0.37 55.14 -27.97
C VAL E 24 -0.97 55.81 -27.73
N SER E 25 -2.02 55.18 -28.24
CA SER E 25 -3.38 55.69 -28.12
C SER E 25 -4.37 54.53 -28.09
N GLY E 26 -5.49 54.75 -27.43
CA GLY E 26 -6.53 53.75 -27.32
C GLY E 26 -6.31 52.70 -26.26
N GLY E 27 -5.16 52.71 -25.58
CA GLY E 27 -4.88 51.73 -24.55
C GLY E 27 -3.89 52.21 -23.52
N SER E 28 -4.07 51.81 -22.27
CA SER E 28 -3.18 52.22 -21.21
C SER E 28 -1.82 51.55 -21.35
N ILE E 29 -0.76 52.33 -21.13
CA ILE E 29 0.60 51.82 -21.29
C ILE E 29 1.03 50.96 -20.11
N SER E 30 0.34 51.04 -18.97
CA SER E 30 0.84 50.41 -17.76
C SER E 30 0.62 48.91 -17.75
N ASN E 31 -0.39 48.42 -18.47
CA ASN E 31 -0.81 47.02 -18.37
C ASN E 31 -0.30 46.17 -19.54
N TYR E 32 0.79 46.57 -20.19
CA TYR E 32 1.24 45.84 -21.37
C TYR E 32 2.76 45.84 -21.44
N TYR E 33 3.28 44.93 -22.26
CA TYR E 33 4.68 44.90 -22.65
C TYR E 33 4.85 45.64 -23.96
N TRP E 34 5.97 46.36 -24.10
CA TRP E 34 6.26 47.12 -25.30
C TRP E 34 7.68 46.81 -25.75
N THR E 35 7.89 46.85 -27.07
CA THR E 35 9.15 46.42 -27.66
C THR E 35 9.50 47.29 -28.85
N TRP E 36 10.77 47.20 -29.27
CA TRP E 36 11.28 47.95 -30.42
C TRP E 36 11.94 46.98 -31.40
N ILE E 37 11.67 47.18 -32.68
CA ILE E 37 12.27 46.42 -33.77
C ILE E 37 12.66 47.38 -34.88
N ARG E 38 13.75 47.06 -35.57
CA ARG E 38 14.24 47.87 -36.68
C ARG E 38 14.47 46.99 -37.90
N GLN E 39 14.62 47.64 -39.05
CA GLN E 39 15.00 46.95 -40.28
C GLN E 39 15.91 47.87 -41.08
N SER E 40 17.15 47.44 -41.25
CA SER E 40 18.14 48.17 -42.04
C SER E 40 18.05 47.78 -43.51
N PRO E 41 18.53 48.63 -44.42
CA PRO E 41 18.51 48.27 -45.83
C PRO E 41 19.31 47.00 -46.11
N GLY E 42 18.73 46.12 -46.92
CA GLY E 42 19.39 44.87 -47.25
C GLY E 42 19.44 43.85 -46.13
N LYS E 43 18.77 44.11 -45.01
CA LYS E 43 18.74 43.20 -43.87
C LYS E 43 17.30 42.88 -43.51
N GLY E 44 17.14 42.03 -42.50
CA GLY E 44 15.83 41.65 -42.01
C GLY E 44 15.47 42.34 -40.71
N LEU E 45 14.28 42.00 -40.22
CA LEU E 45 13.80 42.55 -38.96
C LEU E 45 14.68 42.06 -37.82
N GLU E 46 15.24 42.99 -37.05
CA GLU E 46 16.07 42.67 -35.90
C GLU E 46 15.36 43.12 -34.63
N TRP E 47 15.16 42.18 -33.71
CA TRP E 47 14.50 42.48 -32.45
C TRP E 47 15.49 43.18 -31.51
N ILE E 48 15.16 44.40 -31.11
CA ILE E 48 16.05 45.19 -30.27
C ILE E 48 15.90 44.78 -28.80
N GLY E 49 14.70 44.95 -28.25
CA GLY E 49 14.46 44.62 -26.86
C GLY E 49 13.04 45.00 -26.50
N TYR E 50 12.72 44.83 -25.22
CA TYR E 50 11.38 45.11 -24.74
C TYR E 50 11.42 45.55 -23.29
N ILE E 51 10.36 46.26 -22.88
CA ILE E 51 10.16 46.67 -21.51
C ILE E 51 8.90 45.99 -20.99
N SER E 52 8.92 45.63 -19.71
CA SER E 52 7.80 44.96 -19.08
C SER E 52 6.88 45.97 -18.43
N ASP E 53 5.75 45.47 -17.90
CA ASP E 53 4.87 46.30 -17.10
C ASP E 53 5.52 46.73 -15.80
N ARG E 54 6.50 45.98 -15.32
CA ARG E 54 7.29 46.35 -14.15
C ARG E 54 8.39 47.35 -14.49
N GLU E 55 8.38 47.89 -15.70
CA GLU E 55 9.40 48.82 -16.19
C GLU E 55 10.80 48.19 -16.18
N THR E 56 10.86 46.87 -16.29
CA THR E 56 12.11 46.15 -16.44
C THR E 56 12.36 45.84 -17.91
N THR E 57 13.61 45.96 -18.33
CA THR E 57 13.95 45.87 -19.75
C THR E 57 14.88 44.70 -20.01
N THR E 58 14.77 44.14 -21.21
CA THR E 58 15.63 43.06 -21.69
C THR E 58 16.00 43.35 -23.13
N TYR E 59 17.26 43.12 -23.48
CA TYR E 59 17.79 43.53 -24.77
C TYR E 59 18.48 42.37 -25.47
N ASN E 60 18.45 42.43 -26.80
CA ASN E 60 19.20 41.50 -27.62
C ASN E 60 20.68 41.69 -27.37
N PRO E 61 21.44 40.62 -27.07
CA PRO E 61 22.90 40.79 -26.92
C PRO E 61 23.60 41.23 -28.20
N SER E 62 22.97 41.08 -29.36
CA SER E 62 23.59 41.53 -30.60
C SER E 62 23.67 43.06 -30.67
N LEU E 63 22.92 43.77 -29.84
CA LEU E 63 23.01 45.22 -29.77
C LEU E 63 24.13 45.70 -28.84
N ASN E 64 24.72 44.80 -28.05
CA ASN E 64 25.92 45.08 -27.26
C ASN E 64 25.68 46.20 -26.25
N SER E 65 24.52 46.16 -25.59
CA SER E 65 24.15 47.10 -24.52
C SER E 65 24.16 48.56 -25.00
N ARG E 66 24.14 48.79 -26.31
CA ARG E 66 24.05 50.15 -26.83
C ARG E 66 22.63 50.69 -26.81
N ALA E 67 21.64 49.85 -26.52
CA ALA E 67 20.23 50.24 -26.55
C ALA E 67 19.69 50.39 -25.13
N VAL E 68 18.68 51.24 -25.00
CA VAL E 68 17.98 51.45 -23.74
C VAL E 68 16.54 51.85 -24.05
N ILE E 69 15.60 51.19 -23.39
CA ILE E 69 14.17 51.38 -23.64
C ILE E 69 13.52 51.82 -22.34
N SER E 70 12.61 52.80 -22.43
CA SER E 70 12.01 53.38 -21.25
C SER E 70 10.53 53.67 -21.50
N ARG E 71 9.81 53.91 -20.41
CA ARG E 71 8.40 54.25 -20.43
C ARG E 71 8.20 55.65 -19.85
N ASP E 72 7.07 56.26 -20.23
CA ASP E 72 6.65 57.54 -19.65
C ASP E 72 5.12 57.54 -19.66
N THR E 73 4.53 57.07 -18.56
CA THR E 73 3.08 56.97 -18.47
C THR E 73 2.42 58.36 -18.42
N SER E 74 3.13 59.36 -17.89
CA SER E 74 2.57 60.71 -17.83
C SER E 74 2.30 61.28 -19.22
N LYS E 75 3.04 60.83 -20.23
CA LYS E 75 2.77 61.20 -21.61
C LYS E 75 2.40 59.99 -22.47
N ASN E 76 2.23 58.82 -21.86
CA ASN E 76 1.76 57.61 -22.54
C ASN E 76 2.67 57.22 -23.69
N GLN E 77 3.97 57.54 -23.59
CA GLN E 77 4.90 57.38 -24.68
C GLN E 77 5.96 56.34 -24.35
N LEU E 78 6.36 55.57 -25.35
CA LEU E 78 7.51 54.67 -25.27
C LEU E 78 8.71 55.36 -25.91
N SER E 79 9.90 55.06 -25.39
CA SER E 79 11.11 55.72 -25.84
C SER E 79 12.22 54.70 -26.03
N LEU E 80 13.15 55.02 -26.93
CA LEU E 80 14.31 54.18 -27.21
C LEU E 80 15.50 55.06 -27.54
N GLN E 81 16.65 54.75 -26.96
CA GLN E 81 17.90 55.40 -27.27
C GLN E 81 18.92 54.36 -27.68
N LEU E 82 19.76 54.70 -28.66
CA LEU E 82 20.82 53.81 -29.12
C LEU E 82 22.09 54.66 -29.27
N ARG E 83 23.03 54.48 -28.36
CA ARG E 83 24.24 55.29 -28.32
C ARG E 83 25.32 54.70 -29.24
N SER E 84 26.24 55.57 -29.67
CA SER E 84 27.40 55.18 -30.48
C SER E 84 26.98 54.48 -31.77
N VAL E 85 26.28 55.24 -32.62
CA VAL E 85 25.75 54.67 -33.86
C VAL E 85 26.81 54.67 -34.95
N THR E 86 26.62 53.78 -35.92
CA THR E 86 27.40 53.75 -37.15
C THR E 86 26.43 53.63 -38.32
N THR E 87 26.98 53.54 -39.53
CA THR E 87 26.13 53.49 -40.72
C THR E 87 25.22 52.26 -40.75
N ALA E 88 25.58 51.20 -40.01
CA ALA E 88 24.74 50.01 -39.97
C ALA E 88 23.46 50.24 -39.18
N ASP E 89 23.43 51.25 -38.31
CA ASP E 89 22.25 51.54 -37.51
C ASP E 89 21.20 52.34 -38.27
N THR E 90 21.45 52.70 -39.53
CA THR E 90 20.45 53.33 -40.36
C THR E 90 19.33 52.34 -40.65
N ALA E 91 18.12 52.65 -40.18
CA ALA E 91 17.02 51.71 -40.30
C ALA E 91 15.71 52.44 -40.04
N ILE E 92 14.61 51.79 -40.42
CA ILE E 92 13.28 52.21 -40.02
C ILE E 92 12.93 51.50 -38.72
N TYR E 93 12.57 52.29 -37.70
CA TYR E 93 12.38 51.79 -36.34
C TYR E 93 10.90 51.68 -36.02
N PHE E 94 10.44 50.46 -35.78
CA PHE E 94 9.05 50.20 -35.42
C PHE E 94 8.94 49.97 -33.92
N CYS E 95 7.84 50.44 -33.34
CA CYS E 95 7.46 50.09 -31.98
C CYS E 95 6.23 49.20 -32.02
N ALA E 96 6.14 48.27 -31.07
CA ALA E 96 5.09 47.27 -31.10
C ALA E 96 4.71 46.86 -29.69
N THR E 97 3.51 46.30 -29.57
CA THR E 97 3.04 45.71 -28.33
C THR E 97 3.48 44.25 -28.28
N ALA E 98 3.80 43.79 -27.07
CA ALA E 98 4.29 42.43 -26.86
C ALA E 98 3.36 41.70 -25.91
N ARG E 99 2.92 40.50 -26.33
CA ARG E 99 2.12 39.61 -25.51
C ARG E 99 2.93 38.38 -25.17
N ARG E 100 2.88 37.96 -23.91
CA ARG E 100 3.64 36.80 -23.44
C ARG E 100 2.72 35.59 -23.37
N GLY E 101 3.11 34.52 -24.05
CA GLY E 101 2.39 33.26 -24.00
C GLY E 101 3.20 32.17 -23.34
N GLN E 102 2.55 31.10 -22.90
CA GLN E 102 3.21 30.01 -22.21
C GLN E 102 2.96 28.71 -22.96
N ARG E 103 4.04 28.06 -23.39
CA ARG E 103 3.97 26.77 -24.05
C ARG E 103 4.43 25.71 -23.04
N ILE E 104 3.48 24.96 -22.49
CA ILE E 104 3.77 23.95 -21.49
C ILE E 104 3.67 22.58 -22.15
N TYR E 105 4.73 21.78 -21.96
CA TYR E 105 4.75 20.42 -22.50
C TYR E 105 4.86 19.36 -21.41
N GLY E 106 4.63 19.73 -20.15
CA GLY E 106 4.68 18.76 -19.07
C GLY E 106 4.31 19.32 -17.70
N VAL E 107 5.17 19.09 -16.72
CA VAL E 107 4.94 19.52 -15.35
C VAL E 107 5.53 20.91 -15.16
N VAL E 108 4.77 21.80 -14.52
CA VAL E 108 5.24 23.16 -14.29
C VAL E 108 6.39 23.18 -13.30
N SER E 109 6.31 22.35 -12.25
CA SER E 109 7.35 22.35 -11.23
C SER E 109 8.69 21.85 -11.77
N PHE E 110 8.66 21.01 -12.80
CA PHE E 110 9.88 20.48 -13.39
C PHE E 110 10.47 21.40 -14.45
N GLY E 111 9.95 22.62 -14.58
CA GLY E 111 10.45 23.53 -15.59
C GLY E 111 10.17 23.09 -17.01
N GLU E 112 9.22 22.18 -17.21
CA GLU E 112 8.89 21.66 -18.53
C GLU E 112 7.98 22.60 -19.32
N PHE E 113 8.21 23.91 -19.21
CA PHE E 113 7.48 24.91 -19.96
C PHE E 113 8.45 25.99 -20.39
N PHE E 114 7.98 26.90 -21.25
CA PHE E 114 8.78 28.06 -21.63
C PHE E 114 7.85 29.16 -22.11
N TYR E 115 8.35 30.39 -22.07
CA TYR E 115 7.60 31.56 -22.50
C TYR E 115 7.97 31.94 -23.93
N TYR E 116 7.06 32.67 -24.57
CA TYR E 116 7.29 33.20 -25.90
C TYR E 116 6.50 34.49 -26.06
N TYR E 117 7.06 35.43 -26.82
CA TYR E 117 6.44 36.72 -27.06
C TYR E 117 6.01 36.82 -28.52
N TYR E 118 4.85 37.43 -28.75
CA TYR E 118 4.37 37.68 -30.10
C TYR E 118 3.83 39.10 -30.19
N MET E 119 4.32 39.84 -31.17
CA MET E 119 3.90 41.22 -31.38
C MET E 119 2.61 41.25 -32.20
N ASP E 120 1.57 41.84 -31.64
CA ASP E 120 0.25 41.86 -32.26
C ASP E 120 -0.14 43.21 -32.85
N VAL E 121 0.37 44.31 -32.31
CA VAL E 121 0.10 45.65 -32.82
C VAL E 121 1.43 46.33 -33.11
N TRP E 122 1.54 46.95 -34.28
CA TRP E 122 2.79 47.55 -34.74
C TRP E 122 2.57 49.03 -35.06
N GLY E 123 3.69 49.71 -35.27
CA GLY E 123 3.68 51.07 -35.79
C GLY E 123 4.24 51.11 -37.19
N LYS E 124 3.92 52.16 -37.94
CA LYS E 124 4.37 52.25 -39.32
C LYS E 124 5.89 52.39 -39.44
N GLY E 125 6.56 52.77 -38.35
CA GLY E 125 7.99 52.96 -38.36
C GLY E 125 8.39 54.39 -38.64
N THR E 126 9.67 54.67 -38.40
CA THR E 126 10.24 55.99 -38.65
C THR E 126 11.62 55.82 -39.24
N ALA E 127 11.92 56.60 -40.28
CA ALA E 127 13.19 56.50 -40.98
C ALA E 127 14.26 57.29 -40.23
N VAL E 128 15.39 56.63 -39.94
CA VAL E 128 16.52 57.24 -39.26
C VAL E 128 17.79 56.89 -40.03
N THR E 129 18.57 57.90 -40.40
CA THR E 129 19.79 57.71 -41.17
C THR E 129 20.99 58.13 -40.34
N VAL E 130 22.08 57.37 -40.47
CA VAL E 130 23.36 57.71 -39.86
C VAL E 130 24.26 58.25 -40.96
N SER E 131 24.41 59.57 -41.00
CA SER E 131 25.24 60.22 -41.99
C SER E 131 25.89 61.45 -41.38
N SER E 132 27.07 61.80 -41.88
CA SER E 132 27.81 62.93 -41.32
C SER E 132 27.27 64.27 -41.79
N ALA E 133 26.82 64.34 -43.04
CA ALA E 133 26.39 65.61 -43.62
C ALA E 133 25.09 66.09 -42.97
N SER E 134 24.63 67.25 -43.41
CA SER E 134 23.49 67.94 -42.80
C SER E 134 22.22 67.75 -43.62
N THR E 135 21.09 67.99 -42.97
CA THR E 135 19.79 67.88 -43.64
C THR E 135 19.59 69.04 -44.60
N LYS E 136 19.20 68.72 -45.83
CA LYS E 136 18.93 69.71 -46.86
C LYS E 136 17.44 69.70 -47.19
N GLY E 137 16.82 70.87 -47.09
CA GLY E 137 15.43 71.02 -47.43
C GLY E 137 15.20 70.89 -48.92
N PRO E 138 14.01 70.43 -49.31
CA PRO E 138 13.73 70.24 -50.73
C PRO E 138 13.15 71.48 -51.39
N SER E 139 13.72 71.87 -52.52
CA SER E 139 13.15 72.95 -53.33
C SER E 139 12.07 72.36 -54.24
N VAL E 140 10.83 72.78 -54.04
CA VAL E 140 9.68 72.20 -54.72
C VAL E 140 9.20 73.16 -55.80
N PHE E 141 8.82 72.60 -56.95
CA PHE E 141 8.36 73.36 -58.10
C PHE E 141 7.00 72.84 -58.57
N PRO E 142 6.19 73.70 -59.19
CA PRO E 142 4.91 73.23 -59.72
C PRO E 142 5.02 72.70 -61.14
N LEU E 143 4.41 71.55 -61.39
CA LEU E 143 4.36 70.96 -62.73
C LEU E 143 2.98 71.28 -63.31
N ALA E 144 2.93 72.30 -64.17
CA ALA E 144 1.65 72.87 -64.56
C ALA E 144 0.89 71.94 -65.50
N PRO E 145 -0.45 71.89 -65.40
CA PRO E 145 -1.32 71.14 -66.30
C PRO E 145 -1.50 71.81 -67.65
N SER E 151 -8.47 66.08 -73.68
CA SER E 151 -7.35 65.32 -73.13
C SER E 151 -7.87 64.14 -72.31
N GLY E 152 -8.89 63.47 -72.82
CA GLY E 152 -9.53 62.41 -72.07
C GLY E 152 -10.37 62.89 -70.92
N GLY E 153 -10.77 64.16 -70.92
CA GLY E 153 -11.56 64.73 -69.86
C GLY E 153 -10.78 65.08 -68.61
N THR E 154 -9.48 64.78 -68.56
CA THR E 154 -8.68 65.01 -67.37
C THR E 154 -7.29 65.49 -67.77
N ALA E 155 -6.68 66.30 -66.89
CA ALA E 155 -5.34 66.80 -67.08
C ALA E 155 -4.43 66.30 -65.96
N ALA E 156 -3.13 66.39 -66.20
CA ALA E 156 -2.12 65.96 -65.23
C ALA E 156 -1.60 67.16 -64.46
N LEU E 157 -1.46 66.99 -63.14
CA LEU E 157 -1.11 68.09 -62.24
C LEU E 157 -0.11 67.55 -61.23
N GLY E 158 1.07 68.17 -61.16
CA GLY E 158 2.17 67.61 -60.40
C GLY E 158 2.93 68.64 -59.57
N CYS E 159 3.73 68.11 -58.65
CA CYS E 159 4.67 68.87 -57.84
C CYS E 159 6.00 68.13 -57.83
N LEU E 160 7.08 68.82 -58.16
CA LEU E 160 8.42 68.24 -58.19
C LEU E 160 9.15 68.59 -56.91
N VAL E 161 9.45 67.57 -56.10
CA VAL E 161 10.16 67.73 -54.84
C VAL E 161 11.62 67.41 -55.12
N LYS E 162 12.45 68.45 -55.22
CA LYS E 162 13.81 68.33 -55.74
C LYS E 162 14.83 68.53 -54.63
N ASP E 163 15.79 67.62 -54.54
CA ASP E 163 17.03 67.78 -53.77
C ASP E 163 16.75 67.92 -52.27
N TYR E 164 16.39 66.79 -51.68
CA TYR E 164 16.30 66.66 -50.24
C TYR E 164 17.24 65.54 -49.79
N PHE E 165 17.84 65.73 -48.61
CA PHE E 165 18.95 64.85 -48.23
C PHE E 165 18.48 63.52 -47.66
N PRO E 166 17.70 63.46 -46.56
CA PRO E 166 17.48 62.16 -45.91
C PRO E 166 16.07 61.58 -46.06
N GLU E 167 16.02 60.32 -46.51
CA GLU E 167 14.88 59.41 -46.48
C GLU E 167 13.55 60.12 -46.82
N PRO E 168 12.46 60.02 -46.06
CA PRO E 168 11.15 60.22 -46.68
C PRO E 168 10.78 61.70 -46.78
N VAL E 169 9.74 61.96 -47.57
CA VAL E 169 9.12 63.27 -47.68
C VAL E 169 7.61 63.05 -47.74
N THR E 170 6.88 63.74 -46.87
CA THR E 170 5.43 63.65 -46.84
C THR E 170 4.85 64.63 -47.85
N VAL E 171 3.97 64.14 -48.71
CA VAL E 171 3.31 64.96 -49.73
C VAL E 171 1.82 64.79 -49.59
N SER E 172 1.11 65.90 -49.41
CA SER E 172 -0.35 65.93 -49.34
C SER E 172 -0.88 66.90 -50.38
N TRP E 173 -2.19 66.83 -50.64
CA TRP E 173 -2.83 67.66 -51.65
C TRP E 173 -4.16 68.15 -51.09
N ASN E 174 -4.18 69.41 -50.67
CA ASN E 174 -5.38 70.03 -50.11
C ASN E 174 -5.96 69.18 -48.98
N SER E 175 -5.09 68.51 -48.21
CA SER E 175 -5.53 67.62 -47.16
C SER E 175 -6.39 66.51 -47.71
N GLY E 176 -7.64 66.44 -47.25
CA GLY E 176 -8.55 65.36 -47.55
C GLY E 176 -9.32 65.49 -48.85
N ALA E 177 -9.49 66.71 -49.35
CA ALA E 177 -10.31 66.92 -50.55
C ALA E 177 -9.75 66.18 -51.76
N LEU E 178 -8.43 66.25 -51.95
CA LEU E 178 -7.76 65.56 -53.05
C LEU E 178 -7.16 64.26 -52.51
N THR E 179 -8.02 63.27 -52.32
CA THR E 179 -7.60 61.92 -51.97
C THR E 179 -8.04 60.88 -52.98
N SER E 180 -8.90 61.24 -53.94
CA SER E 180 -9.46 60.26 -54.87
C SER E 180 -8.45 59.81 -55.91
N GLY E 181 -7.71 60.75 -56.51
CA GLY E 181 -6.79 60.40 -57.57
C GLY E 181 -5.43 61.06 -57.48
N VAL E 182 -4.67 60.74 -56.43
CA VAL E 182 -3.34 61.28 -56.22
C VAL E 182 -2.35 60.12 -56.16
N HIS E 183 -1.22 60.27 -56.85
CA HIS E 183 -0.16 59.27 -56.83
C HIS E 183 1.16 59.97 -56.53
N THR E 184 1.77 59.61 -55.40
CA THR E 184 3.10 60.07 -55.05
C THR E 184 4.10 58.97 -55.40
N PHE E 185 5.00 59.28 -56.33
CA PHE E 185 5.91 58.27 -56.87
C PHE E 185 7.06 58.00 -55.90
N PRO E 186 7.67 56.82 -55.98
CA PRO E 186 8.89 56.56 -55.22
C PRO E 186 10.00 57.52 -55.62
N ALA E 187 10.94 57.72 -54.71
CA ALA E 187 12.00 58.69 -54.90
C ALA E 187 13.08 58.17 -55.83
N VAL E 188 13.89 59.10 -56.35
CA VAL E 188 15.05 58.77 -57.15
C VAL E 188 16.30 59.16 -56.38
N LEU E 189 17.31 58.30 -56.42
CA LEU E 189 18.61 58.60 -55.81
C LEU E 189 19.51 59.19 -56.88
N GLN E 190 19.80 60.49 -56.75
CA GLN E 190 20.74 61.13 -57.66
C GLN E 190 22.17 60.77 -57.28
N SER E 191 23.05 60.83 -58.27
CA SER E 191 24.46 60.53 -58.03
C SER E 191 25.08 61.46 -57.00
N SER E 192 24.48 62.63 -56.77
CA SER E 192 24.94 63.56 -55.75
C SER E 192 24.58 63.11 -54.34
N GLY E 193 23.86 62.00 -54.18
CA GLY E 193 23.34 61.60 -52.90
C GLY E 193 22.05 62.27 -52.51
N LEU E 194 21.62 63.30 -53.23
CA LEU E 194 20.35 63.96 -53.00
C LEU E 194 19.21 63.12 -53.58
N TYR E 195 18.02 63.32 -53.03
CA TYR E 195 16.85 62.58 -53.46
C TYR E 195 15.80 63.54 -54.04
N SER E 196 14.93 62.98 -54.88
CA SER E 196 13.85 63.73 -55.50
C SER E 196 12.70 62.79 -55.82
N LEU E 197 11.48 63.28 -55.66
CA LEU E 197 10.29 62.54 -56.03
C LEU E 197 9.31 63.48 -56.71
N SER E 198 8.20 62.92 -57.18
CA SER E 198 7.15 63.70 -57.82
C SER E 198 5.80 63.14 -57.39
N SER E 199 4.82 64.04 -57.25
CA SER E 199 3.47 63.68 -56.85
C SER E 199 2.50 64.33 -57.83
N VAL E 200 1.69 63.49 -58.49
CA VAL E 200 0.78 63.96 -59.54
C VAL E 200 -0.65 63.64 -59.17
N VAL E 201 -1.56 64.47 -59.69
CA VAL E 201 -3.00 64.30 -59.52
C VAL E 201 -3.65 64.41 -60.89
N THR E 202 -4.73 63.65 -61.09
CA THR E 202 -5.51 63.70 -62.31
C THR E 202 -6.76 64.53 -62.04
N VAL E 203 -6.94 65.60 -62.81
CA VAL E 203 -7.94 66.63 -62.50
C VAL E 203 -8.81 66.88 -63.72
N PRO E 204 -10.12 67.06 -63.55
CA PRO E 204 -10.96 67.48 -64.70
C PRO E 204 -10.50 68.81 -65.26
N SER E 205 -10.47 68.89 -66.60
CA SER E 205 -10.04 70.11 -67.27
C SER E 205 -11.00 71.26 -66.99
N SER E 206 -12.29 70.96 -66.82
CA SER E 206 -13.24 72.00 -66.44
C SER E 206 -12.94 72.52 -65.04
N SER E 207 -12.44 71.66 -64.16
CA SER E 207 -12.07 72.08 -62.81
C SER E 207 -10.80 72.91 -62.78
N LEU E 208 -10.06 72.98 -63.88
CA LEU E 208 -8.97 73.94 -63.98
C LEU E 208 -9.52 75.34 -64.20
N GLY E 209 -8.82 76.34 -63.68
CA GLY E 209 -9.26 77.71 -63.76
C GLY E 209 -10.35 78.09 -62.78
N THR E 210 -10.97 77.12 -62.13
CA THR E 210 -11.98 77.37 -61.10
C THR E 210 -11.57 76.81 -59.74
N GLN E 211 -11.01 75.62 -59.70
CA GLN E 211 -10.57 75.00 -58.46
C GLN E 211 -9.09 75.29 -58.21
N THR E 212 -8.68 75.08 -56.96
CA THR E 212 -7.30 75.32 -56.54
C THR E 212 -6.71 74.03 -56.00
N TYR E 213 -5.40 73.86 -56.19
CA TYR E 213 -4.70 72.65 -55.78
C TYR E 213 -3.30 73.03 -55.30
N ILE E 214 -3.00 72.72 -54.04
CA ILE E 214 -1.67 72.95 -53.50
C ILE E 214 -1.15 71.62 -52.94
N CYS E 215 0.17 71.45 -53.01
CA CYS E 215 0.83 70.27 -52.47
C CYS E 215 1.57 70.65 -51.19
N ASN E 216 1.29 69.91 -50.12
CA ASN E 216 1.92 70.15 -48.82
C ASN E 216 3.13 69.24 -48.70
N VAL E 217 4.33 69.81 -48.77
CA VAL E 217 5.57 69.05 -48.77
C VAL E 217 6.17 69.12 -47.37
N ASN E 218 6.08 68.02 -46.64
CA ASN E 218 6.73 67.87 -45.35
C ASN E 218 8.04 67.12 -45.54
N HIS E 219 9.14 67.72 -45.09
CA HIS E 219 10.45 67.07 -45.04
C HIS E 219 10.93 67.12 -43.60
N LYS E 220 10.33 66.28 -42.75
CA LYS E 220 10.56 66.35 -41.31
C LYS E 220 12.02 66.28 -40.87
N PRO E 221 12.90 65.47 -41.47
CA PRO E 221 14.29 65.46 -40.99
C PRO E 221 14.97 66.82 -41.06
N SER E 222 14.86 67.50 -42.21
CA SER E 222 15.25 68.89 -42.27
C SER E 222 14.15 69.75 -41.62
N ASN E 223 14.48 71.01 -41.35
CA ASN E 223 13.49 71.97 -40.89
C ASN E 223 12.84 72.57 -42.13
N THR E 224 11.65 72.08 -42.46
CA THR E 224 11.03 72.44 -43.74
C THR E 224 9.52 72.31 -43.65
N LYS E 225 8.84 73.12 -44.48
CA LYS E 225 7.39 73.09 -44.65
C LYS E 225 7.01 74.05 -45.78
N VAL E 226 6.59 73.52 -46.93
CA VAL E 226 6.28 74.34 -48.09
C VAL E 226 4.97 73.87 -48.71
N ASP E 227 4.19 74.84 -49.18
CA ASP E 227 3.01 74.58 -50.01
C ASP E 227 3.23 75.20 -51.38
N LYS E 228 2.68 74.58 -52.41
CA LYS E 228 2.88 75.01 -53.79
C LYS E 228 1.55 75.01 -54.54
N LYS E 229 1.04 76.19 -54.85
CA LYS E 229 -0.18 76.34 -55.63
C LYS E 229 0.14 76.17 -57.11
N VAL E 230 -0.42 75.13 -57.73
CA VAL E 230 -0.13 74.80 -59.12
C VAL E 230 -1.19 75.43 -60.00
N GLU E 231 -0.74 76.12 -61.06
CA GLU E 231 -1.62 76.80 -61.99
C GLU E 231 -1.07 76.67 -63.40
N PRO E 232 -1.95 76.56 -64.42
CA PRO E 232 -1.53 76.50 -65.82
C PRO E 232 -0.98 77.81 -66.34
N SER F 1 21.09 39.36 -47.30
CA SER F 1 21.59 39.68 -48.63
C SER F 1 20.69 39.12 -49.72
N TYR F 2 20.92 37.86 -50.09
CA TYR F 2 20.13 37.24 -51.14
C TYR F 2 18.69 37.01 -50.69
N VAL F 3 18.48 36.77 -49.40
CA VAL F 3 17.16 36.48 -48.83
C VAL F 3 16.53 35.30 -49.56
N SER F 4 15.30 35.47 -50.06
CA SER F 4 14.61 34.35 -50.69
C SER F 4 13.48 34.82 -51.60
N PRO F 5 13.43 34.34 -52.84
CA PRO F 5 12.31 34.70 -53.74
C PRO F 5 11.33 33.56 -53.97
N LEU F 6 10.09 33.91 -54.31
CA LEU F 6 9.06 32.92 -54.60
C LEU F 6 8.17 33.43 -55.73
N SER F 7 7.77 32.50 -56.60
CA SER F 7 6.89 32.81 -57.72
C SER F 7 5.66 31.92 -57.65
N VAL F 8 4.47 32.52 -57.78
CA VAL F 8 3.21 31.80 -57.71
C VAL F 8 2.27 32.37 -58.76
N ALA F 9 1.57 31.49 -59.46
CA ALA F 9 0.60 31.93 -60.45
C ALA F 9 -0.63 32.52 -59.77
N LEU F 10 -1.29 33.44 -60.47
CA LEU F 10 -2.43 34.15 -59.91
C LEU F 10 -3.60 33.20 -59.71
N GLY F 11 -4.12 33.15 -58.48
CA GLY F 11 -5.32 32.42 -58.18
C GLY F 11 -5.12 31.04 -57.59
N GLU F 12 -3.89 30.53 -57.57
CA GLU F 12 -3.64 29.20 -57.03
C GLU F 12 -3.25 29.32 -55.57
N THR F 13 -2.78 28.21 -54.98
CA THR F 13 -2.47 28.13 -53.55
C THR F 13 -0.96 28.14 -53.37
N ALA F 14 -0.47 29.11 -52.60
CA ALA F 14 0.95 29.23 -52.28
C ALA F 14 1.22 28.64 -50.90
N ARG F 15 2.32 27.90 -50.77
CA ARG F 15 2.74 27.32 -49.51
C ARG F 15 4.16 27.77 -49.21
N ILE F 16 4.32 28.52 -48.13
CA ILE F 16 5.62 29.06 -47.73
C ILE F 16 6.10 28.27 -46.54
N SER F 17 7.15 27.47 -46.75
CA SER F 17 7.73 26.70 -45.66
C SER F 17 8.54 27.60 -44.74
N CYS F 18 8.60 27.22 -43.46
CA CYS F 18 9.41 27.96 -42.50
C CYS F 18 10.89 27.65 -42.73
N GLY F 19 11.73 28.68 -42.59
CA GLY F 19 13.15 28.49 -42.76
C GLY F 19 13.79 27.65 -41.68
N ARG F 20 13.13 27.49 -40.55
CA ARG F 20 13.64 26.72 -39.43
C ARG F 20 12.72 25.54 -39.12
N GLN F 21 13.31 24.44 -38.69
CA GLN F 21 12.56 23.28 -38.23
C GLN F 21 12.71 23.18 -36.72
N ALA F 22 11.57 23.15 -36.02
CA ALA F 22 11.59 23.19 -34.56
C ALA F 22 12.23 21.93 -33.99
N LEU F 23 13.06 22.13 -32.96
CA LEU F 23 13.63 20.99 -32.25
C LEU F 23 12.65 20.42 -31.23
N GLY F 24 11.80 21.25 -30.66
CA GLY F 24 10.77 20.80 -29.73
C GLY F 24 9.39 21.30 -30.11
N SER F 25 8.42 21.10 -29.22
CA SER F 25 7.07 21.62 -29.45
C SER F 25 7.13 23.13 -29.66
N ARG F 26 6.45 23.60 -30.70
CA ARG F 26 6.75 24.89 -31.29
C ARG F 26 5.62 25.90 -31.13
N ALA F 27 5.99 27.17 -31.25
CA ALA F 27 5.05 28.28 -31.35
C ALA F 27 5.57 29.21 -32.45
N VAL F 28 4.83 29.29 -33.56
CA VAL F 28 5.30 29.94 -34.77
C VAL F 28 4.37 31.09 -35.12
N GLN F 29 4.95 32.24 -35.42
CA GLN F 29 4.21 33.40 -35.92
C GLN F 29 4.57 33.64 -37.39
N TRP F 30 3.56 34.06 -38.16
CA TRP F 30 3.73 34.41 -39.56
C TRP F 30 3.41 35.87 -39.75
N TYR F 31 4.37 36.63 -40.28
CA TYR F 31 4.22 38.06 -40.48
C TYR F 31 4.29 38.40 -41.97
N GLN F 32 3.55 39.43 -42.36
CA GLN F 32 3.52 39.92 -43.73
C GLN F 32 4.02 41.36 -43.76
N HIS F 33 5.01 41.62 -44.62
CA HIS F 33 5.63 42.94 -44.71
C HIS F 33 5.66 43.38 -46.16
N LYS F 34 4.93 44.47 -46.48
CA LYS F 34 4.97 45.08 -47.79
C LYS F 34 5.91 46.28 -47.78
N PRO F 35 6.55 46.58 -48.91
CA PRO F 35 7.52 47.70 -48.93
C PRO F 35 6.86 49.02 -48.58
N GLY F 36 7.46 49.72 -47.63
CA GLY F 36 7.00 51.04 -47.22
C GLY F 36 5.78 51.06 -46.33
N GLN F 37 5.40 49.91 -45.75
CA GLN F 37 4.24 49.82 -44.88
C GLN F 37 4.63 49.17 -43.57
N ALA F 38 3.66 49.04 -42.67
CA ALA F 38 3.89 48.40 -41.39
C ALA F 38 3.64 46.89 -41.51
N PRO F 39 4.49 46.06 -40.90
CA PRO F 39 4.28 44.62 -40.95
C PRO F 39 2.98 44.22 -40.26
N ILE F 40 2.42 43.09 -40.70
CA ILE F 40 1.12 42.62 -40.23
C ILE F 40 1.31 41.23 -39.64
N LEU F 41 0.68 40.99 -38.48
CA LEU F 41 0.67 39.68 -37.86
C LEU F 41 -0.43 38.84 -38.51
N LEU F 42 -0.03 37.86 -39.32
CA LEU F 42 -0.98 36.99 -40.01
C LEU F 42 -1.40 35.81 -39.16
N ILE F 43 -0.43 35.12 -38.56
CA ILE F 43 -0.69 33.90 -37.80
C ILE F 43 0.14 33.96 -36.52
N TYR F 44 -0.50 33.69 -35.39
CA TYR F 44 0.18 33.43 -34.13
C TYR F 44 -0.28 32.08 -33.61
N ASN F 45 0.54 31.48 -32.75
CA ASN F 45 0.28 30.15 -32.19
C ASN F 45 0.22 29.08 -33.27
N ASN F 46 0.81 29.34 -34.44
CA ASN F 46 0.90 28.42 -35.58
C ASN F 46 -0.44 28.17 -36.27
N GLN F 47 -1.54 28.60 -35.65
CA GLN F 47 -2.85 28.20 -36.16
C GLN F 47 -3.96 29.15 -35.74
N ASP F 48 -3.61 30.28 -35.14
CA ASP F 48 -4.58 31.27 -34.70
C ASP F 48 -4.49 32.51 -35.57
N ARG F 49 -5.65 33.01 -36.00
CA ARG F 49 -5.74 34.11 -36.94
C ARG F 49 -6.31 35.34 -36.25
N PRO F 50 -5.60 36.46 -36.22
CA PRO F 50 -6.17 37.68 -35.63
C PRO F 50 -7.39 38.15 -36.40
N SER F 51 -8.24 38.89 -35.71
CA SER F 51 -9.46 39.43 -36.33
C SER F 51 -9.10 40.39 -37.45
N GLY F 52 -9.82 40.28 -38.56
CA GLY F 52 -9.56 41.07 -39.74
C GLY F 52 -8.68 40.39 -40.77
N ILE F 53 -7.88 39.41 -40.37
CA ILE F 53 -7.05 38.66 -41.32
C ILE F 53 -7.95 37.69 -42.09
N PRO F 54 -7.90 37.70 -43.42
CA PRO F 54 -8.78 36.81 -44.19
C PRO F 54 -8.47 35.34 -43.92
N GLU F 55 -9.50 34.51 -44.02
CA GLU F 55 -9.36 33.08 -43.79
C GLU F 55 -8.53 32.39 -44.87
N ARG F 56 -8.12 33.12 -45.92
CA ARG F 56 -7.27 32.52 -46.95
C ARG F 56 -5.91 32.11 -46.40
N PHE F 57 -5.47 32.71 -45.31
CA PHE F 57 -4.20 32.36 -44.68
C PHE F 57 -4.42 31.31 -43.60
N SER F 58 -3.45 30.40 -43.48
CA SER F 58 -3.55 29.32 -42.49
C SER F 58 -2.16 28.79 -42.20
N GLY F 59 -1.95 28.37 -40.95
CA GLY F 59 -0.73 27.75 -40.52
C GLY F 59 -0.92 26.29 -40.18
N THR F 60 0.20 25.62 -39.88
CA THR F 60 0.14 24.20 -39.58
C THR F 60 0.11 23.98 -38.07
N PRO F 61 -0.84 23.19 -37.58
CA PRO F 61 -0.90 22.93 -36.14
C PRO F 61 0.27 22.09 -35.66
N ASP F 62 0.62 22.28 -34.39
CA ASP F 62 1.64 21.46 -33.73
C ASP F 62 0.93 20.30 -33.06
N ILE F 63 0.73 19.23 -33.83
CA ILE F 63 0.09 18.02 -33.35
C ILE F 63 1.10 16.94 -32.98
N ASN F 64 2.35 17.34 -32.71
CA ASN F 64 3.49 16.47 -32.43
C ASN F 64 3.91 15.64 -33.63
N PHE F 65 3.19 15.71 -34.75
CA PHE F 65 3.58 15.02 -35.96
C PHE F 65 4.81 15.68 -36.57
N GLY F 66 5.51 14.92 -37.42
CA GLY F 66 6.69 15.43 -38.09
C GLY F 66 6.33 16.33 -39.27
N THR F 67 5.80 17.50 -38.97
CA THR F 67 5.36 18.45 -39.99
C THR F 67 6.03 19.79 -39.77
N THR F 68 6.57 20.37 -40.85
CA THR F 68 7.22 21.67 -40.76
C THR F 68 6.18 22.78 -40.81
N ALA F 69 6.50 23.91 -40.16
CA ALA F 69 5.60 25.05 -40.17
C ALA F 69 5.42 25.58 -41.58
N THR F 70 4.16 25.66 -42.02
CA THR F 70 3.83 26.04 -43.39
C THR F 70 2.73 27.09 -43.38
N LEU F 71 2.91 28.14 -44.17
CA LEU F 71 1.90 29.17 -44.36
C LEU F 71 1.22 28.92 -45.71
N THR F 72 -0.11 28.78 -45.68
CA THR F 72 -0.89 28.44 -46.87
C THR F 72 -1.77 29.63 -47.24
N ILE F 73 -1.61 30.11 -48.47
CA ILE F 73 -2.40 31.22 -49.01
C ILE F 73 -3.23 30.67 -50.16
N SER F 74 -4.53 30.50 -49.93
CA SER F 74 -5.43 29.97 -50.95
C SER F 74 -6.00 31.12 -51.78
N GLY F 75 -6.00 30.94 -53.10
CA GLY F 75 -6.47 31.97 -54.01
C GLY F 75 -5.64 33.23 -53.90
N VAL F 76 -4.35 33.13 -54.26
CA VAL F 76 -3.44 34.25 -54.10
C VAL F 76 -3.84 35.38 -55.04
N GLU F 77 -3.70 36.61 -54.56
CA GLU F 77 -4.00 37.81 -55.32
C GLU F 77 -2.74 38.65 -55.48
N VAL F 78 -2.81 39.63 -56.37
CA VAL F 78 -1.69 40.55 -56.56
C VAL F 78 -1.44 41.36 -55.29
N GLY F 79 -2.45 41.52 -54.45
CA GLY F 79 -2.28 42.17 -53.16
C GLY F 79 -1.60 41.33 -52.11
N ASP F 80 -1.25 40.07 -52.43
CA ASP F 80 -0.53 39.20 -51.52
C ASP F 80 0.97 39.22 -51.75
N GLU F 81 1.45 39.97 -52.74
CA GLU F 81 2.89 40.13 -52.96
C GLU F 81 3.52 40.83 -51.78
N ALA F 82 4.34 40.11 -51.01
CA ALA F 82 5.00 40.66 -49.83
C ALA F 82 6.08 39.69 -49.40
N ASP F 83 6.71 40.00 -48.27
CA ASP F 83 7.70 39.14 -47.64
C ASP F 83 7.07 38.53 -46.39
N TYR F 84 7.24 37.22 -46.23
CA TYR F 84 6.55 36.48 -45.17
C TYR F 84 7.59 35.88 -44.22
N TYR F 85 7.69 36.44 -43.03
CA TYR F 85 8.62 35.98 -42.01
C TYR F 85 7.98 34.90 -41.15
N CYS F 86 8.75 33.86 -40.87
CA CYS F 86 8.33 32.77 -39.99
C CYS F 86 9.09 32.90 -38.68
N HIS F 87 8.45 33.48 -37.67
CA HIS F 87 9.06 33.61 -36.35
C HIS F 87 8.85 32.30 -35.60
N MET F 88 9.92 31.54 -35.40
CA MET F 88 9.86 30.19 -34.84
C MET F 88 10.29 30.20 -33.39
N TRP F 89 9.44 29.66 -32.52
CA TRP F 89 9.77 29.41 -31.12
C TRP F 89 9.62 27.92 -30.84
N ASP F 90 10.58 27.36 -30.11
CA ASP F 90 10.47 25.98 -29.66
C ASP F 90 11.22 25.83 -28.34
N SER F 91 11.06 24.65 -27.73
CA SER F 91 11.53 24.41 -26.37
C SER F 91 13.02 24.11 -26.28
N ARG F 92 13.69 23.85 -27.40
CA ARG F 92 15.09 23.46 -27.37
C ARG F 92 16.04 24.52 -27.94
N SER F 93 15.51 25.56 -28.58
CA SER F 93 16.35 26.59 -29.18
C SER F 93 16.56 27.79 -28.27
N GLY F 94 15.66 28.03 -27.32
CA GLY F 94 15.77 29.18 -26.46
C GLY F 94 14.99 30.37 -26.97
N PHE F 95 15.31 31.53 -26.41
CA PHE F 95 14.68 32.78 -26.81
C PHE F 95 15.13 33.15 -28.22
N SER F 96 14.22 33.08 -29.19
CA SER F 96 14.55 33.32 -30.59
C SER F 96 14.42 34.81 -30.87
N TRP F 97 15.57 35.51 -30.85
CA TRP F 97 15.57 36.92 -31.22
C TRP F 97 15.44 37.13 -32.72
N SER F 98 15.74 36.10 -33.52
CA SER F 98 15.77 36.23 -34.97
C SER F 98 14.39 36.00 -35.57
N PHE F 99 13.98 36.91 -36.45
CA PHE F 99 12.76 36.72 -37.22
C PHE F 99 12.95 35.79 -38.41
N GLY F 100 14.18 35.38 -38.70
CA GLY F 100 14.46 34.51 -39.83
C GLY F 100 14.43 35.25 -41.15
N GLY F 101 14.79 34.57 -42.23
CA GLY F 101 14.78 35.17 -43.54
C GLY F 101 13.48 34.93 -44.28
N ALA F 102 12.71 35.99 -44.52
CA ALA F 102 11.44 35.86 -45.21
C ALA F 102 11.67 35.50 -46.68
N THR F 103 10.61 35.04 -47.32
CA THR F 103 10.62 34.72 -48.75
C THR F 103 9.67 35.65 -49.47
N ARG F 104 10.20 36.49 -50.34
CA ARG F 104 9.37 37.41 -51.10
C ARG F 104 8.43 36.63 -52.03
N LEU F 105 7.15 36.99 -52.00
CA LEU F 105 6.14 36.33 -52.81
C LEU F 105 5.84 37.19 -54.03
N THR F 106 6.07 36.62 -55.22
CA THR F 106 5.76 37.28 -56.48
C THR F 106 4.59 36.58 -57.13
N VAL F 107 3.50 37.30 -57.34
CA VAL F 107 2.29 36.76 -57.95
C VAL F 107 2.30 37.14 -59.42
N LEU F 108 2.26 36.13 -60.29
CA LEU F 108 2.43 36.31 -61.72
C LEU F 108 1.11 36.15 -62.45
N SER F 109 1.15 36.41 -63.76
CA SER F 109 0.05 36.17 -64.70
C SER F 109 -1.11 37.15 -64.50
N GLN F 110 -0.80 38.39 -64.19
CA GLN F 110 -1.83 39.42 -64.17
C GLN F 110 -1.85 40.15 -65.51
N PRO F 111 -2.98 40.79 -65.85
CA PRO F 111 -3.10 41.38 -67.19
C PRO F 111 -2.02 42.43 -67.46
N LYS F 112 -1.52 42.43 -68.69
CA LYS F 112 -0.55 43.43 -69.11
C LYS F 112 -1.23 44.78 -69.24
N ALA F 113 -0.60 45.82 -68.69
CA ALA F 113 -1.18 47.15 -68.67
C ALA F 113 -0.32 48.13 -69.47
N ALA F 114 -0.99 49.03 -70.19
CA ALA F 114 -0.30 50.01 -71.02
C ALA F 114 0.22 51.15 -70.14
N PRO F 115 1.47 51.57 -70.33
CA PRO F 115 2.04 52.62 -69.47
C PRO F 115 1.60 54.01 -69.88
N SER F 116 1.26 54.81 -68.88
CA SER F 116 0.94 56.22 -69.08
C SER F 116 2.23 57.03 -69.00
N VAL F 117 2.41 57.94 -69.95
CA VAL F 117 3.62 58.75 -70.05
C VAL F 117 3.24 60.21 -69.95
N THR F 118 3.90 60.93 -69.03
CA THR F 118 3.72 62.36 -68.88
C THR F 118 5.09 63.02 -68.90
N LEU F 119 5.26 64.01 -69.78
CA LEU F 119 6.54 64.67 -69.98
C LEU F 119 6.41 66.15 -69.64
N PHE F 120 7.18 66.60 -68.65
CA PHE F 120 7.16 67.99 -68.22
C PHE F 120 8.43 68.69 -68.66
N PRO F 121 8.34 69.86 -69.27
CA PRO F 121 9.53 70.64 -69.62
C PRO F 121 10.08 71.34 -68.39
N PRO F 122 11.29 71.92 -68.48
CA PRO F 122 11.84 72.63 -67.32
C PRO F 122 10.96 73.81 -66.93
N SER F 123 10.86 74.03 -65.61
CA SER F 123 10.09 75.15 -65.10
C SER F 123 10.79 76.46 -65.39
N SER F 124 10.00 77.54 -65.46
CA SER F 124 10.59 78.87 -65.61
C SER F 124 11.40 79.27 -64.39
N GLU F 125 10.98 78.81 -63.20
CA GLU F 125 11.77 79.07 -62.00
C GLU F 125 13.10 78.32 -62.06
N GLU F 126 13.10 77.09 -62.55
CA GLU F 126 14.34 76.34 -62.66
C GLU F 126 15.29 76.97 -63.66
N LEU F 127 14.75 77.51 -64.76
CA LEU F 127 15.58 78.19 -65.74
C LEU F 127 16.22 79.44 -65.15
N GLN F 128 15.46 80.22 -64.40
CA GLN F 128 16.03 81.38 -63.72
C GLN F 128 16.86 81.01 -62.51
N ALA F 129 16.81 79.75 -62.08
CA ALA F 129 17.74 79.21 -61.11
C ALA F 129 18.97 78.59 -61.78
N ASN F 130 19.14 78.83 -63.08
CA ASN F 130 20.30 78.38 -63.86
C ASN F 130 20.37 76.86 -63.95
N LYS F 131 19.23 76.19 -63.85
CA LYS F 131 19.15 74.74 -64.03
C LYS F 131 18.03 74.41 -65.00
N ALA F 132 17.96 73.14 -65.37
CA ALA F 132 16.90 72.65 -66.25
C ALA F 132 16.82 71.13 -66.19
N THR F 133 15.64 70.59 -65.92
CA THR F 133 15.43 69.15 -65.84
C THR F 133 14.12 68.79 -66.52
N LEU F 134 14.18 67.87 -67.48
CA LEU F 134 12.98 67.34 -68.12
C LEU F 134 12.53 66.09 -67.37
N VAL F 135 11.26 66.04 -67.01
CA VAL F 135 10.70 64.98 -66.18
C VAL F 135 9.82 64.11 -67.05
N CYS F 136 10.10 62.80 -67.06
CA CYS F 136 9.32 61.82 -67.79
C CYS F 136 8.78 60.81 -66.79
N LEU F 137 7.47 60.84 -66.55
CA LEU F 137 6.83 59.98 -65.58
C LEU F 137 6.09 58.85 -66.29
N ILE F 138 6.49 57.61 -66.02
CA ILE F 138 5.87 56.42 -66.60
C ILE F 138 5.18 55.67 -65.47
N SER F 139 3.89 55.39 -65.65
CA SER F 139 3.11 54.77 -64.59
C SER F 139 2.04 53.87 -65.20
N ASP F 140 1.46 53.03 -64.34
CA ASP F 140 0.30 52.20 -64.69
C ASP F 140 0.63 51.16 -65.76
N PHE F 141 1.79 50.53 -65.65
CA PHE F 141 2.15 49.41 -66.50
C PHE F 141 2.42 48.19 -65.62
N TYR F 142 1.64 47.13 -65.83
CA TYR F 142 1.71 45.90 -65.06
C TYR F 142 2.92 45.03 -65.41
N PRO F 143 3.29 44.85 -66.69
CA PRO F 143 4.44 44.00 -66.99
C PRO F 143 5.73 44.58 -66.42
N GLY F 144 6.70 43.69 -66.23
CA GLY F 144 7.92 44.07 -65.53
C GLY F 144 8.95 44.80 -66.38
N ALA F 145 9.00 44.49 -67.68
CA ALA F 145 10.02 45.07 -68.53
C ALA F 145 9.82 46.58 -68.69
N VAL F 146 10.94 47.29 -68.82
CA VAL F 146 10.94 48.75 -68.94
C VAL F 146 12.15 49.16 -69.77
N THR F 147 12.04 50.33 -70.39
CA THR F 147 13.18 51.00 -71.03
C THR F 147 12.78 52.42 -71.40
N VAL F 148 13.61 53.39 -71.03
CA VAL F 148 13.35 54.80 -71.28
C VAL F 148 14.53 55.35 -72.08
N ALA F 149 14.23 55.98 -73.21
CA ALA F 149 15.24 56.60 -74.06
C ALA F 149 14.92 58.08 -74.24
N TRP F 150 15.96 58.89 -74.31
CA TRP F 150 15.84 60.33 -74.51
C TRP F 150 16.47 60.72 -75.84
N LYS F 151 15.88 61.70 -76.52
CA LYS F 151 16.37 62.17 -77.81
C LYS F 151 16.39 63.69 -77.82
N ALA F 152 17.57 64.26 -78.06
CA ALA F 152 17.69 65.67 -78.37
C ALA F 152 17.45 65.85 -79.87
N ASP F 153 16.28 66.37 -80.22
CA ASP F 153 15.84 66.44 -81.61
C ASP F 153 15.80 65.05 -82.23
N SER F 154 16.71 64.78 -83.17
CA SER F 154 16.74 63.49 -83.87
C SER F 154 17.88 62.59 -83.42
N SER F 155 18.71 63.03 -82.49
CA SER F 155 19.83 62.22 -82.01
C SER F 155 19.59 61.75 -80.59
N PRO F 156 20.00 60.53 -80.23
CA PRO F 156 19.68 59.98 -78.91
C PRO F 156 20.63 60.48 -77.84
N VAL F 157 20.07 61.09 -76.79
CA VAL F 157 20.86 61.56 -75.67
C VAL F 157 21.35 60.36 -74.86
N LYS F 158 22.62 60.35 -74.51
CA LYS F 158 23.23 59.24 -73.77
C LYS F 158 23.54 59.57 -72.32
N ALA F 159 23.82 60.82 -71.99
CA ALA F 159 24.21 61.21 -70.65
C ALA F 159 23.21 62.21 -70.08
N GLY F 160 23.34 62.45 -68.77
CA GLY F 160 22.42 63.32 -68.06
C GLY F 160 21.09 62.70 -67.72
N VAL F 161 20.91 61.41 -68.01
CA VAL F 161 19.64 60.72 -67.76
C VAL F 161 19.78 59.88 -66.51
N GLU F 162 18.87 60.08 -65.56
CA GLU F 162 18.82 59.30 -64.32
C GLU F 162 17.41 58.76 -64.19
N THR F 163 17.26 57.44 -64.28
CA THR F 163 15.95 56.79 -64.30
C THR F 163 15.83 55.85 -63.11
N THR F 164 14.70 55.93 -62.42
CA THR F 164 14.43 55.04 -61.30
C THR F 164 14.18 53.62 -61.79
N THR F 165 14.41 52.66 -60.90
CA THR F 165 14.00 51.31 -61.23
C THR F 165 12.51 51.13 -60.94
N PRO F 166 11.77 50.46 -61.82
CA PRO F 166 10.31 50.38 -61.65
C PRO F 166 9.93 49.61 -60.39
N SER F 167 8.82 50.03 -59.80
CA SER F 167 8.27 49.38 -58.61
C SER F 167 6.76 49.51 -58.64
N LYS F 168 6.09 48.49 -58.14
CA LYS F 168 4.63 48.49 -58.11
C LYS F 168 4.11 49.54 -57.14
N GLN F 169 2.96 50.12 -57.49
CA GLN F 169 2.36 51.20 -56.71
C GLN F 169 1.09 50.70 -56.03
N SER F 170 0.32 51.64 -55.47
CA SER F 170 -0.89 51.31 -54.73
C SER F 170 -2.02 50.80 -55.62
N ASN F 171 -1.84 50.79 -56.95
CA ASN F 171 -2.76 50.13 -57.86
C ASN F 171 -2.15 48.87 -58.45
N ASN F 172 -1.10 48.35 -57.81
CA ASN F 172 -0.39 47.13 -58.20
C ASN F 172 0.35 47.32 -59.52
N LYS F 173 0.23 48.49 -60.13
CA LYS F 173 0.92 48.75 -61.39
C LYS F 173 2.29 49.37 -61.10
N TYR F 174 3.23 49.13 -62.02
CA TYR F 174 4.57 49.67 -61.85
C TYR F 174 4.60 51.15 -62.21
N ALA F 175 5.64 51.82 -61.72
CA ALA F 175 5.87 53.23 -62.02
C ALA F 175 7.36 53.50 -62.00
N ALA F 176 7.80 54.37 -62.92
CA ALA F 176 9.20 54.75 -63.01
C ALA F 176 9.28 56.23 -63.34
N SER F 177 10.44 56.81 -63.04
CA SER F 177 10.69 58.23 -63.28
C SER F 177 12.04 58.39 -63.95
N SER F 178 12.09 59.20 -65.00
CA SER F 178 13.31 59.47 -65.74
C SER F 178 13.54 60.98 -65.78
N TYR F 179 14.75 61.41 -65.46
CA TYR F 179 15.11 62.82 -65.39
C TYR F 179 16.28 63.08 -66.32
N LEU F 180 16.10 64.02 -67.25
CA LEU F 180 17.18 64.48 -68.13
C LEU F 180 17.50 65.92 -67.75
N SER F 181 18.66 66.12 -67.12
CA SER F 181 19.08 67.44 -66.65
C SER F 181 19.91 68.13 -67.71
N LEU F 182 19.48 69.31 -68.12
CA LEU F 182 20.17 70.11 -69.13
C LEU F 182 20.54 71.47 -68.54
N THR F 183 21.35 72.21 -69.29
CA THR F 183 21.61 73.60 -68.97
C THR F 183 20.67 74.50 -69.77
N PRO F 184 20.36 75.71 -69.26
CA PRO F 184 19.42 76.57 -69.99
C PRO F 184 19.81 76.86 -71.42
N GLU F 185 21.11 76.95 -71.73
CA GLU F 185 21.52 77.18 -73.11
C GLU F 185 21.39 75.90 -73.96
N GLN F 186 21.50 74.72 -73.34
CA GLN F 186 21.27 73.49 -74.08
C GLN F 186 19.77 73.27 -74.33
N TRP F 187 18.94 73.65 -73.36
CA TRP F 187 17.49 73.54 -73.56
C TRP F 187 17.03 74.38 -74.73
N LYS F 188 17.39 75.66 -74.73
CA LYS F 188 17.08 76.55 -75.83
C LYS F 188 17.95 76.33 -77.06
N SER F 189 18.89 75.37 -77.00
CA SER F 189 19.72 75.05 -78.16
C SER F 189 18.93 74.24 -79.19
N HIS F 190 18.28 73.17 -78.75
CA HIS F 190 17.57 72.28 -79.65
C HIS F 190 16.12 72.70 -79.80
N LYS F 191 15.55 72.38 -80.97
CA LYS F 191 14.14 72.71 -81.22
C LYS F 191 13.21 71.85 -80.37
N SER F 192 13.64 70.65 -79.99
CA SER F 192 12.73 69.72 -79.34
C SER F 192 13.52 68.63 -78.63
N TYR F 193 12.93 68.13 -77.54
CA TYR F 193 13.40 66.94 -76.85
C TYR F 193 12.24 65.97 -76.71
N SER F 194 12.56 64.68 -76.60
CA SER F 194 11.52 63.66 -76.57
C SER F 194 11.90 62.54 -75.62
N CYS F 195 10.91 62.08 -74.84
CA CYS F 195 11.05 60.91 -73.99
C CYS F 195 10.35 59.75 -74.67
N GLN F 196 11.13 58.76 -75.10
CA GLN F 196 10.62 57.54 -75.72
C GLN F 196 10.76 56.40 -74.74
N VAL F 197 9.65 55.74 -74.43
CA VAL F 197 9.65 54.64 -73.46
C VAL F 197 9.50 53.32 -74.22
N THR F 198 10.19 52.31 -73.70
CA THR F 198 10.22 50.95 -74.28
C THR F 198 9.58 49.97 -73.28
N HIS F 199 8.68 49.11 -73.75
CA HIS F 199 7.97 48.20 -72.86
C HIS F 199 7.45 47.01 -73.67
N GLU F 200 8.12 45.88 -73.49
CA GLU F 200 7.79 44.61 -74.20
C GLU F 200 6.44 44.75 -74.93
N GLY F 201 5.87 45.95 -74.98
CA GLY F 201 4.58 46.10 -75.67
C GLY F 201 4.73 46.82 -77.01
N SER F 202 4.89 48.14 -77.01
CA SER F 202 5.04 48.89 -78.28
C SER F 202 5.72 50.24 -78.03
N THR F 203 6.20 50.87 -79.10
CA THR F 203 6.85 52.21 -79.01
C THR F 203 5.85 53.26 -78.53
N VAL F 204 6.30 54.07 -77.58
CA VAL F 204 5.53 55.13 -76.86
C VAL F 204 6.41 56.38 -76.68
N GLU F 205 5.92 57.59 -76.99
CA GLU F 205 6.78 58.80 -76.82
C GLU F 205 5.95 60.10 -76.69
N LYS F 206 6.60 61.16 -76.20
CA LYS F 206 6.10 62.51 -76.00
C LYS F 206 7.25 63.49 -76.17
N THR F 207 6.89 64.74 -76.45
CA THR F 207 7.85 65.71 -76.94
C THR F 207 7.55 67.10 -76.38
N VAL F 208 8.60 67.82 -76.00
CA VAL F 208 8.48 69.19 -75.52
C VAL F 208 9.48 70.07 -76.27
N ALA F 209 9.28 71.38 -76.16
CA ALA F 209 10.08 72.35 -76.87
C ALA F 209 10.12 73.65 -76.09
N PRO F 210 11.21 74.43 -76.20
CA PRO F 210 11.27 75.72 -75.52
C PRO F 210 10.28 76.71 -76.12
N THR F 211 9.39 77.22 -75.28
CA THR F 211 8.39 78.18 -75.73
C THR F 211 8.04 79.17 -74.62
#